data_5SDJ
#
_entry.id   5SDJ
#
_cell.length_a   101.730
_cell.length_b   117.072
_cell.length_c   147.724
_cell.angle_alpha   90.000
_cell.angle_beta   90.000
_cell.angle_gamma   90.000
#
_symmetry.space_group_name_H-M   'P 21 21 21'
#
loop_
_entity.id
_entity.type
_entity.pdbx_description
1 polymer 'Asp/Glu-specific dipeptidyl-peptidase'
2 non-polymer [4-(cyclopropanecarbonyl)piperazin-1-yl](furan-2-yl)methanone
3 non-polymer 'CHLORIDE ION'
4 water water
#
_entity_poly.entity_id   1
_entity_poly.type   'polypeptide(L)'
_entity_poly.pdbx_seq_one_letter_code
;MDEGMWLMQQLGRKYAQMKERGLKMKEYDLYNPNGTSLKDAVVLFDGGCTGEVVSDRGLVLTNHHCGYDMIQAHSTLEHN
YLENGFWAMREADELPNKDISVVFIDKIEDVTDYVKKELKAIKDPNSMDYLSPKYLQKLADKKAGKNFSAKNPGLSVEIK
AFYGGNLYLMFTKKTYTDVRLVGAPPSSIGKFGADTDNWIWPRHTGDFSIFRIYADKNGNPAPYSEDNVPLKPKRFFNIS
LGGVQENDYAMIMGFPGTTHRYFTASEVDEWKSIDNDIRIRMRDIRQGVMLREMLADPQIKIMYSAKYAASQNAYKRAIG
ANWAIKTRGLRQNKQAMQDRLIAWGAKQGTPRYEEAVHEIDATVAKRADLRRRYWMIEEGIIRGIEFARSPIPTEDETKA
LQGNDASARKEAIDKIRTRYSKFANKDYSAEVDKKVAVAMLTEYLKEIPYENLPLHLRLVKDRFAGDVQAYVDDIFARSV
FGSEAQFDAFAAVPSVEKLAEDPMVLFASSVFDEYRKLYNELRPYDDPILRAQRTYIAGLLEMDGDQDQFPDANLTLRFT
YGQVKGYSPRDNVYYGHQTTLDGVMEKEDPDNWEFVVDPKLKAVYERKDFGRYADRSGRMPVAFCATTHTTGGNSGSPVM
NANGELIGLNFDRNWEGVGGDIQYLADYQRSIIVDIRYVLLVIDKVGGCQRLLDEMNIVPAHHHHHH
;
_entity_poly.pdbx_strand_id   A,B
#
loop_
_chem_comp.id
_chem_comp.type
_chem_comp.name
_chem_comp.formula
CL non-polymer 'CHLORIDE ION' 'Cl -1'
JMM non-polymer [4-(cyclopropanecarbonyl)piperazin-1-yl](furan-2-yl)methanone 'C13 H16 N2 O3'
#
# COMPACT_ATOMS: atom_id res chain seq x y z
N ASP A 2 11.39 -19.95 -19.07
CA ASP A 2 12.83 -19.80 -19.35
C ASP A 2 13.66 -20.60 -18.33
N GLU A 3 14.20 -20.00 -17.20
CA GLU A 3 15.02 -20.72 -16.20
C GLU A 3 14.09 -21.72 -15.56
N GLY A 4 14.18 -22.97 -15.95
CA GLY A 4 13.13 -23.93 -15.65
C GLY A 4 13.02 -24.91 -14.51
N MET A 5 12.13 -25.87 -14.76
CA MET A 5 11.76 -26.95 -13.85
C MET A 5 12.15 -28.23 -14.57
N TRP A 6 13.37 -28.65 -14.29
CA TRP A 6 14.02 -29.73 -14.99
C TRP A 6 13.73 -31.11 -14.48
N LEU A 7 13.63 -32.04 -15.41
CA LEU A 7 13.47 -33.45 -15.07
C LEU A 7 14.77 -33.93 -14.40
N MET A 8 14.69 -34.96 -13.54
CA MET A 8 15.89 -35.51 -12.91
C MET A 8 16.89 -36.02 -13.94
N GLN A 9 16.39 -36.61 -15.04
CA GLN A 9 17.13 -37.10 -16.21
C GLN A 9 18.01 -35.99 -16.83
N GLN A 10 17.56 -34.73 -16.74
CA GLN A 10 18.27 -33.59 -17.31
C GLN A 10 19.41 -33.06 -16.43
N LEU A 11 19.60 -33.62 -15.22
CA LEU A 11 20.68 -33.17 -14.34
C LEU A 11 22.06 -33.31 -14.99
N GLY A 12 22.34 -34.43 -15.67
CA GLY A 12 23.61 -34.63 -16.36
C GLY A 12 23.97 -33.53 -17.34
N ARG A 13 23.05 -33.19 -18.24
CA ARG A 13 23.32 -32.15 -19.24
C ARG A 13 23.27 -30.69 -18.65
N LYS A 14 22.74 -30.50 -17.41
CA LYS A 14 22.72 -29.18 -16.76
C LYS A 14 23.86 -28.99 -15.75
N TYR A 15 24.42 -30.09 -15.23
CA TYR A 15 25.44 -30.13 -14.18
C TYR A 15 26.59 -29.14 -14.38
N ALA A 16 27.17 -29.07 -15.59
CA ALA A 16 28.29 -28.16 -15.86
C ALA A 16 27.90 -26.69 -15.67
N GLN A 17 26.66 -26.31 -16.07
CA GLN A 17 26.16 -24.95 -15.87
C GLN A 17 25.92 -24.69 -14.40
N MET A 18 25.36 -25.67 -13.67
CA MET A 18 25.10 -25.54 -12.25
C MET A 18 26.41 -25.38 -11.47
N LYS A 19 27.46 -26.13 -11.88
CA LYS A 19 28.77 -26.05 -11.25
C LYS A 19 29.38 -24.67 -11.49
N GLU A 20 29.28 -24.16 -12.71
CA GLU A 20 29.77 -22.81 -13.02
C GLU A 20 28.97 -21.73 -12.27
N ARG A 21 27.71 -22.00 -11.91
CA ARG A 21 26.89 -21.09 -11.13
C ARG A 21 27.09 -21.22 -9.60
N GLY A 22 27.94 -22.15 -9.17
CA GLY A 22 28.27 -22.30 -7.75
C GLY A 22 28.05 -23.67 -7.11
N LEU A 23 27.44 -24.63 -7.83
CA LEU A 23 27.21 -25.97 -7.27
C LEU A 23 28.52 -26.69 -6.93
N LYS A 24 28.64 -27.19 -5.70
CA LYS A 24 29.86 -27.88 -5.27
C LYS A 24 29.69 -29.39 -5.11
N MET A 25 28.44 -29.89 -4.97
CA MET A 25 28.25 -31.32 -4.72
C MET A 25 28.41 -32.17 -5.98
N LYS A 26 28.76 -33.47 -5.80
CA LYS A 26 28.91 -34.37 -6.93
C LYS A 26 27.51 -34.67 -7.50
N GLU A 27 27.43 -34.82 -8.83
CA GLU A 27 26.20 -35.05 -9.57
C GLU A 27 25.33 -36.17 -8.99
N TYR A 28 25.95 -37.31 -8.71
CA TYR A 28 25.24 -38.47 -8.22
C TYR A 28 24.88 -38.42 -6.74
N ASP A 29 25.46 -37.48 -5.98
CA ASP A 29 25.05 -37.26 -4.60
C ASP A 29 23.69 -36.51 -4.57
N LEU A 30 23.37 -35.74 -5.64
CA LEU A 30 22.12 -35.01 -5.77
C LEU A 30 21.06 -35.90 -6.43
N TYR A 31 21.44 -36.56 -7.54
CA TYR A 31 20.54 -37.51 -8.21
C TYR A 31 21.34 -38.63 -8.90
N ASN A 32 21.06 -39.87 -8.53
CA ASN A 32 21.69 -41.04 -9.15
C ASN A 32 20.56 -41.98 -9.52
N PRO A 33 20.39 -42.25 -10.82
CA PRO A 33 19.30 -43.17 -11.24
C PRO A 33 19.46 -44.61 -10.75
N ASN A 34 20.70 -45.01 -10.39
CA ASN A 34 20.98 -46.38 -9.93
C ASN A 34 21.53 -46.46 -8.49
N GLY A 35 21.16 -45.50 -7.64
CA GLY A 35 21.65 -45.49 -6.26
C GLY A 35 21.08 -44.38 -5.40
N THR A 36 21.39 -44.40 -4.10
CA THR A 36 20.92 -43.38 -3.15
C THR A 36 21.49 -42.00 -3.43
N SER A 37 20.63 -41.00 -3.41
CA SER A 37 20.97 -39.59 -3.60
C SER A 37 20.00 -38.71 -2.80
N LEU A 38 20.26 -37.38 -2.74
CA LEU A 38 19.45 -36.38 -2.05
C LEU A 38 17.98 -36.37 -2.49
N LYS A 39 17.72 -36.80 -3.74
CA LYS A 39 16.39 -36.98 -4.32
C LYS A 39 15.54 -37.91 -3.41
N ASP A 40 16.18 -38.90 -2.73
CA ASP A 40 15.48 -39.84 -1.86
C ASP A 40 14.95 -39.23 -0.57
N ALA A 41 15.36 -38.01 -0.25
CA ALA A 41 14.87 -37.33 0.94
C ALA A 41 13.72 -36.36 0.61
N VAL A 42 13.22 -36.31 -0.64
CA VAL A 42 12.16 -35.40 -1.06
C VAL A 42 10.86 -36.19 -1.16
N VAL A 43 9.75 -35.63 -0.65
CA VAL A 43 8.47 -36.31 -0.71
C VAL A 43 7.37 -35.41 -1.24
N LEU A 44 6.34 -36.03 -1.83
CA LEU A 44 5.12 -35.34 -2.20
C LEU A 44 4.32 -35.46 -0.90
N PHE A 45 4.08 -34.35 -0.24
CA PHE A 45 3.37 -34.29 1.03
C PHE A 45 1.88 -34.09 0.78
N ASP A 46 1.07 -35.07 1.19
CA ASP A 46 -0.39 -35.04 1.11
C ASP A 46 -0.94 -34.64 -0.28
N GLY A 47 -0.39 -35.25 -1.33
CA GLY A 47 -0.83 -35.05 -2.71
C GLY A 47 -0.66 -33.72 -3.42
N GLY A 48 -0.33 -32.64 -2.72
CA GLY A 48 -0.20 -31.33 -3.36
C GLY A 48 0.93 -30.44 -2.91
N CYS A 49 1.65 -30.85 -1.87
CA CYS A 49 2.74 -30.07 -1.32
C CYS A 49 4.03 -30.89 -1.48
N THR A 50 5.16 -30.28 -1.15
CA THR A 50 6.43 -30.97 -1.11
C THR A 50 6.88 -30.97 0.38
N GLY A 51 7.65 -31.96 0.74
CA GLY A 51 8.24 -32.10 2.06
C GLY A 51 9.66 -32.67 1.95
N GLU A 52 10.35 -32.76 3.08
CA GLU A 52 11.71 -33.30 3.09
C GLU A 52 12.04 -34.00 4.37
N VAL A 53 12.72 -35.13 4.26
CA VAL A 53 13.17 -35.91 5.42
C VAL A 53 14.44 -35.25 5.92
N VAL A 54 14.46 -34.88 7.22
CA VAL A 54 15.57 -34.17 7.83
C VAL A 54 16.23 -34.92 8.98
N SER A 55 15.97 -36.23 9.14
CA SER A 55 16.61 -37.03 10.19
C SER A 55 16.57 -38.53 9.88
N ASP A 56 17.44 -39.33 10.57
CA ASP A 56 17.47 -40.78 10.43
C ASP A 56 16.26 -41.48 11.10
N ARG A 57 15.37 -40.72 11.74
CA ARG A 57 14.16 -41.26 12.33
C ARG A 57 12.89 -40.77 11.60
N GLY A 58 13.00 -40.45 10.31
CA GLY A 58 11.85 -40.09 9.48
C GLY A 58 11.16 -38.76 9.75
N LEU A 59 11.85 -37.81 10.38
CA LEU A 59 11.28 -36.49 10.63
C LEU A 59 11.14 -35.76 9.29
N VAL A 60 10.02 -35.08 9.08
CA VAL A 60 9.72 -34.39 7.83
C VAL A 60 9.37 -32.92 8.07
N LEU A 61 9.94 -32.04 7.26
CA LEU A 61 9.58 -30.63 7.30
C LEU A 61 8.77 -30.31 6.04
N THR A 62 7.76 -29.47 6.22
CA THR A 62 6.91 -28.93 5.15
C THR A 62 6.40 -27.54 5.62
N ASN A 63 5.51 -26.89 4.87
CA ASN A 63 4.95 -25.61 5.27
C ASN A 63 3.89 -25.78 6.33
N HIS A 64 3.61 -24.67 7.04
CA HIS A 64 2.53 -24.60 8.02
C HIS A 64 1.22 -24.68 7.25
N HIS A 65 1.11 -24.01 6.08
CA HIS A 65 -0.11 -24.08 5.29
C HIS A 65 -0.33 -25.45 4.65
N CYS A 66 0.71 -26.30 4.59
CA CYS A 66 0.62 -27.67 4.06
C CYS A 66 0.13 -28.63 5.16
N GLY A 67 0.58 -28.40 6.39
CA GLY A 67 0.15 -29.20 7.52
C GLY A 67 -1.01 -28.59 8.29
N TYR A 68 -1.57 -27.46 7.79
CA TYR A 68 -2.68 -26.73 8.39
C TYR A 68 -3.92 -27.59 8.75
N ASP A 69 -4.42 -28.40 7.79
CA ASP A 69 -5.59 -29.24 8.06
C ASP A 69 -5.34 -30.24 9.18
N MET A 70 -4.14 -30.82 9.27
CA MET A 70 -3.80 -31.77 10.33
C MET A 70 -3.71 -31.06 11.67
N ILE A 71 -3.15 -29.83 11.70
CA ILE A 71 -3.05 -29.05 12.93
C ILE A 71 -4.45 -28.69 13.42
N GLN A 72 -5.35 -28.31 12.49
CA GLN A 72 -6.73 -27.94 12.75
C GLN A 72 -7.57 -29.14 13.24
N ALA A 73 -7.37 -30.33 12.65
CA ALA A 73 -8.11 -31.55 13.02
C ALA A 73 -7.79 -32.01 14.45
N HIS A 74 -6.57 -31.76 14.91
CA HIS A 74 -6.19 -32.10 16.29
C HIS A 74 -6.45 -30.97 17.29
N SER A 75 -6.97 -29.83 16.83
CA SER A 75 -7.21 -28.68 17.71
C SER A 75 -8.61 -28.71 18.30
N THR A 76 -8.70 -28.40 19.59
CA THR A 76 -9.92 -28.31 20.40
C THR A 76 -9.90 -26.99 21.21
N LEU A 77 -11.00 -26.66 21.92
CA LEU A 77 -11.02 -25.46 22.78
C LEU A 77 -9.99 -25.64 23.92
N GLU A 78 -9.81 -26.86 24.43
CA GLU A 78 -8.86 -27.15 25.49
C GLU A 78 -7.40 -27.12 25.01
N HIS A 79 -7.13 -27.72 23.84
CA HIS A 79 -5.78 -27.69 23.25
C HIS A 79 -5.81 -27.12 21.85
N ASN A 80 -5.85 -25.78 21.71
CA ASN A 80 -5.87 -25.16 20.39
C ASN A 80 -4.45 -25.09 19.80
N TYR A 81 -4.08 -26.11 19.05
CA TYR A 81 -2.75 -26.18 18.42
C TYR A 81 -2.62 -25.20 17.25
N LEU A 82 -3.72 -24.86 16.59
CA LEU A 82 -3.70 -23.90 15.49
C LEU A 82 -3.26 -22.52 15.98
N GLU A 83 -3.76 -22.11 17.15
CA GLU A 83 -3.47 -20.83 17.77
C GLU A 83 -2.17 -20.80 18.58
N ASN A 84 -1.89 -21.83 19.39
CA ASN A 84 -0.71 -21.82 20.25
C ASN A 84 0.49 -22.61 19.78
N GLY A 85 0.30 -23.41 18.74
CA GLY A 85 1.34 -24.30 18.27
C GLY A 85 1.26 -25.66 18.95
N PHE A 86 2.04 -26.62 18.49
CA PHE A 86 2.03 -27.97 19.06
C PHE A 86 3.46 -28.49 19.08
N TRP A 87 3.92 -29.02 20.21
CA TRP A 87 5.27 -29.56 20.30
C TRP A 87 5.28 -30.85 21.09
N ALA A 88 5.23 -32.00 20.40
CA ALA A 88 5.25 -33.32 21.05
C ALA A 88 6.60 -33.50 21.73
N MET A 89 6.61 -33.68 23.08
CA MET A 89 7.88 -33.81 23.80
C MET A 89 8.48 -35.23 23.77
N ARG A 90 7.78 -36.19 23.17
CA ARG A 90 8.25 -37.55 22.99
C ARG A 90 7.58 -38.13 21.74
N GLU A 91 8.23 -39.10 21.10
CA GLU A 91 7.70 -39.75 19.90
C GLU A 91 6.31 -40.32 20.10
N ALA A 92 6.03 -40.89 21.29
CA ALA A 92 4.71 -41.45 21.61
C ALA A 92 3.60 -40.40 21.65
N ASP A 93 3.96 -39.11 21.84
CA ASP A 93 3.00 -38.01 21.87
C ASP A 93 2.68 -37.43 20.49
N GLU A 94 3.37 -37.88 19.43
CA GLU A 94 3.09 -37.40 18.08
C GLU A 94 1.74 -37.93 17.63
N LEU A 95 0.91 -37.04 17.07
CA LEU A 95 -0.47 -37.32 16.71
C LEU A 95 -0.69 -37.93 15.32
N PRO A 96 -1.39 -39.07 15.24
CA PRO A 96 -1.66 -39.68 13.92
C PRO A 96 -2.64 -38.83 13.12
N ASN A 97 -2.64 -38.96 11.80
CA ASN A 97 -3.53 -38.19 10.95
C ASN A 97 -4.24 -39.08 9.97
N LYS A 98 -5.57 -38.98 9.90
CA LYS A 98 -6.33 -39.77 8.94
C LYS A 98 -6.25 -39.10 7.58
N ASP A 99 -6.14 -39.91 6.51
CA ASP A 99 -6.11 -39.49 5.11
C ASP A 99 -4.87 -38.69 4.73
N ILE A 100 -3.73 -39.02 5.34
CA ILE A 100 -2.48 -38.37 5.01
C ILE A 100 -1.56 -39.33 4.25
N SER A 101 -0.67 -38.79 3.43
CA SER A 101 0.29 -39.61 2.71
C SER A 101 1.57 -38.84 2.42
N VAL A 102 2.66 -39.57 2.23
CA VAL A 102 3.94 -39.04 1.79
C VAL A 102 4.42 -39.98 0.69
N VAL A 103 4.79 -39.42 -0.45
CA VAL A 103 5.22 -40.23 -1.57
C VAL A 103 6.71 -40.02 -1.90
N PHE A 104 7.47 -41.11 -1.88
CA PHE A 104 8.86 -41.07 -2.25
C PHE A 104 8.98 -41.47 -3.72
N ILE A 105 9.88 -40.82 -4.46
CA ILE A 105 10.11 -41.19 -5.85
C ILE A 105 11.29 -42.17 -5.88
N ASP A 106 11.00 -43.44 -5.71
CA ASP A 106 12.00 -44.50 -5.63
C ASP A 106 12.85 -44.63 -6.88
N LYS A 107 12.22 -44.71 -8.05
CA LYS A 107 12.93 -44.81 -9.32
C LYS A 107 12.20 -43.98 -10.38
N ILE A 108 12.94 -43.53 -11.39
CA ILE A 108 12.39 -42.81 -12.54
C ILE A 108 13.01 -43.41 -13.78
N GLU A 109 12.20 -43.81 -14.76
CA GLU A 109 12.71 -44.42 -15.98
C GLU A 109 12.16 -43.75 -17.21
N ASP A 110 13.00 -43.49 -18.21
CA ASP A 110 12.53 -42.99 -19.49
C ASP A 110 11.91 -44.18 -20.25
N VAL A 111 10.60 -44.13 -20.55
CA VAL A 111 9.91 -45.20 -21.27
C VAL A 111 9.34 -44.72 -22.61
N THR A 112 9.89 -43.63 -23.18
CA THR A 112 9.44 -43.03 -24.43
C THR A 112 9.34 -44.04 -25.59
N ASP A 113 10.42 -44.80 -25.86
CA ASP A 113 10.41 -45.78 -26.96
C ASP A 113 9.34 -46.84 -26.77
N TYR A 114 9.17 -47.34 -25.54
CA TYR A 114 8.17 -48.33 -25.18
C TYR A 114 6.75 -47.77 -25.42
N VAL A 115 6.44 -46.59 -24.87
CA VAL A 115 5.12 -45.99 -25.05
C VAL A 115 4.81 -45.68 -26.52
N LYS A 116 5.77 -45.08 -27.23
CA LYS A 116 5.61 -44.76 -28.64
C LYS A 116 5.43 -46.03 -29.52
N LYS A 117 6.04 -47.16 -29.11
CA LYS A 117 5.87 -48.42 -29.84
C LYS A 117 4.47 -48.96 -29.58
N GLU A 118 4.00 -48.90 -28.33
CA GLU A 118 2.65 -49.35 -27.97
C GLU A 118 1.59 -48.53 -28.70
N LEU A 119 1.83 -47.20 -28.81
CA LEU A 119 0.94 -46.24 -29.48
C LEU A 119 0.81 -46.50 -30.97
N LYS A 120 1.84 -47.09 -31.61
CA LYS A 120 1.81 -47.43 -33.04
C LYS A 120 0.65 -48.36 -33.42
N ALA A 121 0.01 -49.03 -32.42
CA ALA A 121 -1.15 -49.90 -32.67
C ALA A 121 -2.43 -49.07 -32.82
N ILE A 122 -2.31 -47.90 -33.49
CA ILE A 122 -3.27 -46.86 -33.85
C ILE A 122 -4.48 -47.38 -34.62
N LYS A 123 -5.66 -47.22 -34.05
CA LYS A 123 -6.91 -47.52 -34.75
C LYS A 123 -7.52 -46.20 -35.33
N ASP A 124 -7.14 -45.05 -34.74
CA ASP A 124 -7.58 -43.69 -35.02
C ASP A 124 -6.35 -42.78 -34.81
N PRO A 125 -5.89 -42.05 -35.84
CA PRO A 125 -4.75 -41.14 -35.65
C PRO A 125 -5.04 -39.97 -34.70
N ASN A 126 -6.34 -39.65 -34.51
CA ASN A 126 -6.78 -38.59 -33.63
C ASN A 126 -7.08 -39.06 -32.20
N SER A 127 -6.65 -40.29 -31.83
CA SER A 127 -6.85 -40.85 -30.50
C SER A 127 -6.11 -40.07 -29.42
N MET A 128 -6.77 -39.85 -28.28
CA MET A 128 -6.15 -39.14 -27.17
C MET A 128 -5.57 -40.09 -26.10
N ASP A 129 -5.41 -41.38 -26.44
CA ASP A 129 -4.84 -42.38 -25.54
C ASP A 129 -3.40 -42.03 -25.13
N TYR A 130 -2.66 -41.33 -25.99
CA TYR A 130 -1.29 -40.92 -25.69
C TYR A 130 -1.20 -39.98 -24.45
N LEU A 131 -2.33 -39.39 -24.02
CA LEU A 131 -2.42 -38.56 -22.81
C LEU A 131 -3.39 -39.15 -21.76
N SER A 132 -3.96 -40.33 -22.01
CA SER A 132 -4.94 -40.93 -21.14
C SER A 132 -4.32 -41.59 -19.92
N PRO A 133 -4.71 -41.14 -18.71
CA PRO A 133 -4.19 -41.79 -17.49
C PRO A 133 -4.53 -43.28 -17.44
N LYS A 134 -5.73 -43.66 -17.93
CA LYS A 134 -6.15 -45.06 -17.96
C LYS A 134 -5.27 -45.86 -18.92
N TYR A 135 -5.02 -45.33 -20.13
CA TYR A 135 -4.19 -46.05 -21.11
C TYR A 135 -2.76 -46.17 -20.63
N LEU A 136 -2.18 -45.07 -20.13
CA LEU A 136 -0.82 -45.06 -19.63
C LEU A 136 -0.66 -45.98 -18.41
N GLN A 137 -1.72 -46.11 -17.56
CA GLN A 137 -1.69 -47.04 -16.43
C GLN A 137 -1.67 -48.48 -16.90
N LYS A 138 -2.40 -48.79 -17.98
CA LYS A 138 -2.38 -50.13 -18.58
C LYS A 138 -0.95 -50.45 -19.08
N LEU A 139 -0.25 -49.43 -19.64
CA LEU A 139 1.13 -49.63 -20.11
C LEU A 139 2.11 -49.78 -18.97
N ALA A 140 1.88 -49.03 -17.89
CA ALA A 140 2.71 -49.07 -16.69
C ALA A 140 2.59 -50.47 -16.02
N ASP A 141 1.36 -50.99 -15.89
CA ASP A 141 1.10 -52.30 -15.32
C ASP A 141 1.73 -53.41 -16.17
N LYS A 142 1.65 -53.28 -17.51
CA LYS A 142 2.25 -54.23 -18.42
C LYS A 142 3.77 -54.29 -18.22
N LYS A 143 4.41 -53.13 -18.08
CA LYS A 143 5.87 -53.08 -17.88
C LYS A 143 6.30 -53.55 -16.47
N ALA A 144 5.63 -53.09 -15.41
CA ALA A 144 5.95 -53.48 -14.03
C ALA A 144 5.83 -54.99 -13.78
N GLY A 145 4.80 -55.61 -14.34
CA GLY A 145 4.57 -57.04 -14.19
C GLY A 145 3.23 -57.44 -13.62
N LYS A 146 2.97 -58.76 -13.54
CA LYS A 146 1.73 -59.31 -12.99
C LYS A 146 1.75 -59.16 -11.49
N ASN A 147 0.72 -58.47 -10.94
CA ASN A 147 0.56 -58.19 -9.50
C ASN A 147 1.82 -57.58 -8.86
N PHE A 148 2.32 -56.47 -9.43
CA PHE A 148 3.51 -55.76 -8.94
C PHE A 148 3.31 -55.26 -7.50
N SER A 149 2.11 -54.70 -7.22
CA SER A 149 1.76 -54.15 -5.91
C SER A 149 1.74 -55.21 -4.82
N ALA A 150 1.36 -56.45 -5.16
CA ALA A 150 1.31 -57.55 -4.22
C ALA A 150 2.70 -58.13 -3.96
N LYS A 151 3.57 -58.15 -5.01
CA LYS A 151 4.94 -58.64 -4.92
C LYS A 151 5.92 -57.59 -4.34
N ASN A 152 5.52 -56.30 -4.31
CA ASN A 152 6.34 -55.22 -3.78
C ASN A 152 5.46 -54.29 -2.92
N PRO A 153 4.98 -54.74 -1.74
CA PRO A 153 4.11 -53.88 -0.92
C PRO A 153 4.68 -52.49 -0.59
N GLY A 154 3.88 -51.49 -0.85
CA GLY A 154 4.28 -50.11 -0.64
C GLY A 154 4.65 -49.40 -1.93
N LEU A 155 5.04 -50.17 -2.96
CA LEU A 155 5.42 -49.62 -4.26
C LEU A 155 4.26 -49.56 -5.27
N SER A 156 4.29 -48.57 -6.16
CA SER A 156 3.32 -48.42 -7.24
C SER A 156 4.02 -47.81 -8.44
N VAL A 157 3.52 -48.10 -9.64
CA VAL A 157 4.12 -47.65 -10.87
C VAL A 157 3.18 -46.64 -11.60
N GLU A 158 3.74 -45.59 -12.24
CA GLU A 158 2.92 -44.61 -12.95
C GLU A 158 3.64 -44.05 -14.18
N ILE A 159 2.98 -43.96 -15.33
CA ILE A 159 3.57 -43.36 -16.51
C ILE A 159 2.90 -42.02 -16.78
N LYS A 160 3.70 -40.98 -17.02
CA LYS A 160 3.21 -39.67 -17.34
C LYS A 160 3.80 -39.19 -18.66
N ALA A 161 3.02 -38.41 -19.40
CA ALA A 161 3.45 -37.78 -20.65
C ALA A 161 4.10 -36.44 -20.29
N PHE A 162 5.12 -36.06 -21.07
CA PHE A 162 5.86 -34.81 -20.93
C PHE A 162 6.04 -34.23 -22.32
N TYR A 163 6.30 -32.89 -22.40
CA TYR A 163 6.53 -32.23 -23.69
C TYR A 163 5.38 -32.45 -24.67
N GLY A 164 4.15 -32.40 -24.18
CA GLY A 164 2.96 -32.61 -25.00
C GLY A 164 2.82 -33.98 -25.64
N GLY A 165 3.40 -35.00 -25.03
CA GLY A 165 3.34 -36.36 -25.56
C GLY A 165 4.57 -36.79 -26.32
N ASN A 166 5.69 -36.05 -26.18
CA ASN A 166 6.93 -36.42 -26.86
C ASN A 166 7.95 -37.16 -25.98
N LEU A 167 7.70 -37.23 -24.68
CA LEU A 167 8.58 -37.93 -23.76
C LEU A 167 7.71 -38.57 -22.68
N TYR A 168 8.05 -39.80 -22.25
CA TYR A 168 7.28 -40.49 -21.21
C TYR A 168 8.20 -41.00 -20.14
N LEU A 169 7.80 -40.86 -18.87
CA LEU A 169 8.59 -41.37 -17.75
C LEU A 169 7.74 -42.27 -16.89
N MET A 170 8.33 -43.36 -16.40
CA MET A 170 7.67 -44.25 -15.46
C MET A 170 8.26 -43.98 -14.09
N PHE A 171 7.41 -43.81 -13.11
CA PHE A 171 7.83 -43.50 -11.76
C PHE A 171 7.48 -44.67 -10.88
N THR A 172 8.42 -45.09 -10.04
CA THR A 172 8.17 -46.12 -9.06
C THR A 172 8.06 -45.33 -7.75
N LYS A 173 6.88 -45.36 -7.15
CA LYS A 173 6.57 -44.58 -5.97
C LYS A 173 6.39 -45.44 -4.73
N LYS A 174 6.92 -44.99 -3.59
CA LYS A 174 6.74 -45.67 -2.33
C LYS A 174 5.88 -44.75 -1.46
N THR A 175 4.68 -45.19 -1.08
CA THR A 175 3.75 -44.34 -0.32
C THR A 175 3.59 -44.78 1.13
N TYR A 176 3.71 -43.84 2.06
CA TYR A 176 3.54 -44.06 3.50
C TYR A 176 2.29 -43.31 3.96
N THR A 177 1.38 -43.98 4.68
CA THR A 177 0.14 -43.32 5.10
C THR A 177 0.04 -43.09 6.61
N ASP A 178 1.03 -43.52 7.39
CA ASP A 178 1.06 -43.24 8.82
C ASP A 178 2.07 -42.09 9.00
N VAL A 179 1.61 -40.85 8.87
CA VAL A 179 2.50 -39.68 8.95
C VAL A 179 1.96 -38.81 10.08
N ARG A 180 2.69 -38.78 11.20
CA ARG A 180 2.23 -38.11 12.41
C ARG A 180 2.70 -36.68 12.60
N LEU A 181 1.85 -35.86 13.23
CA LEU A 181 2.16 -34.47 13.53
C LEU A 181 3.12 -34.43 14.71
N VAL A 182 4.27 -33.77 14.51
CA VAL A 182 5.32 -33.66 15.51
C VAL A 182 5.40 -32.27 16.12
N GLY A 183 5.35 -31.25 15.28
CA GLY A 183 5.46 -29.88 15.75
C GLY A 183 4.96 -28.82 14.80
N ALA A 184 4.50 -27.71 15.33
CA ALA A 184 4.02 -26.61 14.53
C ALA A 184 4.13 -25.35 15.34
N PRO A 185 4.54 -24.24 14.71
CA PRO A 185 4.53 -22.96 15.43
C PRO A 185 3.09 -22.48 15.56
N PRO A 186 2.82 -21.49 16.44
CA PRO A 186 1.46 -20.93 16.48
C PRO A 186 1.13 -20.26 15.13
N SER A 187 -0.16 -20.11 14.78
CA SER A 187 -0.53 -19.46 13.52
C SER A 187 0.03 -18.05 13.39
N SER A 188 0.29 -17.37 14.52
CA SER A 188 0.87 -16.03 14.48
C SER A 188 2.25 -16.03 13.80
N ILE A 189 2.99 -17.16 13.84
CA ILE A 189 4.28 -17.29 13.17
C ILE A 189 4.09 -17.99 11.81
N GLY A 190 3.40 -19.14 11.82
CA GLY A 190 3.16 -19.96 10.64
C GLY A 190 2.42 -19.29 9.50
N LYS A 191 1.55 -18.35 9.82
CA LYS A 191 0.84 -17.56 8.83
C LYS A 191 0.80 -16.07 9.22
N PHE A 192 1.97 -15.53 9.64
CA PHE A 192 2.10 -14.13 10.08
C PHE A 192 1.44 -13.08 9.20
N GLY A 193 1.71 -13.06 7.89
CA GLY A 193 1.08 -12.04 7.04
C GLY A 193 -0.40 -12.31 6.78
N ALA A 194 -0.82 -13.58 6.96
CA ALA A 194 -2.15 -14.10 6.70
C ALA A 194 -2.53 -13.78 5.17
N ASP A 195 -3.74 -13.30 4.79
CA ASP A 195 -4.03 -13.01 3.39
C ASP A 195 -3.44 -11.67 2.91
N THR A 196 -3.14 -10.74 3.84
CA THR A 196 -2.55 -9.43 3.46
C THR A 196 -1.19 -9.60 2.78
N ASP A 197 -0.35 -10.50 3.30
CA ASP A 197 0.97 -10.74 2.74
C ASP A 197 0.99 -11.93 1.76
N ASN A 198 -0.17 -12.49 1.34
CA ASN A 198 -0.17 -13.59 0.34
C ASN A 198 0.40 -13.04 -0.98
N TRP A 199 1.35 -13.77 -1.60
CA TRP A 199 2.05 -13.36 -2.84
C TRP A 199 2.94 -12.14 -2.62
N ILE A 200 3.25 -11.76 -1.37
CA ILE A 200 4.04 -10.55 -1.12
C ILE A 200 5.49 -10.81 -0.69
N TRP A 201 6.41 -10.07 -1.31
CA TRP A 201 7.79 -9.98 -0.88
C TRP A 201 8.03 -8.48 -0.69
N PRO A 202 8.67 -7.98 0.42
CA PRO A 202 9.23 -8.71 1.58
C PRO A 202 8.21 -9.52 2.36
N ARG A 203 8.63 -10.64 2.94
CA ARG A 203 7.73 -11.52 3.66
C ARG A 203 8.38 -11.90 4.99
N HIS A 204 7.57 -12.02 6.06
CA HIS A 204 8.10 -12.31 7.40
C HIS A 204 7.42 -13.48 8.09
N THR A 205 6.92 -14.43 7.30
CA THR A 205 6.17 -15.59 7.77
C THR A 205 7.07 -16.83 8.01
N GLY A 206 6.94 -17.45 9.18
CA GLY A 206 7.65 -18.68 9.54
C GLY A 206 6.81 -19.90 9.18
N ASP A 207 6.55 -20.02 7.88
CA ASP A 207 5.70 -21.03 7.27
C ASP A 207 6.32 -22.41 7.28
N PHE A 208 6.24 -23.09 8.42
CA PHE A 208 6.73 -24.45 8.58
C PHE A 208 5.87 -25.25 9.58
N SER A 209 5.90 -26.57 9.43
CA SER A 209 5.31 -27.56 10.31
C SER A 209 6.16 -28.85 10.20
N ILE A 210 6.09 -29.70 11.22
CA ILE A 210 6.92 -30.88 11.36
C ILE A 210 6.07 -32.15 11.53
N PHE A 211 6.41 -33.16 10.76
CA PHE A 211 5.74 -34.45 10.77
C PHE A 211 6.78 -35.57 10.92
N ARG A 212 6.32 -36.82 11.01
CA ARG A 212 7.22 -37.96 11.09
C ARG A 212 6.60 -39.11 10.37
N ILE A 213 7.37 -39.77 9.52
CA ILE A 213 6.88 -40.93 8.79
C ILE A 213 7.04 -42.16 9.68
N TYR A 214 5.96 -42.90 9.85
CA TYR A 214 5.98 -44.16 10.59
C TYR A 214 5.78 -45.30 9.60
N ALA A 215 6.32 -46.47 9.92
CA ALA A 215 6.27 -47.64 9.05
C ALA A 215 6.29 -48.95 9.93
N ASP A 216 6.18 -50.15 9.31
CA ASP A 216 6.27 -51.38 10.08
C ASP A 216 7.75 -51.63 10.50
N LYS A 217 7.99 -52.74 11.23
CA LYS A 217 9.29 -53.15 11.74
C LYS A 217 10.42 -53.13 10.69
N ASN A 218 10.10 -53.41 9.42
CA ASN A 218 11.13 -53.43 8.38
C ASN A 218 11.22 -52.15 7.55
N GLY A 219 10.58 -51.07 8.01
CA GLY A 219 10.59 -49.80 7.29
C GLY A 219 9.71 -49.78 6.06
N ASN A 220 8.77 -50.72 5.96
CA ASN A 220 7.84 -50.83 4.84
C ASN A 220 6.57 -50.07 5.15
N PRO A 221 5.95 -49.46 4.12
CA PRO A 221 4.68 -48.74 4.35
C PRO A 221 3.62 -49.58 5.04
N ALA A 222 2.94 -48.96 5.98
CA ALA A 222 1.87 -49.60 6.73
C ALA A 222 0.88 -48.52 7.15
N PRO A 223 -0.43 -48.82 7.11
CA PRO A 223 -1.41 -47.83 7.61
C PRO A 223 -1.25 -47.63 9.12
N TYR A 224 -1.88 -46.58 9.69
CA TYR A 224 -1.78 -46.33 11.13
C TYR A 224 -2.00 -47.59 12.01
N SER A 225 -1.04 -47.85 12.90
CA SER A 225 -1.05 -48.92 13.89
C SER A 225 -0.23 -48.45 15.07
N GLU A 226 -0.70 -48.73 16.29
CA GLU A 226 0.05 -48.38 17.50
C GLU A 226 1.41 -49.12 17.59
N ASP A 227 1.59 -50.20 16.80
CA ASP A 227 2.82 -50.98 16.70
C ASP A 227 3.84 -50.37 15.69
N ASN A 228 3.45 -49.31 14.95
CA ASN A 228 4.34 -48.71 13.96
C ASN A 228 5.48 -47.96 14.61
N VAL A 229 6.65 -48.08 13.98
CA VAL A 229 7.91 -47.53 14.41
C VAL A 229 8.39 -46.44 13.41
N PRO A 230 9.09 -45.38 13.85
CA PRO A 230 9.55 -44.35 12.91
C PRO A 230 10.40 -44.92 11.77
N LEU A 231 10.27 -44.36 10.57
CA LEU A 231 10.98 -44.85 9.41
C LEU A 231 12.46 -44.46 9.44
N LYS A 232 13.35 -45.43 9.20
CA LYS A 232 14.77 -45.17 9.04
C LYS A 232 14.92 -44.99 7.53
N PRO A 233 15.15 -43.76 7.04
CA PRO A 233 15.18 -43.56 5.58
C PRO A 233 16.53 -43.83 4.93
N LYS A 234 16.52 -43.97 3.59
CA LYS A 234 17.69 -44.15 2.72
C LYS A 234 18.59 -42.92 2.81
N ARG A 235 17.99 -41.72 2.87
CA ARG A 235 18.69 -40.45 2.82
C ARG A 235 17.87 -39.34 3.52
N PHE A 236 18.56 -38.40 4.15
CA PHE A 236 17.93 -37.26 4.80
C PHE A 236 18.83 -36.03 4.63
N PHE A 237 18.25 -34.83 4.72
CA PHE A 237 19.00 -33.60 4.54
C PHE A 237 19.77 -33.21 5.79
N ASN A 238 20.99 -32.70 5.59
CA ASN A 238 21.74 -32.10 6.70
C ASN A 238 21.23 -30.64 6.79
N ILE A 239 21.13 -30.09 8.00
CA ILE A 239 20.70 -28.71 8.17
C ILE A 239 21.94 -27.81 8.20
N SER A 240 21.94 -26.72 7.42
CA SER A 240 23.07 -25.79 7.46
C SER A 240 22.78 -24.62 8.36
N LEU A 241 23.77 -24.20 9.14
CA LEU A 241 23.62 -22.97 9.93
C LEU A 241 24.50 -21.80 9.38
N GLY A 242 25.18 -22.03 8.25
CA GLY A 242 26.01 -21.04 7.57
C GLY A 242 25.24 -19.90 6.93
N GLY A 243 23.93 -20.09 6.77
CA GLY A 243 23.03 -19.09 6.23
C GLY A 243 23.17 -18.82 4.75
N VAL A 244 22.67 -17.65 4.32
CA VAL A 244 22.76 -17.22 2.93
C VAL A 244 23.33 -15.80 2.85
N GLN A 245 23.89 -15.49 1.71
CA GLN A 245 24.41 -14.16 1.35
C GLN A 245 23.91 -13.85 -0.05
N GLU A 246 23.84 -12.56 -0.41
CA GLU A 246 23.41 -12.15 -1.74
C GLU A 246 24.28 -12.82 -2.82
N ASN A 247 23.65 -13.37 -3.85
CA ASN A 247 24.28 -14.05 -4.98
C ASN A 247 24.65 -15.51 -4.69
N ASP A 248 24.40 -16.04 -3.49
CA ASP A 248 24.69 -17.44 -3.20
C ASP A 248 23.87 -18.35 -4.07
N TYR A 249 24.46 -19.45 -4.51
CA TYR A 249 23.78 -20.46 -5.30
C TYR A 249 22.71 -21.11 -4.43
N ALA A 250 21.53 -21.31 -4.99
CA ALA A 250 20.45 -21.99 -4.31
C ALA A 250 19.74 -22.95 -5.28
N MET A 251 19.25 -24.08 -4.79
CA MET A 251 18.51 -25.01 -5.63
C MET A 251 17.35 -25.64 -4.90
N ILE A 252 16.33 -26.05 -5.62
CA ILE A 252 15.14 -26.67 -5.05
C ILE A 252 14.79 -27.94 -5.83
N MET A 253 14.22 -28.90 -5.14
CA MET A 253 13.61 -30.10 -5.68
C MET A 253 12.16 -30.09 -5.15
N GLY A 254 11.22 -30.47 -6.00
CA GLY A 254 9.82 -30.47 -5.60
C GLY A 254 8.88 -30.92 -6.68
N PHE A 255 7.59 -30.70 -6.48
CA PHE A 255 6.57 -31.16 -7.41
C PHE A 255 5.74 -30.02 -8.00
N PRO A 256 6.31 -29.15 -8.87
CA PRO A 256 5.48 -28.08 -9.47
C PRO A 256 4.34 -28.70 -10.27
N GLY A 257 3.15 -28.17 -10.08
CA GLY A 257 1.93 -28.71 -10.67
C GLY A 257 1.69 -28.42 -12.14
N THR A 258 1.60 -27.13 -12.52
CA THR A 258 1.28 -26.80 -13.91
C THR A 258 1.97 -25.54 -14.38
N THR A 259 2.35 -25.52 -15.67
CA THR A 259 2.89 -24.34 -16.34
C THR A 259 2.30 -24.31 -17.75
N HIS A 260 2.48 -23.20 -18.47
CA HIS A 260 2.01 -23.08 -19.84
C HIS A 260 3.11 -22.40 -20.65
N ARG A 261 4.29 -23.00 -20.60
CA ARG A 261 5.49 -22.51 -21.26
C ARG A 261 5.43 -22.57 -22.80
N TYR A 262 4.52 -23.39 -23.35
CA TYR A 262 4.42 -23.52 -24.81
C TYR A 262 3.13 -22.97 -25.37
N PHE A 263 2.53 -21.99 -24.69
CA PHE A 263 1.34 -21.29 -25.17
C PHE A 263 1.69 -20.57 -26.46
N THR A 264 0.76 -20.53 -27.43
CA THR A 264 0.98 -19.70 -28.61
C THR A 264 0.66 -18.24 -28.18
N ALA A 265 0.98 -17.26 -29.03
CA ALA A 265 0.65 -15.87 -28.75
C ALA A 265 -0.88 -15.71 -28.65
N SER A 266 -1.66 -16.45 -29.46
CA SER A 266 -3.13 -16.39 -29.40
C SER A 266 -3.68 -16.93 -28.09
N GLU A 267 -2.99 -17.87 -27.46
CA GLU A 267 -3.37 -18.45 -26.17
C GLU A 267 -3.07 -17.47 -25.04
N VAL A 268 -1.99 -16.67 -25.15
CA VAL A 268 -1.67 -15.61 -24.20
C VAL A 268 -2.79 -14.54 -24.31
N ASP A 269 -3.20 -14.19 -25.55
CA ASP A 269 -4.25 -13.16 -25.74
C ASP A 269 -5.57 -13.59 -25.13
N GLU A 270 -5.93 -14.85 -25.31
CA GLU A 270 -7.14 -15.45 -24.79
C GLU A 270 -7.10 -15.47 -23.25
N TRP A 271 -5.97 -15.88 -22.67
CA TRP A 271 -5.76 -15.94 -21.22
C TRP A 271 -5.96 -14.55 -20.62
N LYS A 272 -5.41 -13.52 -21.26
CA LYS A 272 -5.56 -12.15 -20.82
C LYS A 272 -7.02 -11.63 -21.00
N SER A 273 -7.52 -11.62 -22.25
CA SER A 273 -8.78 -10.96 -22.63
C SER A 273 -10.04 -11.69 -22.23
N ILE A 274 -9.94 -12.99 -21.97
CA ILE A 274 -11.11 -13.75 -21.52
C ILE A 274 -10.91 -14.14 -20.06
N ASP A 275 -10.10 -15.17 -19.77
CA ASP A 275 -9.87 -15.72 -18.45
C ASP A 275 -9.58 -14.67 -17.39
N ASN A 276 -8.50 -13.89 -17.57
CA ASN A 276 -8.08 -12.93 -16.58
C ASN A 276 -8.96 -11.70 -16.51
N ASP A 277 -9.32 -11.08 -17.64
CA ASP A 277 -10.17 -9.87 -17.59
C ASP A 277 -11.55 -10.14 -16.99
N ILE A 278 -12.16 -11.29 -17.31
CA ILE A 278 -13.48 -11.63 -16.75
C ILE A 278 -13.37 -11.91 -15.26
N ARG A 279 -12.39 -12.73 -14.85
CA ARG A 279 -12.15 -13.03 -13.43
C ARG A 279 -11.89 -11.73 -12.63
N ILE A 280 -11.08 -10.81 -13.19
CA ILE A 280 -10.77 -9.54 -12.55
C ILE A 280 -12.02 -8.68 -12.42
N ARG A 281 -12.74 -8.47 -13.54
CA ARG A 281 -13.93 -7.65 -13.53
C ARG A 281 -15.03 -8.21 -12.59
N MET A 282 -15.34 -9.52 -12.71
CA MET A 282 -16.38 -10.14 -11.90
C MET A 282 -16.04 -10.22 -10.42
N ARG A 283 -14.79 -10.58 -10.08
CA ARG A 283 -14.39 -10.67 -8.67
C ARG A 283 -14.29 -9.31 -8.03
N ASP A 284 -13.90 -8.27 -8.79
CA ASP A 284 -13.85 -6.93 -8.23
C ASP A 284 -15.26 -6.45 -7.85
N ILE A 285 -16.28 -6.80 -8.65
CA ILE A 285 -17.66 -6.44 -8.32
C ILE A 285 -18.13 -7.19 -7.07
N ARG A 286 -17.90 -8.48 -7.03
CA ARG A 286 -18.30 -9.35 -5.93
C ARG A 286 -17.65 -8.94 -4.60
N GLN A 287 -16.33 -8.78 -4.61
CA GLN A 287 -15.51 -8.38 -3.46
C GLN A 287 -15.89 -6.99 -2.97
N GLY A 288 -16.16 -6.06 -3.89
CA GLY A 288 -16.58 -4.71 -3.52
C GLY A 288 -17.86 -4.67 -2.71
N VAL A 289 -18.90 -5.42 -3.14
CA VAL A 289 -20.16 -5.45 -2.40
C VAL A 289 -19.97 -6.15 -1.05
N MET A 290 -19.23 -7.27 -1.07
CA MET A 290 -18.91 -8.08 0.10
C MET A 290 -18.16 -7.25 1.18
N LEU A 291 -17.12 -6.52 0.78
CA LEU A 291 -16.35 -5.67 1.69
C LEU A 291 -17.19 -4.55 2.30
N ARG A 292 -18.04 -3.87 1.51
CA ARG A 292 -18.94 -2.83 2.04
C ARG A 292 -19.88 -3.41 3.11
N GLU A 293 -20.36 -4.64 2.91
CA GLU A 293 -21.24 -5.29 3.86
C GLU A 293 -20.52 -5.73 5.11
N MET A 294 -19.30 -6.26 4.95
CA MET A 294 -18.47 -6.70 6.08
C MET A 294 -18.06 -5.51 6.95
N LEU A 295 -17.75 -4.36 6.33
CA LEU A 295 -17.35 -3.16 7.07
C LEU A 295 -18.53 -2.47 7.79
N ALA A 296 -19.75 -2.66 7.30
CA ALA A 296 -20.94 -2.05 7.92
C ALA A 296 -21.51 -2.88 9.07
N ASP A 297 -21.26 -4.20 9.08
CA ASP A 297 -21.80 -5.08 10.09
C ASP A 297 -20.73 -6.06 10.55
N PRO A 298 -20.33 -5.99 11.83
CA PRO A 298 -19.31 -6.92 12.34
C PRO A 298 -19.67 -8.39 12.29
N GLN A 299 -20.97 -8.71 12.29
CA GLN A 299 -21.42 -10.07 12.19
C GLN A 299 -21.25 -10.57 10.74
N ILE A 300 -21.47 -9.69 9.74
CA ILE A 300 -21.25 -10.01 8.32
C ILE A 300 -19.76 -10.26 8.05
N LYS A 301 -18.88 -9.49 8.72
CA LYS A 301 -17.44 -9.65 8.60
C LYS A 301 -17.01 -11.07 9.05
N ILE A 302 -17.63 -11.58 10.13
CA ILE A 302 -17.34 -12.92 10.63
C ILE A 302 -17.81 -13.98 9.63
N MET A 303 -19.05 -13.85 9.15
CA MET A 303 -19.62 -14.79 8.21
C MET A 303 -18.97 -14.84 6.83
N TYR A 304 -18.52 -13.69 6.32
CA TYR A 304 -18.00 -13.59 4.96
C TYR A 304 -16.47 -13.43 4.81
N SER A 305 -15.70 -13.45 5.91
CA SER A 305 -14.25 -13.28 5.83
C SER A 305 -13.54 -14.35 5.02
N ALA A 306 -13.91 -15.61 5.23
CA ALA A 306 -13.28 -16.70 4.51
C ALA A 306 -13.69 -16.67 3.03
N LYS A 307 -14.99 -16.42 2.72
CA LYS A 307 -15.46 -16.33 1.34
C LYS A 307 -14.77 -15.18 0.60
N TYR A 308 -14.57 -14.06 1.28
CA TYR A 308 -13.91 -12.89 0.72
C TYR A 308 -12.44 -13.21 0.41
N ALA A 309 -11.72 -13.80 1.40
CA ALA A 309 -10.32 -14.19 1.26
C ALA A 309 -10.13 -15.21 0.13
N ALA A 310 -11.01 -16.22 0.03
CA ALA A 310 -10.95 -17.25 -1.01
C ALA A 310 -11.13 -16.64 -2.42
N SER A 311 -11.97 -15.62 -2.56
CA SER A 311 -12.19 -14.97 -3.85
C SER A 311 -10.97 -14.14 -4.25
N GLN A 312 -10.33 -13.47 -3.27
CA GLN A 312 -9.17 -12.60 -3.47
C GLN A 312 -7.91 -13.32 -3.94
N ASN A 313 -7.68 -14.54 -3.50
CA ASN A 313 -6.46 -15.27 -3.84
C ASN A 313 -6.21 -15.40 -5.38
N ALA A 314 -7.17 -15.94 -6.16
CA ALA A 314 -6.99 -16.03 -7.61
C ALA A 314 -7.21 -14.67 -8.30
N TYR A 315 -7.91 -13.73 -7.64
CA TYR A 315 -8.08 -12.37 -8.12
C TYR A 315 -6.70 -11.70 -8.17
N LYS A 316 -5.92 -11.79 -7.07
CA LYS A 316 -4.58 -11.22 -7.00
C LYS A 316 -3.64 -11.88 -8.01
N ARG A 317 -3.79 -13.20 -8.22
CA ARG A 317 -2.98 -13.93 -9.17
C ARG A 317 -3.26 -13.40 -10.58
N ALA A 318 -4.55 -13.23 -10.93
CA ALA A 318 -4.94 -12.73 -12.24
C ALA A 318 -4.41 -11.31 -12.48
N ILE A 319 -4.38 -10.46 -11.45
CA ILE A 319 -3.84 -9.09 -11.52
C ILE A 319 -2.33 -9.16 -11.80
N GLY A 320 -1.62 -10.01 -11.07
CA GLY A 320 -0.19 -10.20 -11.28
C GLY A 320 0.15 -10.74 -12.65
N ALA A 321 -0.69 -11.66 -13.17
CA ALA A 321 -0.48 -12.29 -14.48
C ALA A 321 -0.73 -11.28 -15.58
N ASN A 322 -1.79 -10.47 -15.46
CA ASN A 322 -2.09 -9.44 -16.45
C ASN A 322 -1.05 -8.31 -16.44
N TRP A 323 -0.42 -8.04 -15.30
CA TRP A 323 0.65 -7.04 -15.23
C TRP A 323 1.84 -7.55 -16.07
N ALA A 324 2.15 -8.85 -16.00
CA ALA A 324 3.25 -9.43 -16.77
C ALA A 324 2.93 -9.39 -18.28
N ILE A 325 1.70 -9.74 -18.67
CA ILE A 325 1.31 -9.72 -20.08
C ILE A 325 1.44 -8.29 -20.64
N LYS A 326 1.03 -7.31 -19.85
CA LYS A 326 1.08 -5.91 -20.24
C LYS A 326 2.49 -5.31 -20.27
N THR A 327 3.35 -5.68 -19.30
CA THR A 327 4.66 -5.03 -19.19
C THR A 327 5.89 -5.87 -19.55
N ARG A 328 5.81 -7.20 -19.57
CA ARG A 328 6.98 -8.05 -19.82
C ARG A 328 7.02 -8.71 -21.19
N GLY A 329 6.13 -8.32 -22.08
CA GLY A 329 6.06 -8.83 -23.44
C GLY A 329 5.89 -10.33 -23.56
N LEU A 330 4.94 -10.92 -22.80
CA LEU A 330 4.74 -12.37 -22.86
C LEU A 330 4.19 -12.77 -24.20
N ARG A 331 3.23 -12.01 -24.72
CA ARG A 331 2.64 -12.30 -26.02
C ARG A 331 3.68 -12.26 -27.13
N GLN A 332 4.52 -11.23 -27.12
CA GLN A 332 5.58 -10.99 -28.10
C GLN A 332 6.61 -12.11 -28.08
N ASN A 333 7.03 -12.56 -26.89
CA ASN A 333 8.02 -13.61 -26.81
C ASN A 333 7.47 -14.96 -27.27
N LYS A 334 6.16 -15.21 -27.10
CA LYS A 334 5.57 -16.45 -27.61
C LYS A 334 5.48 -16.38 -29.14
N GLN A 335 5.15 -15.20 -29.68
CA GLN A 335 5.08 -14.94 -31.10
C GLN A 335 6.44 -15.15 -31.74
N ALA A 336 7.51 -14.65 -31.09
CA ALA A 336 8.88 -14.81 -31.59
C ALA A 336 9.31 -16.29 -31.58
N MET A 337 8.87 -17.04 -30.57
CA MET A 337 9.17 -18.46 -30.42
C MET A 337 8.55 -19.25 -31.57
N GLN A 338 7.26 -19.00 -31.85
CA GLN A 338 6.57 -19.70 -32.92
C GLN A 338 7.02 -19.23 -34.31
N ASP A 339 7.40 -17.95 -34.47
CA ASP A 339 7.88 -17.47 -35.77
C ASP A 339 9.23 -18.08 -36.13
N ARG A 340 10.07 -18.31 -35.13
CA ARG A 340 11.39 -18.90 -35.29
C ARG A 340 11.24 -20.40 -35.69
N LEU A 341 10.27 -21.11 -35.11
CA LEU A 341 10.03 -22.50 -35.48
C LEU A 341 9.48 -22.60 -36.91
N ILE A 342 8.57 -21.69 -37.28
CA ILE A 342 7.96 -21.64 -38.60
C ILE A 342 9.01 -21.39 -39.69
N ALA A 343 9.96 -20.48 -39.43
CA ALA A 343 11.03 -20.16 -40.37
C ALA A 343 11.96 -21.38 -40.54
N TRP A 344 12.26 -22.07 -39.43
CA TRP A 344 13.11 -23.25 -39.45
C TRP A 344 12.45 -24.41 -40.18
N GLY A 345 11.15 -24.55 -40.01
CA GLY A 345 10.38 -25.59 -40.69
C GLY A 345 10.31 -25.34 -42.17
N ALA A 346 10.22 -24.07 -42.59
CA ALA A 346 10.18 -23.68 -44.00
C ALA A 346 11.50 -24.05 -44.69
N LYS A 347 12.63 -23.93 -43.98
CA LYS A 347 13.94 -24.29 -44.50
C LYS A 347 14.13 -25.81 -44.51
N GLN A 348 13.65 -26.51 -43.47
CA GLN A 348 13.74 -27.98 -43.41
C GLN A 348 12.82 -28.69 -44.42
N GLY A 349 11.96 -27.95 -45.12
CA GLY A 349 11.00 -28.54 -46.04
C GLY A 349 9.81 -29.21 -45.37
N THR A 350 9.61 -28.97 -44.05
CA THR A 350 8.50 -29.58 -43.30
C THR A 350 7.49 -28.55 -42.84
N PRO A 351 6.32 -28.49 -43.48
CA PRO A 351 5.32 -27.49 -43.08
C PRO A 351 4.44 -27.85 -41.89
N ARG A 352 4.61 -29.04 -41.29
CA ARG A 352 3.74 -29.49 -40.19
C ARG A 352 3.75 -28.62 -38.92
N TYR A 353 4.84 -27.90 -38.65
CA TYR A 353 4.94 -27.05 -37.46
C TYR A 353 4.10 -25.79 -37.64
N GLU A 354 4.17 -25.19 -38.84
CA GLU A 354 3.39 -24.01 -39.17
C GLU A 354 1.89 -24.37 -39.18
N GLU A 355 1.57 -25.56 -39.72
CA GLU A 355 0.21 -26.08 -39.76
C GLU A 355 -0.31 -26.31 -38.35
N ALA A 356 0.55 -26.79 -37.44
CA ALA A 356 0.19 -27.01 -36.04
C ALA A 356 -0.12 -25.70 -35.31
N VAL A 357 0.72 -24.66 -35.50
CA VAL A 357 0.48 -23.35 -34.87
C VAL A 357 -0.82 -22.75 -35.43
N HIS A 358 -1.06 -22.89 -36.75
CA HIS A 358 -2.28 -22.43 -37.38
C HIS A 358 -3.52 -23.13 -36.78
N GLU A 359 -3.44 -24.45 -36.54
CA GLU A 359 -4.57 -25.17 -35.94
C GLU A 359 -4.91 -24.63 -34.57
N ILE A 360 -3.88 -24.31 -33.77
CA ILE A 360 -4.07 -23.75 -32.44
C ILE A 360 -4.75 -22.38 -32.52
N ASP A 361 -4.24 -21.48 -33.41
CA ASP A 361 -4.81 -20.14 -33.60
C ASP A 361 -6.27 -20.23 -34.06
N ALA A 362 -6.57 -21.09 -35.04
CA ALA A 362 -7.92 -21.23 -35.56
C ALA A 362 -8.88 -21.77 -34.50
N THR A 363 -8.40 -22.69 -33.64
CA THR A 363 -9.23 -23.27 -32.59
C THR A 363 -9.49 -22.22 -31.53
N VAL A 364 -8.48 -21.43 -31.15
CA VAL A 364 -8.63 -20.36 -30.18
C VAL A 364 -9.64 -19.32 -30.69
N ALA A 365 -9.50 -18.90 -31.97
CA ALA A 365 -10.41 -17.91 -32.56
C ALA A 365 -11.84 -18.43 -32.66
N LYS A 366 -12.03 -19.71 -33.01
CA LYS A 366 -13.35 -20.30 -33.12
C LYS A 366 -14.09 -20.41 -31.78
N ARG A 367 -13.38 -20.77 -30.68
CA ARG A 367 -14.05 -20.92 -29.37
C ARG A 367 -14.19 -19.63 -28.55
N ALA A 368 -13.77 -18.46 -29.08
CA ALA A 368 -13.80 -17.20 -28.33
C ALA A 368 -15.15 -16.82 -27.68
N ASP A 369 -16.25 -16.82 -28.45
CA ASP A 369 -17.56 -16.43 -27.92
C ASP A 369 -18.03 -17.38 -26.85
N LEU A 370 -17.91 -18.69 -27.09
CA LEU A 370 -18.30 -19.72 -26.13
C LEU A 370 -17.48 -19.63 -24.83
N ARG A 371 -16.14 -19.49 -24.94
CA ARG A 371 -15.26 -19.38 -23.77
C ARG A 371 -15.57 -18.09 -22.96
N ARG A 372 -15.94 -17.01 -23.65
CA ARG A 372 -16.32 -15.75 -23.00
C ARG A 372 -17.61 -15.98 -22.20
N ARG A 373 -18.59 -16.64 -22.81
CA ARG A 373 -19.85 -16.96 -22.13
C ARG A 373 -19.62 -17.92 -20.93
N TYR A 374 -18.66 -18.84 -21.03
CA TYR A 374 -18.36 -19.79 -19.96
C TYR A 374 -17.76 -19.07 -18.74
N TRP A 375 -16.72 -18.27 -18.97
CA TRP A 375 -16.08 -17.52 -17.89
C TRP A 375 -17.03 -16.50 -17.28
N MET A 376 -17.87 -15.89 -18.11
CA MET A 376 -18.87 -14.94 -17.63
C MET A 376 -19.85 -15.59 -16.67
N ILE A 377 -20.38 -16.77 -16.99
CA ILE A 377 -21.33 -17.45 -16.10
C ILE A 377 -20.63 -18.06 -14.88
N GLU A 378 -19.41 -18.59 -15.07
CA GLU A 378 -18.67 -19.22 -13.97
C GLU A 378 -18.23 -18.20 -12.93
N GLU A 379 -17.65 -17.09 -13.37
CA GLU A 379 -17.21 -16.03 -12.46
C GLU A 379 -18.38 -15.18 -11.97
N GLY A 380 -19.32 -14.88 -12.85
CA GLY A 380 -20.45 -14.05 -12.52
C GLY A 380 -21.52 -14.69 -11.67
N ILE A 381 -21.85 -15.95 -11.94
CA ILE A 381 -22.96 -16.61 -11.26
C ILE A 381 -22.58 -17.86 -10.46
N ILE A 382 -21.90 -18.85 -11.09
CA ILE A 382 -21.55 -20.10 -10.44
C ILE A 382 -20.73 -19.86 -9.17
N ARG A 383 -19.70 -19.01 -9.27
CA ARG A 383 -18.87 -18.60 -8.14
C ARG A 383 -19.40 -17.32 -7.49
N GLY A 384 -19.94 -16.42 -8.29
CA GLY A 384 -20.35 -15.10 -7.82
C GLY A 384 -21.58 -15.00 -6.95
N ILE A 385 -22.59 -15.85 -7.19
CA ILE A 385 -23.86 -15.78 -6.48
C ILE A 385 -24.14 -17.04 -5.68
N GLU A 386 -24.26 -16.92 -4.36
CA GLU A 386 -24.48 -18.08 -3.49
C GLU A 386 -25.77 -18.83 -3.75
N PHE A 387 -26.88 -18.12 -4.09
CA PHE A 387 -28.14 -18.84 -4.34
C PHE A 387 -28.14 -19.63 -5.67
N ALA A 388 -27.04 -19.56 -6.45
CA ALA A 388 -26.90 -20.41 -7.63
C ALA A 388 -26.67 -21.86 -7.15
N ARG A 389 -26.01 -22.04 -5.98
CA ARG A 389 -25.80 -23.36 -5.41
C ARG A 389 -26.83 -23.69 -4.33
N SER A 390 -28.06 -23.20 -4.51
CA SER A 390 -29.17 -23.52 -3.62
C SER A 390 -29.71 -24.92 -4.03
N PRO A 391 -30.52 -25.59 -3.18
CA PRO A 391 -30.98 -26.95 -3.53
C PRO A 391 -31.82 -27.11 -4.80
N ILE A 392 -31.43 -28.09 -5.62
CA ILE A 392 -32.18 -28.48 -6.81
C ILE A 392 -32.69 -29.90 -6.54
N PRO A 393 -34.02 -30.09 -6.46
CA PRO A 393 -34.55 -31.45 -6.19
C PRO A 393 -34.15 -32.45 -7.25
N THR A 394 -33.54 -33.56 -6.84
CA THR A 394 -33.10 -34.62 -7.76
C THR A 394 -34.28 -35.29 -8.51
N GLU A 395 -33.98 -36.10 -9.57
CA GLU A 395 -35.00 -36.85 -10.31
C GLU A 395 -35.74 -37.83 -9.38
N ASP A 396 -34.98 -38.47 -8.47
CA ASP A 396 -35.52 -39.42 -7.48
C ASP A 396 -36.29 -38.70 -6.37
N GLU A 397 -35.87 -37.48 -6.00
CA GLU A 397 -36.57 -36.68 -4.97
C GLU A 397 -37.92 -36.20 -5.52
N THR A 398 -37.95 -35.79 -6.80
CA THR A 398 -39.18 -35.38 -7.46
C THR A 398 -40.13 -36.59 -7.62
N LYS A 399 -39.57 -37.77 -7.93
CA LYS A 399 -40.35 -39.00 -8.08
C LYS A 399 -40.93 -39.42 -6.72
N ALA A 400 -40.14 -39.27 -5.64
CA ALA A 400 -40.57 -39.64 -4.30
C ALA A 400 -41.75 -38.79 -3.83
N LEU A 401 -41.72 -37.47 -4.10
CA LEU A 401 -42.80 -36.58 -3.68
C LEU A 401 -44.09 -36.72 -4.51
N GLN A 402 -44.00 -37.34 -5.70
CA GLN A 402 -45.17 -37.51 -6.57
C GLN A 402 -45.76 -38.92 -6.46
N ASP A 405 -46.46 -41.38 -3.09
CA ASP A 405 -47.35 -42.10 -2.18
C ASP A 405 -46.63 -43.26 -1.46
N ALA A 406 -45.87 -42.93 -0.40
CA ALA A 406 -45.09 -43.84 0.47
C ALA A 406 -44.39 -43.01 1.59
N SER A 407 -43.75 -43.65 2.61
CA SER A 407 -42.96 -42.89 3.60
C SER A 407 -41.66 -42.31 2.98
N ALA A 408 -41.38 -42.59 1.69
CA ALA A 408 -40.23 -42.07 0.96
C ALA A 408 -40.30 -40.54 0.74
N ARG A 409 -41.47 -39.93 1.02
CA ARG A 409 -41.73 -38.48 0.94
C ARG A 409 -40.99 -37.79 2.10
N LYS A 410 -41.09 -38.33 3.32
CA LYS A 410 -40.38 -37.78 4.47
C LYS A 410 -38.85 -37.94 4.34
N GLU A 411 -38.40 -38.94 3.56
CA GLU A 411 -36.98 -39.18 3.28
C GLU A 411 -36.49 -38.10 2.32
N ALA A 412 -37.30 -37.77 1.29
CA ALA A 412 -37.00 -36.75 0.28
C ALA A 412 -36.95 -35.37 0.93
N ILE A 413 -37.92 -35.06 1.80
CA ILE A 413 -37.96 -33.79 2.51
C ILE A 413 -36.78 -33.64 3.45
N ASP A 414 -36.34 -34.73 4.12
CA ASP A 414 -35.17 -34.65 5.00
C ASP A 414 -33.86 -34.46 4.21
N LYS A 415 -33.81 -34.98 2.97
CA LYS A 415 -32.64 -34.84 2.12
C LYS A 415 -32.58 -33.40 1.59
N ILE A 416 -33.74 -32.85 1.14
CA ILE A 416 -33.83 -31.48 0.66
C ILE A 416 -33.52 -30.51 1.80
N ARG A 417 -34.00 -30.80 3.02
CA ARG A 417 -33.77 -29.99 4.21
C ARG A 417 -32.30 -29.94 4.57
N THR A 418 -31.60 -31.09 4.50
CA THR A 418 -30.18 -31.16 4.82
C THR A 418 -29.37 -30.26 3.88
N ARG A 419 -29.72 -30.25 2.59
CA ARG A 419 -29.06 -29.43 1.58
C ARG A 419 -29.42 -27.96 1.76
N TYR A 420 -30.68 -27.67 2.14
CA TYR A 420 -31.09 -26.29 2.38
C TYR A 420 -30.33 -25.74 3.60
N SER A 421 -30.21 -26.55 4.65
CA SER A 421 -29.52 -26.17 5.87
C SER A 421 -28.03 -25.92 5.63
N LYS A 422 -27.42 -26.61 4.64
CA LYS A 422 -26.02 -26.41 4.31
C LYS A 422 -25.85 -25.13 3.48
N PHE A 423 -26.82 -24.81 2.61
CA PHE A 423 -26.81 -23.59 1.79
C PHE A 423 -27.04 -22.37 2.71
N ALA A 424 -28.14 -22.37 3.46
CA ALA A 424 -28.42 -21.28 4.38
C ALA A 424 -27.82 -21.62 5.74
N ASN A 425 -26.49 -21.67 5.83
CA ASN A 425 -25.81 -22.01 7.10
C ASN A 425 -25.57 -20.76 7.98
N LYS A 426 -24.81 -20.89 9.08
CA LYS A 426 -24.50 -19.77 9.97
C LYS A 426 -23.71 -18.65 9.30
N ASP A 427 -23.07 -18.93 8.16
CA ASP A 427 -22.29 -17.93 7.41
C ASP A 427 -23.05 -17.33 6.22
N TYR A 428 -24.28 -17.77 5.96
CA TYR A 428 -25.03 -17.28 4.82
C TYR A 428 -25.96 -16.11 5.16
N SER A 429 -25.82 -15.01 4.43
CA SER A 429 -26.72 -13.87 4.60
C SER A 429 -27.49 -13.68 3.30
N ALA A 430 -28.82 -13.84 3.34
CA ALA A 430 -29.69 -13.66 2.18
C ALA A 430 -29.66 -12.19 1.71
N GLU A 431 -29.53 -11.23 2.65
CA GLU A 431 -29.45 -9.81 2.32
C GLU A 431 -28.15 -9.47 1.60
N VAL A 432 -27.03 -10.00 2.08
CA VAL A 432 -25.73 -9.82 1.44
C VAL A 432 -25.74 -10.49 0.06
N ASP A 433 -26.28 -11.70 -0.02
CA ASP A 433 -26.39 -12.41 -1.28
C ASP A 433 -27.27 -11.72 -2.32
N LYS A 434 -28.37 -11.09 -1.89
CA LYS A 434 -29.22 -10.33 -2.81
C LYS A 434 -28.44 -9.11 -3.35
N LYS A 435 -27.66 -8.42 -2.51
CA LYS A 435 -26.88 -7.26 -2.96
C LYS A 435 -25.78 -7.71 -3.93
N VAL A 436 -25.10 -8.82 -3.62
CA VAL A 436 -24.07 -9.36 -4.51
C VAL A 436 -24.72 -9.76 -5.85
N ALA A 437 -25.82 -10.51 -5.80
CA ALA A 437 -26.51 -10.95 -7.02
C ALA A 437 -26.99 -9.79 -7.86
N VAL A 438 -27.50 -8.71 -7.25
CA VAL A 438 -27.97 -7.57 -8.03
C VAL A 438 -26.81 -6.94 -8.82
N ALA A 439 -25.64 -6.75 -8.19
CA ALA A 439 -24.50 -6.18 -8.89
C ALA A 439 -23.90 -7.15 -9.93
N MET A 440 -23.79 -8.44 -9.58
CA MET A 440 -23.25 -9.47 -10.47
C MET A 440 -24.14 -9.67 -11.70
N LEU A 441 -25.45 -9.79 -11.50
CA LEU A 441 -26.39 -9.99 -12.60
C LEU A 441 -26.51 -8.78 -13.49
N THR A 442 -26.41 -7.57 -12.93
CA THR A 442 -26.45 -6.34 -13.74
C THR A 442 -25.28 -6.34 -14.75
N GLU A 443 -24.08 -6.73 -14.29
CA GLU A 443 -22.92 -6.82 -15.16
C GLU A 443 -23.07 -7.96 -16.18
N TYR A 444 -23.54 -9.12 -15.70
CA TYR A 444 -23.75 -10.30 -16.54
C TYR A 444 -24.76 -10.03 -17.66
N LEU A 445 -25.90 -9.40 -17.34
CA LEU A 445 -26.95 -9.04 -18.29
C LEU A 445 -26.52 -7.99 -19.31
N LYS A 446 -25.55 -7.15 -18.93
CA LYS A 446 -24.94 -6.17 -19.80
C LYS A 446 -24.01 -6.86 -20.84
N GLU A 447 -23.34 -7.94 -20.44
CA GLU A 447 -22.36 -8.65 -21.28
C GLU A 447 -22.91 -9.77 -22.13
N ILE A 448 -23.92 -10.47 -21.62
CA ILE A 448 -24.50 -11.63 -22.30
C ILE A 448 -25.86 -11.28 -22.90
N PRO A 449 -26.01 -11.37 -24.23
CA PRO A 449 -27.29 -11.00 -24.86
C PRO A 449 -28.42 -11.96 -24.53
N TYR A 450 -29.66 -11.47 -24.62
CA TYR A 450 -30.90 -12.21 -24.36
C TYR A 450 -30.91 -13.64 -24.90
N GLU A 451 -30.55 -13.83 -26.18
CA GLU A 451 -30.56 -15.15 -26.81
C GLU A 451 -29.52 -16.12 -26.24
N ASN A 452 -28.51 -15.61 -25.54
CA ASN A 452 -27.47 -16.45 -24.92
C ASN A 452 -27.65 -16.61 -23.38
N LEU A 453 -28.70 -16.02 -22.80
CA LEU A 453 -28.94 -16.08 -21.37
C LEU A 453 -29.47 -17.42 -20.91
N PRO A 454 -29.14 -17.83 -19.66
CA PRO A 454 -29.84 -18.98 -19.07
C PRO A 454 -31.35 -18.63 -19.01
N LEU A 455 -32.21 -19.56 -19.47
CA LEU A 455 -33.65 -19.35 -19.62
C LEU A 455 -34.34 -18.49 -18.54
N HIS A 456 -34.07 -18.72 -17.24
CA HIS A 456 -34.69 -17.94 -16.18
C HIS A 456 -34.30 -16.46 -16.16
N LEU A 457 -33.09 -16.12 -16.63
CA LEU A 457 -32.64 -14.73 -16.66
C LEU A 457 -33.34 -13.91 -17.75
N ARG A 458 -33.98 -14.57 -18.72
CA ARG A 458 -34.81 -13.90 -19.72
C ARG A 458 -35.99 -13.17 -19.05
N LEU A 459 -36.41 -13.62 -17.85
CA LEU A 459 -37.48 -13.00 -17.07
C LEU A 459 -37.16 -11.58 -16.62
N VAL A 460 -35.87 -11.21 -16.52
CA VAL A 460 -35.50 -9.85 -16.13
C VAL A 460 -36.07 -8.83 -17.13
N LYS A 461 -35.94 -9.13 -18.43
CA LYS A 461 -36.49 -8.26 -19.47
C LYS A 461 -37.99 -8.52 -19.71
N ASP A 462 -38.38 -9.80 -19.82
CA ASP A 462 -39.75 -10.20 -20.13
C ASP A 462 -40.81 -9.93 -19.06
N ARG A 463 -40.49 -10.20 -17.79
CA ARG A 463 -41.44 -10.08 -16.70
C ARG A 463 -41.18 -8.91 -15.75
N PHE A 464 -39.90 -8.53 -15.55
CA PHE A 464 -39.58 -7.50 -14.56
C PHE A 464 -39.18 -6.15 -15.14
N ALA A 465 -39.45 -5.91 -16.44
CA ALA A 465 -39.12 -4.64 -17.11
C ALA A 465 -37.67 -4.17 -16.90
N GLY A 466 -36.73 -5.12 -16.88
CA GLY A 466 -35.31 -4.84 -16.72
C GLY A 466 -34.84 -4.54 -15.30
N ASP A 467 -35.74 -4.62 -14.31
CA ASP A 467 -35.39 -4.35 -12.92
C ASP A 467 -34.77 -5.61 -12.28
N VAL A 468 -33.43 -5.62 -12.16
CA VAL A 468 -32.69 -6.74 -11.58
C VAL A 468 -33.03 -6.88 -10.10
N GLN A 469 -33.14 -5.76 -9.38
CA GLN A 469 -33.48 -5.77 -7.96
C GLN A 469 -34.83 -6.46 -7.71
N ALA A 470 -35.84 -6.16 -8.54
CA ALA A 470 -37.18 -6.74 -8.42
C ALA A 470 -37.17 -8.23 -8.70
N TYR A 471 -36.41 -8.65 -9.69
CA TYR A 471 -36.26 -10.05 -10.06
C TYR A 471 -35.63 -10.83 -8.88
N VAL A 472 -34.55 -10.29 -8.30
CA VAL A 472 -33.87 -10.91 -7.17
C VAL A 472 -34.76 -10.92 -5.92
N ASP A 473 -35.49 -9.81 -5.66
CA ASP A 473 -36.42 -9.71 -4.53
C ASP A 473 -37.50 -10.78 -4.67
N ASP A 474 -38.03 -10.96 -5.88
CA ASP A 474 -39.08 -11.93 -6.15
C ASP A 474 -38.62 -13.38 -5.92
N ILE A 475 -37.35 -13.69 -6.27
CA ILE A 475 -36.78 -15.03 -6.06
C ILE A 475 -36.83 -15.39 -4.57
N PHE A 476 -36.42 -14.49 -3.70
CA PHE A 476 -36.41 -14.72 -2.26
C PHE A 476 -37.80 -14.64 -1.63
N ALA A 477 -38.65 -13.73 -2.11
CA ALA A 477 -39.98 -13.55 -1.55
C ALA A 477 -40.87 -14.77 -1.79
N ARG A 478 -40.74 -15.38 -2.96
CA ARG A 478 -41.60 -16.51 -3.33
C ARG A 478 -40.97 -17.89 -3.20
N SER A 479 -39.64 -17.96 -3.07
CA SER A 479 -38.97 -19.26 -2.99
C SER A 479 -39.11 -19.94 -1.65
N VAL A 480 -39.20 -21.26 -1.73
CA VAL A 480 -39.19 -22.22 -0.64
C VAL A 480 -37.85 -22.11 0.14
N PHE A 481 -36.75 -21.73 -0.53
CA PHE A 481 -35.45 -21.57 0.12
C PHE A 481 -35.09 -20.10 0.43
N GLY A 482 -36.07 -19.20 0.35
CA GLY A 482 -35.87 -17.78 0.61
C GLY A 482 -35.71 -17.43 2.09
N SER A 483 -36.21 -18.27 2.96
CA SER A 483 -36.14 -18.11 4.42
C SER A 483 -36.45 -19.44 5.11
N GLU A 484 -36.19 -19.54 6.42
CA GLU A 484 -36.46 -20.74 7.17
C GLU A 484 -37.96 -20.99 7.24
N ALA A 485 -38.76 -19.94 7.52
CA ALA A 485 -40.21 -20.04 7.60
C ALA A 485 -40.83 -20.48 6.28
N GLN A 486 -40.25 -20.04 5.16
CA GLN A 486 -40.73 -20.41 3.84
C GLN A 486 -40.42 -21.87 3.54
N PHE A 487 -39.27 -22.37 4.01
CA PHE A 487 -38.93 -23.78 3.81
C PHE A 487 -39.81 -24.65 4.66
N ASP A 488 -40.00 -24.30 5.94
CA ASP A 488 -40.84 -25.07 6.84
C ASP A 488 -42.29 -25.15 6.38
N ALA A 489 -42.81 -24.06 5.77
CA ALA A 489 -44.18 -24.09 5.24
C ALA A 489 -44.27 -25.07 4.08
N PHE A 490 -43.22 -25.15 3.26
CA PHE A 490 -43.17 -26.09 2.15
C PHE A 490 -43.06 -27.53 2.68
N ALA A 491 -42.16 -27.74 3.64
CA ALA A 491 -41.89 -29.04 4.24
C ALA A 491 -43.10 -29.65 4.91
N ALA A 492 -44.04 -28.82 5.41
CA ALA A 492 -45.26 -29.31 6.03
C ALA A 492 -46.26 -29.76 4.98
N VAL A 493 -46.36 -29.04 3.86
CA VAL A 493 -47.28 -29.38 2.77
C VAL A 493 -46.51 -29.39 1.44
N PRO A 494 -45.67 -30.42 1.20
CA PRO A 494 -44.86 -30.42 -0.02
C PRO A 494 -45.55 -30.95 -1.26
N SER A 495 -45.37 -30.24 -2.38
CA SER A 495 -45.90 -30.67 -3.66
C SER A 495 -44.83 -30.47 -4.74
N VAL A 496 -44.78 -31.39 -5.70
CA VAL A 496 -43.84 -31.33 -6.82
C VAL A 496 -44.06 -30.04 -7.65
N GLU A 497 -45.32 -29.63 -7.78
CA GLU A 497 -45.77 -28.47 -8.51
C GLU A 497 -45.14 -27.20 -7.96
N LYS A 498 -44.99 -27.12 -6.61
CA LYS A 498 -44.40 -25.98 -5.92
C LYS A 498 -42.92 -25.89 -6.25
N LEU A 499 -42.22 -27.03 -6.28
CA LEU A 499 -40.80 -27.07 -6.57
C LEU A 499 -40.52 -26.79 -8.05
N ALA A 500 -41.38 -27.31 -8.94
CA ALA A 500 -41.22 -27.11 -10.39
C ALA A 500 -41.37 -25.66 -10.83
N GLU A 501 -42.11 -24.86 -10.06
CA GLU A 501 -42.31 -23.44 -10.38
C GLU A 501 -41.55 -22.49 -9.42
N ASP A 502 -40.74 -23.04 -8.50
CA ASP A 502 -39.98 -22.23 -7.55
C ASP A 502 -38.95 -21.34 -8.26
N PRO A 503 -39.04 -20.01 -8.04
CA PRO A 503 -38.10 -19.09 -8.71
C PRO A 503 -36.61 -19.34 -8.44
N MET A 504 -36.26 -19.75 -7.20
CA MET A 504 -34.86 -20.04 -6.90
C MET A 504 -34.42 -21.33 -7.55
N VAL A 505 -35.26 -22.38 -7.52
CA VAL A 505 -34.95 -23.67 -8.15
C VAL A 505 -34.76 -23.47 -9.65
N LEU A 506 -35.67 -22.72 -10.29
CA LEU A 506 -35.62 -22.42 -11.72
C LEU A 506 -34.36 -21.63 -12.06
N PHE A 507 -33.97 -20.64 -11.23
CA PHE A 507 -32.74 -19.87 -11.44
C PHE A 507 -31.53 -20.82 -11.39
N ALA A 508 -31.38 -21.57 -10.28
CA ALA A 508 -30.27 -22.49 -10.07
C ALA A 508 -30.17 -23.54 -11.18
N SER A 509 -31.30 -24.12 -11.59
CA SER A 509 -31.35 -25.14 -12.64
C SER A 509 -30.95 -24.53 -13.97
N SER A 510 -31.50 -23.33 -14.28
CA SER A 510 -31.22 -22.59 -15.50
C SER A 510 -29.76 -22.23 -15.65
N VAL A 511 -29.13 -21.74 -14.57
CA VAL A 511 -27.74 -21.30 -14.67
C VAL A 511 -26.81 -22.52 -14.73
N PHE A 512 -27.15 -23.62 -14.05
CA PHE A 512 -26.33 -24.83 -14.13
C PHE A 512 -26.50 -25.53 -15.49
N ASP A 513 -27.67 -25.42 -16.11
CA ASP A 513 -27.92 -25.99 -17.43
C ASP A 513 -27.04 -25.27 -18.45
N GLU A 514 -27.00 -23.92 -18.40
CA GLU A 514 -26.20 -23.13 -19.34
C GLU A 514 -24.70 -23.37 -19.14
N TYR A 515 -24.26 -23.48 -17.90
CA TYR A 515 -22.88 -23.76 -17.52
C TYR A 515 -22.44 -25.12 -18.07
N ARG A 516 -23.30 -26.15 -17.99
CA ARG A 516 -22.99 -27.48 -18.52
C ARG A 516 -23.05 -27.52 -20.04
N LYS A 517 -24.01 -26.80 -20.65
CA LYS A 517 -24.13 -26.72 -22.10
C LYS A 517 -22.88 -26.08 -22.71
N LEU A 518 -22.37 -25.02 -22.06
CA LEU A 518 -21.17 -24.30 -22.52
C LEU A 518 -19.93 -25.17 -22.38
N TYR A 519 -19.79 -25.86 -21.23
CA TYR A 519 -18.69 -26.77 -20.98
C TYR A 519 -18.67 -27.88 -22.06
N ASN A 520 -19.83 -28.47 -22.35
CA ASN A 520 -19.96 -29.52 -23.38
C ASN A 520 -19.67 -29.02 -24.79
N GLU A 521 -20.04 -27.78 -25.11
CA GLU A 521 -19.74 -27.21 -26.42
C GLU A 521 -18.25 -26.85 -26.53
N LEU A 522 -17.59 -26.50 -25.42
CA LEU A 522 -16.19 -26.11 -25.44
C LEU A 522 -15.20 -27.28 -25.38
N ARG A 523 -15.57 -28.38 -24.71
CA ARG A 523 -14.74 -29.58 -24.56
C ARG A 523 -14.13 -30.09 -25.88
N PRO A 524 -14.90 -30.21 -27.00
CA PRO A 524 -14.29 -30.69 -28.25
C PRO A 524 -13.11 -29.88 -28.78
N TYR A 525 -12.97 -28.60 -28.37
CA TYR A 525 -11.88 -27.75 -28.83
C TYR A 525 -10.55 -28.05 -28.16
N ASP A 526 -10.54 -28.77 -27.03
CA ASP A 526 -9.28 -29.08 -26.34
C ASP A 526 -8.38 -30.03 -27.14
N ASP A 527 -8.98 -31.06 -27.74
CA ASP A 527 -8.25 -32.12 -28.44
C ASP A 527 -7.43 -31.64 -29.65
N PRO A 528 -7.97 -30.82 -30.59
CA PRO A 528 -7.14 -30.35 -31.71
C PRO A 528 -5.93 -29.56 -31.22
N ILE A 529 -6.08 -28.76 -30.13
CA ILE A 529 -5.00 -27.99 -29.54
C ILE A 529 -3.94 -28.92 -28.94
N LEU A 530 -4.38 -29.92 -28.17
CA LEU A 530 -3.46 -30.90 -27.58
C LEU A 530 -2.67 -31.65 -28.68
N ARG A 531 -3.35 -32.14 -29.72
CA ARG A 531 -2.67 -32.84 -30.82
C ARG A 531 -1.69 -31.92 -31.56
N ALA A 532 -2.09 -30.65 -31.80
CA ALA A 532 -1.20 -29.69 -32.47
C ALA A 532 0.00 -29.32 -31.58
N GLN A 533 -0.18 -29.31 -30.25
CA GLN A 533 0.92 -29.03 -29.30
C GLN A 533 1.97 -30.13 -29.29
N ARG A 534 1.57 -31.38 -29.56
CA ARG A 534 2.52 -32.48 -29.65
C ARG A 534 3.47 -32.23 -30.82
N THR A 535 2.92 -31.79 -31.97
CA THR A 535 3.74 -31.47 -33.15
C THR A 535 4.57 -30.21 -32.94
N TYR A 536 3.95 -29.16 -32.35
CA TYR A 536 4.61 -27.90 -32.05
C TYR A 536 5.83 -28.10 -31.11
N ILE A 537 5.64 -28.78 -29.97
CA ILE A 537 6.72 -28.99 -29.01
C ILE A 537 7.78 -29.94 -29.58
N ALA A 538 7.38 -30.91 -30.44
CA ALA A 538 8.36 -31.79 -31.09
C ALA A 538 9.30 -30.97 -31.97
N GLY A 539 8.76 -29.99 -32.69
CA GLY A 539 9.55 -29.10 -33.52
C GLY A 539 10.48 -28.22 -32.70
N LEU A 540 9.98 -27.63 -31.59
CA LEU A 540 10.79 -26.79 -30.72
C LEU A 540 11.96 -27.57 -30.15
N LEU A 541 11.72 -28.82 -29.75
CA LEU A 541 12.74 -29.73 -29.21
C LEU A 541 13.77 -30.12 -30.28
N GLU A 542 13.30 -30.45 -31.50
CA GLU A 542 14.18 -30.81 -32.61
C GLU A 542 15.05 -29.63 -33.04
N MET A 543 14.49 -28.42 -33.02
CA MET A 543 15.18 -27.21 -33.39
C MET A 543 16.20 -26.70 -32.36
N ASP A 544 15.77 -26.43 -31.11
CA ASP A 544 16.66 -25.85 -30.11
C ASP A 544 17.15 -26.81 -29.02
N GLY A 545 16.72 -28.05 -29.07
CA GLY A 545 17.12 -29.07 -28.13
C GLY A 545 16.37 -29.06 -26.81
N ASP A 546 16.38 -30.24 -26.14
CA ASP A 546 15.79 -30.46 -24.81
C ASP A 546 16.87 -30.07 -23.78
N GLN A 547 17.44 -28.87 -23.96
CA GLN A 547 18.54 -28.38 -23.14
C GLN A 547 18.19 -27.06 -22.51
N ASP A 548 17.65 -26.11 -23.28
CA ASP A 548 17.28 -24.81 -22.70
C ASP A 548 15.76 -24.55 -22.67
N GLN A 549 14.94 -25.58 -22.97
CA GLN A 549 13.49 -25.51 -22.84
C GLN A 549 12.97 -26.72 -22.06
N PHE A 550 12.45 -26.43 -20.86
CA PHE A 550 12.00 -27.40 -19.88
C PHE A 550 10.61 -27.92 -20.20
N PRO A 551 10.28 -29.17 -19.82
CA PRO A 551 8.92 -29.66 -20.06
C PRO A 551 7.96 -29.02 -19.07
N ASP A 552 6.72 -28.69 -19.50
CA ASP A 552 5.73 -28.11 -18.58
C ASP A 552 5.58 -28.93 -17.27
N ALA A 553 5.35 -28.25 -16.16
CA ALA A 553 5.12 -28.91 -14.88
C ALA A 553 3.87 -29.81 -14.98
N ASN A 554 3.90 -31.00 -14.35
CA ASN A 554 2.77 -31.93 -14.38
C ASN A 554 2.69 -32.76 -13.08
N LEU A 555 3.00 -32.12 -11.95
CA LEU A 555 3.03 -32.70 -10.62
C LEU A 555 4.05 -33.84 -10.48
N THR A 556 5.17 -33.73 -11.17
CA THR A 556 6.26 -34.68 -11.06
C THR A 556 7.50 -33.97 -10.51
N LEU A 557 8.44 -34.77 -9.98
CA LEU A 557 9.66 -34.28 -9.36
C LEU A 557 10.55 -33.51 -10.32
N ARG A 558 10.89 -32.27 -9.95
CA ARG A 558 11.73 -31.42 -10.77
C ARG A 558 12.75 -30.71 -9.91
N PHE A 559 13.84 -30.26 -10.54
CA PHE A 559 14.80 -29.43 -9.86
C PHE A 559 14.89 -28.09 -10.56
N THR A 560 15.22 -27.08 -9.80
CA THR A 560 15.42 -25.72 -10.29
C THR A 560 16.58 -25.13 -9.52
N TYR A 561 17.33 -24.24 -10.16
CA TYR A 561 18.48 -23.62 -9.51
C TYR A 561 18.52 -22.15 -9.86
N GLY A 562 19.14 -21.37 -8.97
CA GLY A 562 19.30 -19.94 -9.16
C GLY A 562 20.18 -19.37 -8.08
N GLN A 563 19.94 -18.13 -7.70
CA GLN A 563 20.71 -17.45 -6.68
C GLN A 563 19.83 -16.71 -5.70
N VAL A 564 20.34 -16.49 -4.48
CA VAL A 564 19.67 -15.72 -3.44
C VAL A 564 19.83 -14.26 -3.89
N LYS A 565 18.74 -13.64 -4.35
CA LYS A 565 18.82 -12.31 -4.92
C LYS A 565 17.49 -11.56 -4.80
N GLY A 566 17.56 -10.29 -4.44
CA GLY A 566 16.39 -9.43 -4.41
C GLY A 566 16.06 -8.89 -5.79
N TYR A 567 15.25 -7.84 -5.87
CA TYR A 567 14.84 -7.26 -7.14
C TYR A 567 14.21 -5.87 -6.93
N SER A 568 14.11 -5.09 -8.02
CA SER A 568 13.47 -3.77 -8.03
C SER A 568 12.04 -3.87 -8.55
N PRO A 569 11.02 -3.74 -7.68
CA PRO A 569 9.63 -3.87 -8.15
C PRO A 569 9.14 -2.69 -9.02
N ARG A 570 9.68 -1.50 -8.78
CA ARG A 570 9.31 -0.26 -9.46
C ARG A 570 10.44 0.76 -9.30
N ASP A 571 10.35 1.88 -10.05
CA ASP A 571 11.31 2.98 -10.06
C ASP A 571 11.70 3.44 -8.66
N ASN A 572 13.00 3.41 -8.37
CA ASN A 572 13.57 3.87 -7.11
C ASN A 572 13.28 2.98 -5.89
N VAL A 573 12.77 1.78 -6.09
CA VAL A 573 12.47 0.87 -4.98
C VAL A 573 13.24 -0.44 -5.14
N TYR A 574 13.96 -0.86 -4.09
CA TYR A 574 14.67 -2.13 -4.12
C TYR A 574 14.28 -2.98 -2.93
N TYR A 575 13.97 -4.26 -3.19
CA TYR A 575 13.64 -5.23 -2.17
C TYR A 575 14.86 -6.13 -2.10
N GLY A 576 15.52 -6.17 -0.95
CA GLY A 576 16.69 -7.03 -0.78
C GLY A 576 16.37 -8.53 -0.76
N HIS A 577 17.40 -9.34 -0.62
CA HIS A 577 17.28 -10.79 -0.64
C HIS A 577 16.88 -11.43 0.68
N GLN A 578 16.88 -10.69 1.80
CA GLN A 578 16.65 -11.29 3.11
C GLN A 578 15.83 -10.44 4.08
N THR A 579 14.83 -11.04 4.75
CA THR A 579 14.09 -10.33 5.79
C THR A 579 14.60 -10.78 7.16
N THR A 580 14.40 -9.95 8.18
CA THR A 580 14.87 -10.23 9.52
C THR A 580 13.70 -10.18 10.52
N LEU A 581 13.94 -10.63 11.77
CA LEU A 581 12.97 -10.59 12.86
C LEU A 581 12.51 -9.16 13.19
N ASP A 582 13.33 -8.15 12.85
CA ASP A 582 13.00 -6.73 12.98
C ASP A 582 11.74 -6.41 12.18
N GLY A 583 11.64 -6.99 10.98
CA GLY A 583 10.53 -6.78 10.09
C GLY A 583 9.22 -7.31 10.62
N VAL A 584 9.30 -8.36 11.44
CA VAL A 584 8.14 -8.94 12.11
C VAL A 584 7.65 -7.90 13.14
N MET A 585 8.59 -7.37 13.94
CA MET A 585 8.31 -6.39 14.99
C MET A 585 7.76 -5.07 14.44
N GLU A 586 8.26 -4.62 13.28
CA GLU A 586 7.76 -3.42 12.61
C GLU A 586 6.29 -3.61 12.17
N LYS A 587 5.92 -4.84 11.78
CA LYS A 587 4.57 -5.16 11.33
C LYS A 587 3.57 -5.49 12.44
N GLU A 588 4.04 -5.64 13.69
CA GLU A 588 3.16 -5.98 14.82
C GLU A 588 1.99 -5.00 15.00
N ASP A 589 0.77 -5.54 15.11
CA ASP A 589 -0.47 -4.82 15.33
C ASP A 589 -1.32 -5.72 16.20
N PRO A 590 -1.36 -5.48 17.52
CA PRO A 590 -2.12 -6.38 18.41
C PRO A 590 -3.63 -6.42 18.13
N ASP A 591 -4.19 -5.36 17.54
CA ASP A 591 -5.61 -5.33 17.24
C ASP A 591 -5.95 -5.73 15.79
N ASN A 592 -5.06 -6.51 15.15
CA ASN A 592 -5.21 -7.03 13.80
C ASN A 592 -4.71 -8.46 13.88
N TRP A 593 -5.63 -9.44 13.94
CA TRP A 593 -5.35 -10.87 14.09
C TRP A 593 -4.25 -11.41 13.18
N GLU A 594 -4.08 -10.80 12.00
CA GLU A 594 -3.08 -11.23 11.03
C GLU A 594 -1.67 -10.86 11.50
N PHE A 595 -1.50 -9.68 12.10
CA PHE A 595 -0.17 -9.22 12.48
C PHE A 595 0.09 -9.24 13.97
N VAL A 596 -0.46 -10.23 14.70
CA VAL A 596 -0.16 -10.37 16.12
C VAL A 596 1.17 -11.12 16.27
N VAL A 597 1.99 -10.71 17.22
CA VAL A 597 3.30 -11.31 17.42
C VAL A 597 3.28 -12.16 18.70
N ASP A 598 3.73 -13.42 18.58
CA ASP A 598 3.81 -14.36 19.68
C ASP A 598 4.70 -13.79 20.78
N PRO A 599 4.19 -13.79 22.02
CA PRO A 599 4.96 -13.19 23.13
C PRO A 599 6.33 -13.83 23.36
N LYS A 600 6.46 -15.15 23.17
CA LYS A 600 7.74 -15.83 23.35
C LYS A 600 8.75 -15.36 22.30
N LEU A 601 8.28 -15.15 21.05
CA LEU A 601 9.09 -14.67 19.95
C LEU A 601 9.48 -13.20 20.14
N LYS A 602 8.54 -12.38 20.63
CA LYS A 602 8.81 -10.97 20.90
C LYS A 602 9.94 -10.82 21.96
N ALA A 603 9.91 -11.68 22.99
CA ALA A 603 10.93 -11.68 24.05
C ALA A 603 12.27 -12.19 23.54
N VAL A 604 12.28 -13.17 22.61
CA VAL A 604 13.52 -13.67 21.98
C VAL A 604 14.18 -12.51 21.23
N TYR A 605 13.39 -11.72 20.51
CA TYR A 605 13.87 -10.55 19.77
C TYR A 605 14.43 -9.47 20.73
N GLU A 606 13.71 -9.20 21.83
CA GLU A 606 14.14 -8.18 22.79
C GLU A 606 15.43 -8.58 23.50
N ARG A 607 15.52 -9.85 23.94
CA ARG A 607 16.70 -10.39 24.61
C ARG A 607 17.85 -10.73 23.65
N LYS A 608 17.57 -10.74 22.32
CA LYS A 608 18.50 -11.14 21.26
C LYS A 608 19.03 -12.54 21.50
N ASP A 609 18.14 -13.44 21.98
CA ASP A 609 18.46 -14.83 22.29
C ASP A 609 18.41 -15.62 20.99
N PHE A 610 19.36 -15.33 20.10
CA PHE A 610 19.41 -15.92 18.76
C PHE A 610 20.37 -17.08 18.61
N GLY A 611 21.21 -17.33 19.62
CA GLY A 611 22.16 -18.42 19.62
C GLY A 611 23.04 -18.47 18.39
N ARG A 612 23.21 -19.67 17.81
CA ARG A 612 23.98 -19.86 16.59
C ARG A 612 23.17 -19.58 15.29
N TYR A 613 21.87 -19.26 15.42
CA TYR A 613 20.96 -19.03 14.32
C TYR A 613 21.01 -17.63 13.73
N ALA A 614 21.65 -16.66 14.44
CA ALA A 614 21.73 -15.29 13.92
C ALA A 614 22.77 -15.17 12.81
N ASP A 615 22.66 -14.15 11.96
CA ASP A 615 23.67 -13.92 10.93
C ASP A 615 24.94 -13.27 11.53
N ARG A 616 26.00 -13.12 10.72
CA ARG A 616 27.28 -12.54 11.15
C ARG A 616 27.12 -11.18 11.87
N SER A 617 26.17 -10.34 11.40
CA SER A 617 25.95 -9.03 12.04
C SER A 617 25.11 -9.07 13.32
N GLY A 618 24.66 -10.25 13.73
CA GLY A 618 23.84 -10.41 14.94
C GLY A 618 22.35 -10.21 14.70
N ARG A 619 21.94 -10.05 13.43
CA ARG A 619 20.54 -9.89 13.06
C ARG A 619 19.90 -11.27 12.91
N MET A 620 18.61 -11.40 13.25
CA MET A 620 17.96 -12.71 13.15
C MET A 620 17.24 -12.89 11.83
N PRO A 621 17.75 -13.74 10.92
CA PRO A 621 17.08 -13.93 9.62
C PRO A 621 15.73 -14.61 9.72
N VAL A 622 14.78 -14.22 8.85
CA VAL A 622 13.45 -14.83 8.85
C VAL A 622 13.20 -15.57 7.53
N ALA A 623 13.34 -14.85 6.42
CA ALA A 623 13.05 -15.39 5.11
C ALA A 623 14.02 -14.83 4.08
N PHE A 624 14.12 -15.48 2.94
CA PHE A 624 14.93 -15.00 1.84
C PHE A 624 14.23 -15.30 0.52
N CYS A 625 14.69 -14.70 -0.56
CA CYS A 625 14.12 -14.98 -1.87
C CYS A 625 15.21 -15.39 -2.85
N ALA A 626 14.83 -16.15 -3.88
CA ALA A 626 15.80 -16.66 -4.86
C ALA A 626 15.26 -16.66 -6.28
N THR A 627 16.16 -16.67 -7.27
CA THR A 627 15.79 -16.68 -8.68
C THR A 627 15.44 -18.08 -9.22
N THR A 628 15.12 -19.02 -8.33
CA THR A 628 14.67 -20.36 -8.68
C THR A 628 13.26 -20.24 -9.31
N HIS A 629 12.93 -21.19 -10.19
CA HIS A 629 11.66 -21.17 -10.88
C HIS A 629 10.70 -22.17 -10.24
N THR A 630 9.74 -21.66 -9.48
CA THR A 630 8.76 -22.47 -8.78
C THR A 630 7.34 -22.06 -9.14
N THR A 631 6.37 -22.92 -8.80
CA THR A 631 4.94 -22.70 -8.98
C THR A 631 4.16 -23.51 -7.91
N GLY A 632 2.82 -23.42 -7.90
CA GLY A 632 1.96 -24.22 -7.02
C GLY A 632 2.33 -25.70 -7.07
N GLY A 633 2.49 -26.30 -5.91
CA GLY A 633 2.99 -27.66 -5.78
C GLY A 633 4.37 -27.64 -5.14
N ASN A 634 5.12 -26.52 -5.27
CA ASN A 634 6.44 -26.34 -4.69
C ASN A 634 6.42 -25.89 -3.22
N SER A 635 5.23 -25.64 -2.65
CA SER A 635 5.11 -25.30 -1.23
C SER A 635 5.73 -26.40 -0.37
N GLY A 636 6.63 -26.05 0.51
CA GLY A 636 7.31 -26.95 1.42
C GLY A 636 8.60 -27.53 0.88
N SER A 637 8.97 -27.19 -0.37
CA SER A 637 10.17 -27.72 -1.04
C SER A 637 11.44 -27.42 -0.30
N PRO A 638 12.37 -28.38 -0.28
CA PRO A 638 13.67 -28.09 0.36
C PRO A 638 14.49 -27.15 -0.52
N VAL A 639 15.13 -26.16 0.13
CA VAL A 639 16.02 -25.24 -0.56
C VAL A 639 17.43 -25.65 -0.12
N MET A 640 18.29 -25.94 -1.09
CA MET A 640 19.65 -26.38 -0.86
C MET A 640 20.70 -25.34 -1.23
N ASN A 641 21.79 -25.42 -0.48
CA ASN A 641 23.11 -24.80 -0.58
C ASN A 641 23.82 -25.32 -1.83
N ALA A 642 25.01 -24.75 -2.11
CA ALA A 642 25.92 -25.28 -3.12
C ALA A 642 26.39 -26.72 -2.70
N ASN A 643 26.36 -27.05 -1.40
CA ASN A 643 26.73 -28.37 -0.87
C ASN A 643 25.55 -29.31 -0.63
N GLY A 644 24.33 -28.93 -1.03
CA GLY A 644 23.16 -29.76 -0.83
C GLY A 644 22.58 -29.74 0.57
N GLU A 645 23.06 -28.85 1.44
CA GLU A 645 22.54 -28.75 2.78
C GLU A 645 21.29 -27.88 2.77
N LEU A 646 20.35 -28.17 3.66
CA LEU A 646 19.10 -27.43 3.76
C LEU A 646 19.32 -26.05 4.34
N ILE A 647 18.94 -25.01 3.58
CA ILE A 647 19.01 -23.60 3.99
C ILE A 647 17.62 -22.94 4.13
N GLY A 648 16.56 -23.64 3.74
CA GLY A 648 15.21 -23.13 3.87
C GLY A 648 14.16 -24.00 3.24
N LEU A 649 12.91 -23.51 3.28
CA LEU A 649 11.76 -24.17 2.68
C LEU A 649 11.05 -23.15 1.85
N ASN A 650 10.77 -23.47 0.61
CA ASN A 650 9.98 -22.59 -0.24
C ASN A 650 8.53 -22.58 0.28
N PHE A 651 7.87 -21.41 0.32
CA PHE A 651 6.49 -21.35 0.81
C PHE A 651 5.57 -20.44 -0.01
N ASP A 652 6.12 -19.61 -0.89
CA ASP A 652 5.33 -18.74 -1.74
C ASP A 652 6.17 -18.21 -2.92
N ARG A 653 5.59 -17.33 -3.74
CA ARG A 653 6.24 -16.63 -4.83
C ARG A 653 5.57 -15.23 -4.93
N ASN A 654 6.33 -14.20 -5.29
CA ASN A 654 5.78 -12.84 -5.35
C ASN A 654 4.81 -12.67 -6.53
N TRP A 655 3.80 -11.81 -6.40
CA TRP A 655 2.80 -11.60 -7.44
C TRP A 655 3.40 -11.14 -8.77
N GLU A 656 4.50 -10.39 -8.71
CA GLU A 656 5.18 -9.93 -9.92
C GLU A 656 5.71 -11.08 -10.78
N GLY A 657 5.92 -12.25 -10.19
CA GLY A 657 6.41 -13.41 -10.91
C GLY A 657 5.40 -14.46 -11.24
N VAL A 658 4.06 -14.23 -10.98
CA VAL A 658 3.08 -15.26 -11.28
C VAL A 658 2.93 -15.52 -12.81
N GLY A 659 3.24 -14.52 -13.65
CA GLY A 659 3.28 -14.74 -15.10
C GLY A 659 4.38 -15.72 -15.53
N GLY A 660 5.27 -16.08 -14.58
CA GLY A 660 6.36 -17.02 -14.72
C GLY A 660 5.93 -18.41 -15.10
N ASP A 661 4.62 -18.74 -14.91
CA ASP A 661 4.07 -20.02 -15.38
C ASP A 661 4.06 -20.10 -16.92
N ILE A 662 4.07 -18.95 -17.61
CA ILE A 662 4.08 -18.86 -19.06
C ILE A 662 5.51 -18.43 -19.49
N GLN A 663 6.11 -17.46 -18.80
CA GLN A 663 7.43 -16.97 -19.14
C GLN A 663 8.15 -16.55 -17.88
N TYR A 664 9.25 -17.23 -17.55
CA TYR A 664 10.07 -16.90 -16.40
C TYR A 664 10.52 -15.41 -16.45
N LEU A 665 10.44 -14.69 -15.34
CA LEU A 665 10.75 -13.26 -15.31
C LEU A 665 11.98 -13.01 -14.48
N ALA A 666 13.16 -13.08 -15.07
CA ALA A 666 14.43 -12.95 -14.37
C ALA A 666 14.55 -11.75 -13.44
N ASP A 667 14.04 -10.58 -13.85
CA ASP A 667 14.18 -9.37 -13.04
C ASP A 667 13.07 -9.17 -12.02
N TYR A 668 12.05 -10.05 -11.95
CA TYR A 668 10.95 -9.87 -11.01
C TYR A 668 10.54 -11.10 -10.23
N GLN A 669 10.56 -12.27 -10.88
CA GLN A 669 10.13 -13.53 -10.29
C GLN A 669 11.07 -14.08 -9.23
N ARG A 670 10.53 -14.31 -8.02
CA ARG A 670 11.31 -14.88 -6.93
C ARG A 670 10.53 -15.94 -6.15
N SER A 671 11.24 -16.97 -5.65
CA SER A 671 10.66 -17.95 -4.75
C SER A 671 10.83 -17.37 -3.36
N ILE A 672 9.77 -17.38 -2.55
CA ILE A 672 9.78 -16.84 -1.18
C ILE A 672 10.03 -18.02 -0.28
N ILE A 673 11.15 -17.99 0.46
CA ILE A 673 11.65 -19.10 1.26
C ILE A 673 11.81 -18.77 2.74
N VAL A 674 11.38 -19.66 3.67
CA VAL A 674 11.59 -19.42 5.09
C VAL A 674 12.98 -19.93 5.43
N ASP A 675 13.82 -19.06 6.01
CA ASP A 675 15.20 -19.40 6.36
C ASP A 675 15.20 -20.52 7.38
N ILE A 676 16.05 -21.54 7.19
CA ILE A 676 16.11 -22.66 8.14
C ILE A 676 16.61 -22.25 9.52
N ARG A 677 17.38 -21.14 9.60
CA ARG A 677 17.86 -20.60 10.88
C ARG A 677 16.68 -20.12 11.73
N TYR A 678 15.66 -19.53 11.08
CA TYR A 678 14.44 -19.07 11.73
C TYR A 678 13.59 -20.28 12.17
N VAL A 679 13.51 -21.34 11.33
CA VAL A 679 12.80 -22.59 11.64
C VAL A 679 13.38 -23.19 12.91
N LEU A 680 14.73 -23.32 12.97
CA LEU A 680 15.42 -23.89 14.11
C LEU A 680 15.31 -23.00 15.35
N LEU A 681 15.20 -21.66 15.17
CA LEU A 681 15.01 -20.71 16.28
C LEU A 681 13.63 -20.93 16.88
N VAL A 682 12.60 -21.10 16.06
CA VAL A 682 11.24 -21.28 16.56
C VAL A 682 11.09 -22.61 17.29
N ILE A 683 11.63 -23.70 16.73
CA ILE A 683 11.60 -25.03 17.38
C ILE A 683 12.29 -24.94 18.76
N ASP A 684 13.45 -24.28 18.80
CA ASP A 684 14.29 -24.11 20.00
C ASP A 684 13.75 -23.13 21.04
N LYS A 685 13.55 -21.88 20.69
CA LYS A 685 13.17 -20.83 21.62
C LYS A 685 11.69 -20.61 21.80
N VAL A 686 10.85 -21.11 20.88
CA VAL A 686 9.41 -20.93 21.02
C VAL A 686 8.74 -22.26 21.41
N GLY A 687 9.17 -23.35 20.80
CA GLY A 687 8.62 -24.66 21.10
C GLY A 687 9.34 -25.40 22.22
N GLY A 688 10.62 -25.09 22.40
CA GLY A 688 11.47 -25.75 23.39
C GLY A 688 11.68 -27.22 23.09
N CYS A 689 11.51 -27.62 21.83
CA CYS A 689 11.59 -29.02 21.43
C CYS A 689 13.00 -29.44 21.04
N GLN A 690 13.90 -29.48 22.02
CA GLN A 690 15.31 -29.84 21.85
C GLN A 690 15.52 -31.21 21.18
N ARG A 691 14.64 -32.17 21.46
CA ARG A 691 14.77 -33.51 20.88
C ARG A 691 14.77 -33.49 19.34
N LEU A 692 14.06 -32.53 18.73
CA LEU A 692 14.01 -32.40 17.27
C LEU A 692 15.33 -31.85 16.73
N LEU A 693 15.95 -30.92 17.47
CA LEU A 693 17.24 -30.37 17.10
C LEU A 693 18.30 -31.47 17.21
N ASP A 694 18.27 -32.26 18.31
CA ASP A 694 19.23 -33.33 18.56
C ASP A 694 19.21 -34.44 17.50
N GLU A 695 18.03 -34.78 16.95
CA GLU A 695 17.95 -35.83 15.93
C GLU A 695 18.32 -35.38 14.52
N MET A 696 18.37 -34.07 14.28
CA MET A 696 18.80 -33.53 12.99
C MET A 696 20.33 -33.49 12.94
N ASN A 697 20.92 -33.60 11.74
CA ASN A 697 22.37 -33.46 11.59
C ASN A 697 22.66 -32.02 11.19
N ILE A 698 23.00 -31.19 12.17
CA ILE A 698 23.28 -29.78 11.99
C ILE A 698 24.77 -29.52 11.74
N VAL A 699 25.10 -28.96 10.56
CA VAL A 699 26.48 -28.69 10.20
C VAL A 699 26.84 -27.24 10.53
N PRO A 700 28.07 -27.01 11.03
CA PRO A 700 28.48 -25.63 11.40
C PRO A 700 28.35 -24.59 10.29
N GLU B 3 20.99 18.24 10.34
CA GLU B 3 20.13 18.21 11.54
C GLU B 3 19.43 19.52 11.87
N GLY B 4 19.93 20.68 11.44
CA GLY B 4 19.28 21.94 11.84
C GLY B 4 18.81 22.96 10.82
N MET B 5 18.10 24.00 11.30
CA MET B 5 17.62 25.13 10.51
C MET B 5 18.32 26.34 11.11
N TRP B 6 19.46 26.64 10.54
CA TRP B 6 20.39 27.62 11.06
C TRP B 6 20.15 29.03 10.65
N LEU B 7 20.37 29.95 11.58
CA LEU B 7 20.32 31.37 11.32
C LEU B 7 21.45 31.73 10.35
N MET B 8 21.29 32.80 9.54
CA MET B 8 22.35 33.22 8.63
C MET B 8 23.63 33.59 9.41
N GLN B 9 23.47 34.20 10.60
CA GLN B 9 24.53 34.58 11.56
C GLN B 9 25.38 33.35 11.95
N GLN B 10 24.76 32.16 11.96
CA GLN B 10 25.45 30.94 12.33
C GLN B 10 26.22 30.29 11.17
N LEU B 11 26.26 30.90 9.97
CA LEU B 11 27.03 30.36 8.84
C LEU B 11 28.54 30.31 9.15
N GLY B 12 29.10 31.37 9.75
CA GLY B 12 30.52 31.39 10.12
C GLY B 12 30.93 30.22 10.99
N ARG B 13 30.11 29.92 12.00
CA ARG B 13 30.31 28.84 12.96
C ARG B 13 30.11 27.43 12.35
N LYS B 14 29.38 27.35 11.26
CA LYS B 14 29.09 26.07 10.61
C LYS B 14 29.91 25.80 9.35
N TYR B 15 30.47 26.85 8.73
CA TYR B 15 31.21 26.82 7.48
C TYR B 15 32.26 25.72 7.38
N ALA B 16 33.09 25.53 8.42
CA ALA B 16 34.12 24.48 8.43
C ALA B 16 33.53 23.08 8.31
N GLN B 17 32.38 22.83 8.97
CA GLN B 17 31.69 21.55 8.88
C GLN B 17 31.09 21.36 7.48
N MET B 18 30.50 22.43 6.93
CA MET B 18 29.90 22.39 5.61
C MET B 18 30.96 22.13 4.55
N LYS B 19 32.15 22.75 4.69
CA LYS B 19 33.26 22.55 3.78
C LYS B 19 33.76 21.11 3.83
N GLU B 20 33.87 20.54 5.05
CA GLU B 20 34.26 19.14 5.21
C GLU B 20 33.18 18.18 4.62
N ARG B 21 31.90 18.61 4.61
CA ARG B 21 30.84 17.81 4.00
C ARG B 21 30.75 17.97 2.45
N GLY B 22 31.54 18.87 1.87
CA GLY B 22 31.54 19.05 0.43
C GLY B 22 31.32 20.44 -0.12
N LEU B 23 31.01 21.43 0.75
CA LEU B 23 30.78 22.81 0.27
C LEU B 23 32.03 23.40 -0.37
N LYS B 24 31.91 23.92 -1.60
CA LYS B 24 33.05 24.49 -2.31
C LYS B 24 33.01 26.03 -2.40
N MET B 25 31.83 26.65 -2.24
CA MET B 25 31.76 28.09 -2.40
C MET B 25 32.32 28.86 -1.18
N LYS B 26 32.79 30.10 -1.42
CA LYS B 26 33.31 30.94 -0.36
C LYS B 26 32.13 31.35 0.55
N GLU B 27 32.39 31.46 1.86
CA GLU B 27 31.40 31.80 2.88
C GLU B 27 30.57 33.03 2.54
N TYR B 28 31.23 34.14 2.15
CA TYR B 28 30.54 35.40 1.85
C TYR B 28 29.84 35.40 0.50
N ASP B 29 30.12 34.43 -0.39
CA ASP B 29 29.37 34.30 -1.65
C ASP B 29 27.98 33.69 -1.36
N LEU B 30 27.84 32.93 -0.25
CA LEU B 30 26.59 32.31 0.17
C LEU B 30 25.82 33.31 1.08
N TYR B 31 26.51 33.85 2.08
CA TYR B 31 25.92 34.85 2.96
C TYR B 31 26.95 35.86 3.41
N ASN B 32 26.66 37.12 3.10
CA ASN B 32 27.50 38.22 3.45
C ASN B 32 26.63 39.24 4.20
N PRO B 33 26.96 39.51 5.47
CA PRO B 33 26.16 40.49 6.24
C PRO B 33 26.30 41.96 5.78
N ASN B 34 27.32 42.28 4.98
CA ASN B 34 27.53 43.66 4.50
C ASN B 34 28.02 43.65 3.05
N GLY B 35 27.27 42.99 2.19
CA GLY B 35 27.54 42.87 0.76
C GLY B 35 26.52 41.97 0.06
N THR B 36 26.68 41.74 -1.25
CA THR B 36 25.77 40.89 -2.01
C THR B 36 26.24 39.43 -1.95
N SER B 37 25.29 38.52 -1.76
CA SER B 37 25.51 37.09 -1.67
C SER B 37 24.30 36.34 -2.22
N LEU B 38 24.37 35.00 -2.32
CA LEU B 38 23.31 34.13 -2.81
C LEU B 38 22.01 34.27 -2.06
N LYS B 39 22.09 34.62 -0.76
CA LYS B 39 20.95 34.94 0.12
C LYS B 39 20.02 35.97 -0.54
N ASP B 40 20.61 36.89 -1.35
CA ASP B 40 19.85 37.95 -2.00
C ASP B 40 18.97 37.47 -3.18
N ALA B 41 19.05 36.18 -3.54
CA ALA B 41 18.22 35.61 -4.59
C ALA B 41 17.05 34.75 -4.02
N VAL B 42 16.90 34.71 -2.67
CA VAL B 42 15.86 33.92 -2.00
C VAL B 42 14.74 34.84 -1.57
N VAL B 43 13.47 34.42 -1.78
CA VAL B 43 12.33 35.25 -1.39
C VAL B 43 11.30 34.46 -0.60
N LEU B 44 10.53 35.17 0.21
CA LEU B 44 9.38 34.61 0.88
C LEU B 44 8.30 34.88 -0.16
N PHE B 45 7.77 33.82 -0.75
CA PHE B 45 6.77 33.90 -1.81
C PHE B 45 5.38 33.85 -1.19
N ASP B 46 4.61 34.92 -1.39
CA ASP B 46 3.23 35.04 -0.92
C ASP B 46 2.99 34.67 0.56
N GLY B 47 3.85 35.18 1.43
CA GLY B 47 3.74 34.98 2.87
C GLY B 47 3.91 33.59 3.50
N GLY B 48 3.93 32.51 2.72
CA GLY B 48 4.06 31.17 3.29
C GLY B 48 4.93 30.18 2.55
N CYS B 49 5.42 30.55 1.39
CA CYS B 49 6.25 29.68 0.58
C CYS B 49 7.63 30.35 0.42
N THR B 50 8.57 29.64 -0.18
CA THR B 50 9.86 30.17 -0.54
C THR B 50 9.90 30.17 -2.08
N GLY B 51 10.67 31.08 -2.62
CA GLY B 51 10.93 31.18 -4.05
C GLY B 51 12.37 31.59 -4.31
N GLU B 52 12.75 31.66 -5.58
CA GLU B 52 14.11 32.05 -5.93
C GLU B 52 14.19 32.73 -7.25
N VAL B 53 15.01 33.78 -7.30
CA VAL B 53 15.24 34.54 -8.51
C VAL B 53 16.25 33.77 -9.35
N VAL B 54 15.89 33.45 -10.60
CA VAL B 54 16.72 32.63 -11.49
C VAL B 54 17.16 33.33 -12.78
N SER B 55 17.02 34.66 -12.86
CA SER B 55 17.47 35.43 -14.05
C SER B 55 17.68 36.90 -13.73
N ASP B 56 18.43 37.62 -14.59
CA ASP B 56 18.66 39.06 -14.45
C ASP B 56 17.42 39.91 -14.79
N ARG B 57 16.31 39.28 -15.19
CA ARG B 57 15.07 39.98 -15.45
C ARG B 57 13.97 39.61 -14.43
N GLY B 58 14.37 39.22 -13.21
CA GLY B 58 13.45 38.95 -12.12
C GLY B 58 12.55 37.73 -12.20
N LEU B 59 12.94 36.73 -13.00
CA LEU B 59 12.17 35.50 -13.11
C LEU B 59 12.30 34.75 -11.78
N VAL B 60 11.19 34.18 -11.28
CA VAL B 60 11.14 33.49 -10.01
C VAL B 60 10.56 32.08 -10.15
N LEU B 61 11.22 31.12 -9.52
CA LEU B 61 10.70 29.76 -9.48
C LEU B 61 10.21 29.47 -8.06
N THR B 62 9.10 28.77 -7.97
CA THR B 62 8.48 28.28 -6.74
C THR B 62 7.70 27.00 -7.09
N ASN B 63 6.96 26.42 -6.14
CA ASN B 63 6.18 25.23 -6.39
C ASN B 63 4.90 25.56 -7.15
N HIS B 64 4.33 24.52 -7.78
CA HIS B 64 3.05 24.60 -8.45
C HIS B 64 1.98 24.79 -7.37
N HIS B 65 2.10 24.10 -6.22
CA HIS B 65 1.13 24.27 -5.14
C HIS B 65 1.26 25.61 -4.45
N CYS B 66 2.37 26.35 -4.64
CA CYS B 66 2.57 27.69 -4.09
C CYS B 66 1.93 28.75 -5.01
N GLY B 67 2.02 28.53 -6.31
CA GLY B 67 1.40 29.42 -7.29
C GLY B 67 0.03 28.97 -7.73
N TYR B 68 -0.52 27.89 -7.11
CA TYR B 68 -1.83 27.30 -7.42
C TYR B 68 -3.00 28.31 -7.43
N ASP B 69 -3.15 29.13 -6.38
CA ASP B 69 -4.22 30.12 -6.31
C ASP B 69 -4.16 31.12 -7.44
N MET B 70 -2.95 31.56 -7.85
CA MET B 70 -2.79 32.50 -8.95
C MET B 70 -3.14 31.85 -10.27
N ILE B 71 -2.75 30.56 -10.46
CA ILE B 71 -3.05 29.83 -11.68
C ILE B 71 -4.57 29.64 -11.80
N GLN B 72 -5.23 29.31 -10.67
CA GLN B 72 -6.68 29.12 -10.58
C GLN B 72 -7.47 30.43 -10.82
N ALA B 73 -6.98 31.57 -10.28
CA ALA B 73 -7.63 32.87 -10.43
C ALA B 73 -7.63 33.35 -11.89
N HIS B 74 -6.61 32.99 -12.67
CA HIS B 74 -6.56 33.33 -14.08
C HIS B 74 -7.19 32.28 -14.99
N SER B 75 -7.71 31.18 -14.43
CA SER B 75 -8.30 30.11 -15.22
C SER B 75 -9.79 30.35 -15.44
N THR B 76 -10.23 30.10 -16.68
CA THR B 76 -11.63 30.19 -17.14
C THR B 76 -11.98 28.88 -17.91
N LEU B 77 -13.26 28.68 -18.30
CA LEU B 77 -13.63 27.51 -19.08
C LEU B 77 -12.93 27.56 -20.46
N GLU B 78 -12.77 28.77 -21.03
CA GLU B 78 -12.09 28.97 -22.31
C GLU B 78 -10.56 28.76 -22.22
N HIS B 79 -9.91 29.31 -21.17
CA HIS B 79 -8.47 29.11 -20.98
C HIS B 79 -8.20 28.53 -19.59
N ASN B 80 -8.36 27.20 -19.46
CA ASN B 80 -8.14 26.54 -18.19
C ASN B 80 -6.65 26.27 -17.96
N TYR B 81 -5.95 27.26 -17.36
CA TYR B 81 -4.51 27.14 -17.09
C TYR B 81 -4.21 26.10 -16.01
N LEU B 82 -5.15 25.85 -15.10
CA LEU B 82 -4.95 24.86 -14.05
C LEU B 82 -4.81 23.45 -14.66
N GLU B 83 -5.64 23.10 -15.64
CA GLU B 83 -5.55 21.78 -16.26
C GLU B 83 -4.59 21.73 -17.44
N ASN B 84 -4.47 22.81 -18.23
CA ASN B 84 -3.63 22.83 -19.43
C ASN B 84 -2.26 23.42 -19.28
N GLY B 85 -1.99 24.06 -18.16
CA GLY B 85 -0.75 24.80 -17.98
C GLY B 85 -0.88 26.19 -18.60
N PHE B 86 0.13 27.04 -18.38
CA PHE B 86 0.13 28.40 -18.92
C PHE B 86 1.55 28.75 -19.30
N TRP B 87 1.76 29.28 -20.51
CA TRP B 87 3.10 29.65 -20.95
C TRP B 87 3.05 30.96 -21.70
N ALA B 88 3.33 32.08 -21.01
CA ALA B 88 3.34 33.41 -21.64
C ALA B 88 4.48 33.46 -22.64
N MET B 89 4.17 33.68 -23.94
CA MET B 89 5.22 33.70 -24.96
C MET B 89 5.97 35.03 -25.10
N ARG B 90 5.57 36.03 -24.31
CA ARG B 90 6.22 37.34 -24.24
C ARG B 90 5.98 37.94 -22.88
N GLU B 91 6.88 38.81 -22.42
CA GLU B 91 6.76 39.47 -21.13
C GLU B 91 5.43 40.21 -20.95
N ALA B 92 4.93 40.84 -22.03
CA ALA B 92 3.66 41.56 -21.99
C ALA B 92 2.46 40.64 -21.74
N ASP B 93 2.59 39.34 -22.03
CA ASP B 93 1.53 38.35 -21.81
C ASP B 93 1.50 37.76 -20.39
N GLU B 94 2.49 38.08 -19.55
CA GLU B 94 2.53 37.59 -18.17
C GLU B 94 1.41 38.26 -17.38
N LEU B 95 0.65 37.45 -16.63
CA LEU B 95 -0.55 37.88 -15.92
C LEU B 95 -0.32 38.45 -14.52
N PRO B 96 -0.85 39.66 -14.26
CA PRO B 96 -0.70 40.24 -12.91
C PRO B 96 -1.54 39.50 -11.89
N ASN B 97 -1.15 39.57 -10.61
CA ASN B 97 -1.88 38.88 -9.56
C ASN B 97 -2.19 39.83 -8.43
N LYS B 98 -3.46 39.93 -8.03
CA LYS B 98 -3.83 40.77 -6.91
C LYS B 98 -3.51 40.01 -5.63
N ASP B 99 -3.06 40.74 -4.59
CA ASP B 99 -2.73 40.22 -3.26
C ASP B 99 -1.53 39.29 -3.22
N ILE B 100 -0.55 39.52 -4.10
CA ILE B 100 0.66 38.73 -4.11
C ILE B 100 1.84 39.56 -3.61
N SER B 101 2.85 38.89 -3.04
CA SER B 101 4.05 39.59 -2.59
C SER B 101 5.26 38.66 -2.64
N VAL B 102 6.44 39.26 -2.75
CA VAL B 102 7.71 38.58 -2.65
C VAL B 102 8.56 39.42 -1.69
N VAL B 103 9.13 38.78 -0.66
CA VAL B 103 9.93 39.49 0.31
C VAL B 103 11.40 39.10 0.24
N PHE B 104 12.27 40.09 0.03
CA PHE B 104 13.71 39.86 0.04
C PHE B 104 14.24 40.20 1.44
N ILE B 105 15.21 39.42 1.93
CA ILE B 105 15.81 39.73 3.23
C ILE B 105 17.08 40.55 2.98
N ASP B 106 16.91 41.87 2.90
CA ASP B 106 18.00 42.79 2.57
C ASP B 106 19.14 42.78 3.59
N LYS B 107 18.82 42.87 4.88
CA LYS B 107 19.83 42.87 5.94
C LYS B 107 19.28 42.12 7.16
N ILE B 108 20.17 41.56 7.97
CA ILE B 108 19.81 40.87 9.20
C ILE B 108 20.79 41.35 10.28
N GLU B 109 20.30 41.78 11.43
CA GLU B 109 21.15 42.27 12.52
C GLU B 109 20.81 41.62 13.84
N ASP B 110 21.83 41.25 14.63
CA ASP B 110 21.59 40.75 15.98
C ASP B 110 21.32 41.98 16.87
N VAL B 111 20.11 42.05 17.47
CA VAL B 111 19.74 43.17 18.36
C VAL B 111 19.44 42.70 19.79
N THR B 112 19.98 41.55 20.20
CA THR B 112 19.75 40.95 21.52
C THR B 112 20.03 41.91 22.69
N ASP B 113 21.21 42.55 22.71
CA ASP B 113 21.55 43.46 23.82
C ASP B 113 20.61 44.66 23.88
N TYR B 114 20.25 45.20 22.72
CA TYR B 114 19.32 46.31 22.61
C TYR B 114 17.93 45.94 23.16
N VAL B 115 17.35 44.81 22.68
CA VAL B 115 16.04 44.38 23.14
C VAL B 115 16.04 44.06 24.65
N LYS B 116 17.05 43.32 25.12
CA LYS B 116 17.16 42.96 26.53
C LYS B 116 17.34 44.18 27.42
N LYS B 117 17.99 45.26 26.91
CA LYS B 117 18.13 46.49 27.68
C LYS B 117 16.79 47.19 27.76
N GLU B 118 16.05 47.27 26.64
CA GLU B 118 14.74 47.89 26.59
C GLU B 118 13.77 47.17 27.52
N LEU B 119 13.84 45.82 27.56
CA LEU B 119 13.01 44.96 28.39
C LEU B 119 13.24 45.16 29.89
N LYS B 120 14.46 45.57 30.29
CA LYS B 120 14.79 45.83 31.69
C LYS B 120 13.91 46.90 32.34
N ALA B 121 13.28 47.77 31.53
CA ALA B 121 12.39 48.80 32.05
C ALA B 121 10.92 48.31 32.17
N ILE B 122 10.66 46.99 32.07
CA ILE B 122 9.30 46.43 32.14
C ILE B 122 8.66 46.63 33.53
N LYS B 123 9.26 46.04 34.57
CA LYS B 123 8.76 46.06 35.95
C LYS B 123 8.04 44.75 36.26
N ASP B 124 6.90 44.44 35.58
CA ASP B 124 6.19 43.18 35.80
C ASP B 124 7.05 42.06 35.26
N PRO B 125 7.50 41.15 36.14
CA PRO B 125 8.37 40.05 35.69
C PRO B 125 7.71 39.07 34.73
N ASN B 126 6.38 38.92 34.82
CA ASN B 126 5.63 37.99 33.98
C ASN B 126 5.14 38.61 32.66
N SER B 127 5.58 39.83 32.33
CA SER B 127 5.17 40.48 31.09
C SER B 127 5.53 39.66 29.85
N MET B 128 4.61 39.57 28.90
CA MET B 128 4.85 38.84 27.66
C MET B 128 5.28 39.75 26.50
N ASP B 129 5.67 41.00 26.80
CA ASP B 129 6.13 41.96 25.81
C ASP B 129 7.38 41.47 25.08
N TYR B 130 8.22 40.63 25.73
CA TYR B 130 9.41 40.07 25.12
C TYR B 130 9.11 39.18 23.89
N LEU B 131 7.84 38.75 23.73
CA LEU B 131 7.37 37.98 22.56
C LEU B 131 6.27 38.72 21.78
N SER B 132 5.93 39.97 22.17
CA SER B 132 4.86 40.72 21.55
C SER B 132 5.26 41.35 20.23
N PRO B 133 4.57 41.01 19.13
CA PRO B 133 4.88 41.65 17.84
C PRO B 133 4.73 43.15 17.87
N LYS B 134 3.73 43.66 18.61
CA LYS B 134 3.50 45.09 18.75
C LYS B 134 4.65 45.76 19.50
N TYR B 135 5.10 45.17 20.62
CA TYR B 135 6.19 45.74 21.40
C TYR B 135 7.50 45.71 20.62
N LEU B 136 7.80 44.56 19.99
CA LEU B 136 9.01 44.40 19.20
C LEU B 136 9.00 45.33 17.98
N GLN B 137 7.82 45.64 17.40
CA GLN B 137 7.71 46.59 16.29
C GLN B 137 8.01 48.01 16.75
N LYS B 138 7.60 48.36 17.98
CA LYS B 138 7.93 49.67 18.55
C LYS B 138 9.45 49.78 18.72
N LEU B 139 10.13 48.68 19.11
CA LEU B 139 11.58 48.69 19.27
C LEU B 139 12.30 48.74 17.93
N ALA B 140 11.73 48.06 16.91
CA ALA B 140 12.26 48.03 15.56
C ALA B 140 12.18 49.44 14.95
N ASP B 141 11.05 50.13 15.10
CA ASP B 141 10.85 51.50 14.61
C ASP B 141 11.80 52.47 15.29
N LYS B 142 11.99 52.31 16.61
CA LYS B 142 12.90 53.16 17.37
C LYS B 142 14.33 53.02 16.84
N LYS B 143 14.76 51.79 16.55
CA LYS B 143 16.11 51.57 16.04
C LYS B 143 16.30 52.02 14.57
N ALA B 144 15.37 51.70 13.68
CA ALA B 144 15.46 52.06 12.27
C ALA B 144 15.35 53.56 12.03
N GLY B 145 14.50 54.22 12.81
CA GLY B 145 14.25 55.65 12.65
C GLY B 145 12.78 55.94 12.48
N LYS B 146 12.37 57.19 12.82
CA LYS B 146 10.97 57.62 12.74
C LYS B 146 10.36 57.36 11.36
N ASN B 147 10.89 57.99 10.29
CA ASN B 147 10.36 57.78 8.95
C ASN B 147 11.32 56.96 8.07
N PHE B 148 11.71 55.77 8.55
CA PHE B 148 12.62 54.87 7.85
C PHE B 148 12.10 54.45 6.46
N SER B 149 10.84 54.00 6.39
CA SER B 149 10.27 53.53 5.13
C SER B 149 10.11 54.65 4.08
N ALA B 150 9.99 55.91 4.53
CA ALA B 150 9.90 57.04 3.62
C ALA B 150 11.31 57.39 3.09
N LYS B 151 12.35 57.29 3.93
CA LYS B 151 13.72 57.57 3.52
C LYS B 151 14.35 56.42 2.70
N ASN B 152 13.84 55.19 2.90
CA ASN B 152 14.32 53.99 2.22
C ASN B 152 13.10 53.27 1.62
N PRO B 153 12.53 53.75 0.48
CA PRO B 153 11.30 53.14 -0.05
C PRO B 153 11.38 51.65 -0.43
N GLY B 154 10.28 50.95 -0.19
CA GLY B 154 10.18 49.50 -0.40
C GLY B 154 10.73 48.69 0.77
N LEU B 155 11.50 49.34 1.67
CA LEU B 155 12.10 48.72 2.83
C LEU B 155 11.24 48.81 4.09
N SER B 156 11.33 47.80 4.95
CA SER B 156 10.67 47.77 6.25
C SER B 156 11.50 46.96 7.25
N VAL B 157 11.35 47.22 8.53
CA VAL B 157 12.09 46.51 9.55
C VAL B 157 11.17 45.62 10.40
N GLU B 158 11.77 44.59 11.01
CA GLU B 158 11.02 43.70 11.87
C GLU B 158 11.93 43.02 12.89
N ILE B 159 11.53 42.98 14.16
CA ILE B 159 12.31 42.27 15.17
C ILE B 159 11.56 40.99 15.58
N LYS B 160 12.27 39.88 15.61
CA LYS B 160 11.70 38.62 16.03
C LYS B 160 12.52 38.01 17.16
N ALA B 161 11.86 37.29 18.05
CA ALA B 161 12.49 36.56 19.15
C ALA B 161 12.90 35.18 18.65
N PHE B 162 14.02 34.66 19.17
CA PHE B 162 14.55 33.33 18.85
C PHE B 162 14.97 32.68 20.14
N TYR B 163 15.10 31.33 20.15
CA TYR B 163 15.54 30.58 21.35
C TYR B 163 14.69 30.90 22.58
N GLY B 164 13.38 31.01 22.40
CA GLY B 164 12.43 31.32 23.45
C GLY B 164 12.60 32.69 24.11
N GLY B 165 13.14 33.66 23.38
CA GLY B 165 13.36 34.99 23.93
C GLY B 165 14.78 35.25 24.39
N ASN B 166 15.74 34.39 23.99
CA ASN B 166 17.14 34.57 24.38
C ASN B 166 18.01 35.25 23.30
N LEU B 167 17.47 35.40 22.09
CA LEU B 167 18.17 36.03 20.99
C LEU B 167 17.17 36.81 20.16
N TYR B 168 17.52 37.99 19.67
CA TYR B 168 16.62 38.79 18.84
C TYR B 168 17.33 39.23 17.59
N LEU B 169 16.64 39.19 16.46
CA LEU B 169 17.19 39.65 15.18
C LEU B 169 16.29 40.69 14.55
N MET B 170 16.88 41.70 13.94
CA MET B 170 16.13 42.70 13.19
C MET B 170 16.35 42.41 11.72
N PHE B 171 15.28 42.37 10.95
CA PHE B 171 15.33 42.08 9.53
C PHE B 171 14.93 43.31 8.77
N THR B 172 15.70 43.66 7.75
CA THR B 172 15.35 44.75 6.85
C THR B 172 14.84 44.05 5.60
N LYS B 173 13.57 44.22 5.29
CA LYS B 173 12.87 43.53 4.22
C LYS B 173 12.53 44.43 3.06
N LYS B 174 12.68 43.94 1.82
CA LYS B 174 12.29 44.69 0.64
C LYS B 174 11.11 43.91 0.03
N THR B 175 9.92 44.51 -0.03
CA THR B 175 8.73 43.81 -0.52
C THR B 175 8.26 44.30 -1.88
N TYR B 176 8.00 43.37 -2.82
CA TYR B 176 7.50 43.67 -4.17
C TYR B 176 6.11 43.07 -4.29
N THR B 177 5.12 43.86 -4.75
CA THR B 177 3.75 43.35 -4.84
C THR B 177 3.23 43.19 -6.27
N ASP B 178 4.04 43.52 -7.28
CA ASP B 178 3.66 43.29 -8.67
C ASP B 178 4.46 42.04 -9.10
N VAL B 179 3.91 40.85 -8.87
CA VAL B 179 4.59 39.59 -9.19
C VAL B 179 3.68 38.83 -10.15
N ARG B 180 4.08 38.75 -11.41
CA ARG B 180 3.24 38.20 -12.47
C ARG B 180 3.47 36.72 -12.80
N LEU B 181 2.41 36.03 -13.19
CA LEU B 181 2.45 34.62 -13.57
C LEU B 181 3.08 34.52 -14.95
N VAL B 182 4.13 33.74 -15.07
CA VAL B 182 4.87 33.54 -16.31
C VAL B 182 4.62 32.17 -16.92
N GLY B 183 4.67 31.13 -16.10
CA GLY B 183 4.50 29.78 -16.60
C GLY B 183 4.13 28.76 -15.56
N ALA B 184 3.44 27.73 -15.97
CA ALA B 184 3.04 26.65 -15.08
C ALA B 184 2.80 25.42 -15.91
N PRO B 185 3.23 24.24 -15.43
CA PRO B 185 2.89 23.01 -16.13
C PRO B 185 1.40 22.69 -15.90
N PRO B 186 0.81 21.73 -16.67
CA PRO B 186 -0.58 21.31 -16.35
C PRO B 186 -0.61 20.70 -14.94
N SER B 187 -1.80 20.64 -14.31
CA SER B 187 -1.91 20.01 -13.00
C SER B 187 -1.51 18.53 -13.02
N SER B 188 -1.62 17.86 -14.19
CA SER B 188 -1.21 16.46 -14.31
C SER B 188 0.30 16.31 -14.02
N ILE B 189 1.11 17.36 -14.26
CA ILE B 189 2.54 17.33 -13.94
C ILE B 189 2.80 17.98 -12.58
N GLY B 190 2.27 19.20 -12.40
CA GLY B 190 2.45 20.00 -11.19
C GLY B 190 1.95 19.37 -9.91
N LYS B 191 0.97 18.49 -10.04
CA LYS B 191 0.31 17.81 -8.94
C LYS B 191 0.06 16.32 -9.33
N PHE B 192 1.05 15.66 -9.99
CA PHE B 192 0.93 14.28 -10.47
C PHE B 192 0.39 13.27 -9.46
N GLY B 193 0.98 13.19 -8.29
CA GLY B 193 0.48 12.23 -7.29
C GLY B 193 -0.85 12.65 -6.69
N ALA B 194 -1.17 13.97 -6.77
CA ALA B 194 -2.31 14.65 -6.19
C ALA B 194 -2.30 14.34 -4.64
N ASP B 195 -3.41 13.98 -3.95
CA ASP B 195 -3.35 13.72 -2.53
C ASP B 195 -2.85 12.32 -2.22
N THR B 196 -2.90 11.35 -3.15
CA THR B 196 -2.40 9.99 -2.92
C THR B 196 -0.89 9.97 -2.62
N ASP B 197 -0.11 10.78 -3.35
CA ASP B 197 1.32 10.85 -3.13
C ASP B 197 1.75 11.99 -2.18
N ASN B 198 0.81 12.69 -1.51
CA ASN B 198 1.18 13.74 -0.54
C ASN B 198 1.98 13.09 0.61
N TRP B 199 3.13 13.69 0.98
CA TRP B 199 4.05 13.16 2.00
C TRP B 199 4.73 11.85 1.57
N ILE B 200 4.67 11.49 0.27
CA ILE B 200 5.22 10.19 -0.15
C ILE B 200 6.52 10.28 -0.92
N TRP B 201 7.48 9.46 -0.55
CA TRP B 201 8.70 9.22 -1.30
C TRP B 201 8.72 7.70 -1.55
N PRO B 202 9.01 7.18 -2.78
CA PRO B 202 9.34 7.87 -4.04
C PRO B 202 8.24 8.81 -4.54
N ARG B 203 8.64 9.89 -5.21
CA ARG B 203 7.68 10.88 -5.69
C ARG B 203 8.01 11.23 -7.13
N HIS B 204 6.98 11.48 -7.96
CA HIS B 204 7.16 11.73 -9.39
C HIS B 204 6.46 13.01 -9.88
N THR B 205 6.29 13.98 -8.99
CA THR B 205 5.59 15.23 -9.24
C THR B 205 6.52 16.38 -9.68
N GLY B 206 6.18 17.05 -10.77
CA GLY B 206 6.91 18.20 -11.29
C GLY B 206 6.32 19.48 -10.71
N ASP B 207 6.41 19.59 -9.38
CA ASP B 207 5.86 20.67 -8.57
C ASP B 207 6.60 21.97 -8.72
N PHE B 208 6.31 22.69 -9.80
CA PHE B 208 6.91 23.99 -10.07
C PHE B 208 5.92 24.92 -10.80
N SER B 209 6.14 26.22 -10.65
CA SER B 209 5.48 27.31 -11.34
C SER B 209 6.46 28.47 -11.42
N ILE B 210 6.24 29.36 -12.40
CA ILE B 210 7.15 30.45 -12.73
C ILE B 210 6.44 31.80 -12.66
N PHE B 211 7.08 32.74 -11.99
CA PHE B 211 6.59 34.10 -11.82
C PHE B 211 7.68 35.11 -12.23
N ARG B 212 7.37 36.40 -12.20
CA ARG B 212 8.35 37.42 -12.49
C ARG B 212 8.08 38.62 -11.62
N ILE B 213 9.11 39.16 -10.99
CA ILE B 213 8.97 40.34 -10.15
C ILE B 213 9.05 41.58 -11.05
N TYR B 214 8.06 42.44 -10.93
CA TYR B 214 8.03 43.71 -11.64
C TYR B 214 8.23 44.84 -10.63
N ALA B 215 8.79 45.95 -11.08
CA ALA B 215 9.11 47.10 -10.22
C ALA B 215 9.05 48.41 -11.06
N ASP B 216 9.25 49.60 -10.44
CA ASP B 216 9.27 50.84 -11.19
C ASP B 216 10.59 50.94 -12.00
N LYS B 217 10.76 52.03 -12.76
CA LYS B 217 11.93 52.31 -13.60
C LYS B 217 13.27 52.16 -12.88
N ASN B 218 13.32 52.42 -11.57
CA ASN B 218 14.58 52.30 -10.82
C ASN B 218 14.74 50.99 -10.04
N GLY B 219 13.90 50.00 -10.33
CA GLY B 219 13.95 48.71 -9.64
C GLY B 219 13.43 48.73 -8.22
N ASN B 220 12.64 49.77 -7.88
CA ASN B 220 12.07 49.94 -6.56
C ASN B 220 10.68 49.34 -6.52
N PRO B 221 10.29 48.77 -5.38
CA PRO B 221 8.94 48.21 -5.26
C PRO B 221 7.83 49.19 -5.65
N ALA B 222 6.86 48.68 -6.38
CA ALA B 222 5.72 49.46 -6.81
C ALA B 222 4.53 48.51 -6.97
N PRO B 223 3.32 48.94 -6.59
CA PRO B 223 2.14 48.09 -6.82
C PRO B 223 1.87 47.92 -8.32
N TYR B 224 1.00 46.97 -8.71
CA TYR B 224 0.71 46.76 -10.14
C TYR B 224 0.40 48.06 -10.91
N SER B 225 1.12 48.24 -12.02
CA SER B 225 0.98 49.33 -12.96
C SER B 225 1.42 48.82 -14.33
N GLU B 226 0.68 49.19 -15.39
CA GLU B 226 1.04 48.80 -16.75
C GLU B 226 2.41 49.38 -17.17
N ASP B 227 2.91 50.41 -16.46
CA ASP B 227 4.21 51.05 -16.69
C ASP B 227 5.37 50.30 -15.97
N ASN B 228 5.07 49.27 -15.16
CA ASN B 228 6.11 48.54 -14.44
C ASN B 228 6.95 47.69 -15.37
N VAL B 229 8.24 47.64 -15.06
CA VAL B 229 9.28 46.97 -15.82
C VAL B 229 9.86 45.80 -14.97
N PRO B 230 10.30 44.69 -15.60
CA PRO B 230 10.88 43.58 -14.81
C PRO B 230 12.04 44.03 -13.92
N LEU B 231 12.16 43.43 -12.74
CA LEU B 231 13.21 43.80 -11.79
C LEU B 231 14.56 43.22 -12.20
N LYS B 232 15.63 44.03 -12.21
CA LYS B 232 16.97 43.50 -12.47
C LYS B 232 17.53 43.29 -11.05
N PRO B 233 17.60 42.03 -10.59
CA PRO B 233 18.03 41.79 -9.21
C PRO B 233 19.55 41.85 -9.07
N LYS B 234 20.01 42.10 -7.84
CA LYS B 234 21.44 42.14 -7.55
C LYS B 234 22.07 40.73 -7.54
N ARG B 235 21.25 39.67 -7.39
CA ARG B 235 21.72 38.31 -7.38
C ARG B 235 20.63 37.35 -7.86
N PHE B 236 21.02 36.38 -8.66
CA PHE B 236 20.12 35.34 -9.14
C PHE B 236 20.87 34.02 -9.21
N PHE B 237 20.15 32.90 -9.15
CA PHE B 237 20.79 31.60 -9.18
C PHE B 237 21.17 31.17 -10.58
N ASN B 238 22.33 30.53 -10.71
CA ASN B 238 22.70 29.89 -11.97
C ASN B 238 22.03 28.51 -11.93
N ILE B 239 21.57 28.01 -13.09
CA ILE B 239 20.95 26.67 -13.14
C ILE B 239 22.04 25.66 -13.49
N SER B 240 22.14 24.56 -12.73
CA SER B 240 23.12 23.53 -13.05
C SER B 240 22.47 22.42 -13.88
N LEU B 241 23.19 21.93 -14.89
CA LEU B 241 22.73 20.75 -15.61
C LEU B 241 23.61 19.49 -15.33
N GLY B 242 24.56 19.61 -14.40
CA GLY B 242 25.41 18.50 -13.99
C GLY B 242 24.68 17.43 -13.17
N GLY B 243 23.48 17.75 -12.69
CA GLY B 243 22.64 16.83 -11.93
C GLY B 243 23.12 16.51 -10.54
N VAL B 244 22.61 15.41 -9.99
CA VAL B 244 22.98 14.94 -8.67
C VAL B 244 23.37 13.46 -8.73
N GLN B 245 24.19 13.04 -7.75
CA GLN B 245 24.61 11.68 -7.53
C GLN B 245 24.44 11.37 -6.06
N GLU B 246 24.32 10.09 -5.71
CA GLU B 246 24.19 9.68 -4.31
C GLU B 246 25.37 10.21 -3.48
N ASN B 247 25.08 10.80 -2.31
CA ASN B 247 26.05 11.38 -1.38
C ASN B 247 26.50 12.79 -1.73
N ASP B 248 26.01 13.37 -2.84
CA ASP B 248 26.37 14.76 -3.18
C ASP B 248 25.90 15.72 -2.11
N TYR B 249 26.71 16.73 -1.81
CA TYR B 249 26.38 17.75 -0.87
C TYR B 249 25.21 18.56 -1.43
N ALA B 250 24.22 18.84 -0.59
CA ALA B 250 23.09 19.67 -0.99
C ALA B 250 22.76 20.65 0.14
N MET B 251 22.30 21.84 -0.22
CA MET B 251 21.89 22.82 0.79
C MET B 251 20.67 23.59 0.36
N ILE B 252 19.93 24.10 1.33
CA ILE B 252 18.71 24.85 1.08
C ILE B 252 18.71 26.10 1.93
N MET B 253 18.11 27.16 1.39
CA MET B 253 17.79 28.39 2.09
C MET B 253 16.27 28.54 1.93
N GLY B 254 15.61 28.99 3.00
CA GLY B 254 14.16 29.16 2.96
C GLY B 254 13.57 29.66 4.25
N PHE B 255 12.25 29.59 4.37
CA PHE B 255 11.55 30.13 5.52
C PHE B 255 10.76 29.07 6.27
N PRO B 256 11.42 28.12 6.98
CA PRO B 256 10.65 27.13 7.76
C PRO B 256 9.81 27.85 8.82
N GLY B 257 8.56 27.45 8.93
CA GLY B 257 7.58 28.11 9.79
C GLY B 257 7.68 27.79 11.26
N THR B 258 7.53 26.51 11.66
CA THR B 258 7.53 26.16 13.07
C THR B 258 8.17 24.81 13.36
N THR B 259 8.83 24.72 14.51
CA THR B 259 9.38 23.46 15.01
C THR B 259 9.15 23.44 16.53
N HIS B 260 9.36 22.30 17.18
CA HIS B 260 9.20 22.17 18.62
C HIS B 260 10.36 21.35 19.13
N ARG B 261 11.56 21.81 18.83
CA ARG B 261 12.82 21.15 19.19
C ARG B 261 13.12 21.18 20.69
N TYR B 262 12.45 22.07 21.46
CA TYR B 262 12.71 22.15 22.89
C TYR B 262 11.52 21.72 23.72
N PHE B 263 10.67 20.84 23.18
CA PHE B 263 9.53 20.27 23.91
C PHE B 263 10.06 19.48 25.10
N THR B 264 9.36 19.52 26.24
CA THR B 264 9.72 18.63 27.34
C THR B 264 9.14 17.25 26.99
N ALA B 265 9.52 16.20 27.73
CA ALA B 265 8.94 14.86 27.53
C ALA B 265 7.41 14.91 27.76
N SER B 266 6.93 15.71 28.73
CA SER B 266 5.50 15.84 28.99
C SER B 266 4.73 16.48 27.85
N GLU B 267 5.39 17.35 27.09
CA GLU B 267 4.80 18.01 25.93
C GLU B 267 4.73 17.04 24.74
N VAL B 268 5.70 16.11 24.62
CA VAL B 268 5.64 15.06 23.60
C VAL B 268 4.46 14.13 23.95
N ASP B 269 4.29 13.77 25.24
CA ASP B 269 3.17 12.89 25.65
C ASP B 269 1.83 13.51 25.36
N GLU B 270 1.70 14.80 25.60
CA GLU B 270 0.47 15.55 25.37
C GLU B 270 0.17 15.63 23.88
N TRP B 271 1.19 15.91 23.06
CA TRP B 271 1.08 16.01 21.61
C TRP B 271 0.58 14.66 21.04
N LYS B 272 1.11 13.56 21.55
CA LYS B 272 0.67 12.23 21.15
C LYS B 272 -0.75 11.88 21.65
N SER B 273 -0.96 11.90 22.97
CA SER B 273 -2.18 11.40 23.61
C SER B 273 -3.40 12.30 23.49
N ILE B 274 -3.19 13.60 23.23
CA ILE B 274 -4.31 14.50 23.06
C ILE B 274 -4.38 14.91 21.59
N ASP B 275 -3.52 15.84 21.13
CA ASP B 275 -3.54 16.41 19.79
C ASP B 275 -3.63 15.36 18.71
N ASN B 276 -2.65 14.46 18.64
CA ASN B 276 -2.58 13.48 17.57
C ASN B 276 -3.62 12.38 17.69
N ASP B 277 -3.80 11.76 18.87
CA ASP B 277 -4.78 10.68 19.00
C ASP B 277 -6.21 11.14 18.73
N ILE B 278 -6.58 12.35 19.17
CA ILE B 278 -7.93 12.86 18.94
C ILE B 278 -8.12 13.16 17.46
N ARG B 279 -7.17 13.88 16.84
CA ARG B 279 -7.23 14.18 15.41
C ARG B 279 -7.32 12.89 14.57
N ILE B 280 -6.52 11.86 14.93
CA ILE B 280 -6.53 10.58 14.23
C ILE B 280 -7.87 9.87 14.40
N ARG B 281 -8.32 9.72 15.64
CA ARG B 281 -9.58 9.05 15.92
C ARG B 281 -10.79 9.78 15.25
N MET B 282 -10.90 11.09 15.44
CA MET B 282 -12.00 11.86 14.89
C MET B 282 -12.01 11.94 13.37
N ARG B 283 -10.86 12.16 12.76
CA ARG B 283 -10.77 12.25 11.30
C ARG B 283 -10.98 10.90 10.65
N ASP B 284 -10.56 9.82 11.28
CA ASP B 284 -10.80 8.48 10.72
C ASP B 284 -12.31 8.19 10.68
N ILE B 285 -13.08 8.62 11.70
CA ILE B 285 -14.53 8.43 11.70
C ILE B 285 -15.17 9.27 10.60
N ARG B 286 -14.79 10.53 10.50
CA ARG B 286 -15.34 11.47 9.54
C ARG B 286 -15.08 11.04 8.10
N GLN B 287 -13.80 10.73 7.78
CA GLN B 287 -13.34 10.28 6.48
C GLN B 287 -13.98 8.94 6.09
N GLY B 288 -14.15 8.02 7.04
CA GLY B 288 -14.78 6.73 6.79
C GLY B 288 -16.21 6.87 6.30
N VAL B 289 -17.03 7.70 6.95
CA VAL B 289 -18.43 7.92 6.53
C VAL B 289 -18.46 8.64 5.18
N MET B 290 -17.61 9.66 5.03
CA MET B 290 -17.49 10.46 3.81
C MET B 290 -17.11 9.59 2.59
N LEU B 291 -16.10 8.71 2.74
CA LEU B 291 -15.66 7.83 1.67
C LEU B 291 -16.74 6.81 1.27
N ARG B 292 -17.47 6.22 2.25
CA ARG B 292 -18.58 5.30 2.00
C ARG B 292 -19.61 6.00 1.08
N GLU B 293 -19.93 7.27 1.41
CA GLU B 293 -20.91 8.05 0.68
C GLU B 293 -20.45 8.46 -0.70
N MET B 294 -19.16 8.84 -0.82
CA MET B 294 -18.57 9.22 -2.10
C MET B 294 -18.50 8.02 -3.05
N LEU B 295 -18.19 6.82 -2.52
CA LEU B 295 -18.12 5.61 -3.36
C LEU B 295 -19.51 5.09 -3.78
N ALA B 296 -20.56 5.40 -3.01
CA ALA B 296 -21.91 4.94 -3.34
C ALA B 296 -22.65 5.87 -4.32
N ASP B 297 -22.24 7.14 -4.39
CA ASP B 297 -22.90 8.11 -5.24
C ASP B 297 -21.86 8.97 -5.94
N PRO B 298 -21.76 8.90 -7.28
CA PRO B 298 -20.77 9.71 -7.99
C PRO B 298 -20.95 11.23 -7.85
N GLN B 299 -22.18 11.67 -7.56
CA GLN B 299 -22.44 13.09 -7.35
C GLN B 299 -21.89 13.51 -5.99
N ILE B 300 -21.97 12.64 -4.96
CA ILE B 300 -21.39 12.90 -3.63
C ILE B 300 -19.85 12.96 -3.71
N LYS B 301 -19.26 12.13 -4.57
CA LYS B 301 -17.82 12.13 -4.79
C LYS B 301 -17.35 13.49 -5.33
N ILE B 302 -18.13 14.10 -6.23
CA ILE B 302 -17.81 15.41 -6.78
C ILE B 302 -17.92 16.50 -5.70
N MET B 303 -19.01 16.48 -4.94
CA MET B 303 -19.25 17.47 -3.90
C MET B 303 -18.28 17.40 -2.70
N TYR B 304 -17.86 16.19 -2.31
CA TYR B 304 -17.05 16.00 -1.10
C TYR B 304 -15.58 15.66 -1.32
N SER B 305 -15.08 15.64 -2.56
CA SER B 305 -13.68 15.30 -2.81
C SER B 305 -12.69 16.25 -2.19
N ALA B 306 -12.93 17.55 -2.30
CA ALA B 306 -12.04 18.55 -1.75
C ALA B 306 -12.10 18.52 -0.21
N LYS B 307 -13.31 18.40 0.38
CA LYS B 307 -13.46 18.34 1.84
C LYS B 307 -12.77 17.09 2.41
N TYR B 308 -12.87 15.97 1.70
CA TYR B 308 -12.23 14.72 2.09
C TYR B 308 -10.70 14.87 2.06
N ALA B 309 -10.17 15.40 0.95
CA ALA B 309 -8.75 15.63 0.77
C ALA B 309 -8.18 16.59 1.83
N ALA B 310 -8.88 17.69 2.11
CA ALA B 310 -8.46 18.67 3.12
C ALA B 310 -8.37 18.02 4.52
N SER B 311 -9.27 17.10 4.84
CA SER B 311 -9.25 16.44 6.15
C SER B 311 -8.08 15.44 6.25
N GLN B 312 -7.75 14.75 5.14
CA GLN B 312 -6.70 13.74 5.07
C GLN B 312 -5.30 14.28 5.25
N ASN B 313 -5.03 15.49 4.77
CA ASN B 313 -3.68 16.04 4.83
C ASN B 313 -3.06 16.06 6.24
N ALA B 314 -3.73 16.69 7.23
CA ALA B 314 -3.20 16.72 8.60
C ALA B 314 -3.43 15.38 9.32
N TYR B 315 -4.37 14.56 8.86
CA TYR B 315 -4.59 13.22 9.38
C TYR B 315 -3.33 12.38 9.10
N LYS B 316 -2.82 12.43 7.86
CA LYS B 316 -1.60 11.69 7.49
C LYS B 316 -0.38 12.21 8.26
N ARG B 317 -0.32 13.54 8.52
CA ARG B 317 0.77 14.14 9.27
C ARG B 317 0.76 13.60 10.68
N ALA B 318 -0.43 13.55 11.31
CA ALA B 318 -0.56 13.06 12.67
C ALA B 318 -0.17 11.58 12.78
N ILE B 319 -0.47 10.76 11.74
CA ILE B 319 -0.11 9.34 11.70
C ILE B 319 1.43 9.23 11.63
N GLY B 320 2.05 10.03 10.77
CA GLY B 320 3.50 10.04 10.65
C GLY B 320 4.19 10.49 11.92
N ALA B 321 3.62 11.48 12.62
CA ALA B 321 4.19 12.02 13.85
C ALA B 321 4.08 10.99 14.98
N ASN B 322 2.92 10.32 15.10
CA ASN B 322 2.74 9.29 16.12
C ASN B 322 3.61 8.06 15.86
N TRP B 323 3.93 7.76 14.59
CA TRP B 323 4.84 6.66 14.27
C TRP B 323 6.24 7.01 14.82
N ALA B 324 6.66 8.27 14.72
CA ALA B 324 7.97 8.68 15.23
C ALA B 324 8.01 8.63 16.76
N ILE B 325 6.94 9.10 17.43
CA ILE B 325 6.87 9.05 18.89
C ILE B 325 6.93 7.60 19.38
N LYS B 326 6.25 6.70 18.68
CA LYS B 326 6.23 5.28 19.03
C LYS B 326 7.53 4.55 18.74
N THR B 327 8.18 4.85 17.61
CA THR B 327 9.36 4.06 17.19
C THR B 327 10.73 4.73 17.28
N ARG B 328 10.80 6.06 17.34
CA ARG B 328 12.09 6.74 17.32
C ARG B 328 12.52 7.33 18.67
N GLY B 329 11.80 7.01 19.74
CA GLY B 329 12.10 7.45 21.09
C GLY B 329 12.15 8.95 21.26
N LEU B 330 11.14 9.69 20.75
CA LEU B 330 11.15 11.15 20.87
C LEU B 330 10.96 11.56 22.32
N ARG B 331 10.06 10.90 23.03
CA ARG B 331 9.80 11.20 24.43
C ARG B 331 11.06 10.99 25.29
N GLN B 332 11.74 9.87 25.08
CA GLN B 332 12.94 9.45 25.79
C GLN B 332 14.08 10.42 25.54
N ASN B 333 14.27 10.85 24.30
CA ASN B 333 15.36 11.78 24.00
C ASN B 333 15.11 13.17 24.60
N LYS B 334 13.83 13.59 24.72
CA LYS B 334 13.54 14.87 25.37
C LYS B 334 13.79 14.74 26.88
N GLN B 335 13.44 13.58 27.46
CA GLN B 335 13.63 13.29 28.88
C GLN B 335 15.13 13.29 29.19
N ALA B 336 15.96 12.68 28.32
CA ALA B 336 17.41 12.65 28.51
C ALA B 336 18.02 14.07 28.41
N MET B 337 17.47 14.90 27.53
CA MET B 337 17.90 16.28 27.32
C MET B 337 17.64 17.10 28.60
N GLN B 338 16.44 16.99 29.16
CA GLN B 338 16.10 17.73 30.36
C GLN B 338 16.78 17.17 31.61
N ASP B 339 17.01 15.84 31.66
CA ASP B 339 17.71 15.26 32.83
C ASP B 339 19.18 15.70 32.88
N ARG B 340 19.80 15.84 31.71
CA ARG B 340 21.19 16.28 31.59
C ARG B 340 21.32 17.77 32.02
N LEU B 341 20.34 18.62 31.67
CA LEU B 341 20.36 20.02 32.09
C LEU B 341 20.16 20.13 33.61
N ILE B 342 19.23 19.32 34.17
CA ILE B 342 18.92 19.30 35.60
C ILE B 342 20.14 18.86 36.42
N ALA B 343 20.89 17.87 35.94
CA ALA B 343 22.10 17.40 36.62
C ALA B 343 23.20 18.47 36.59
N TRP B 344 23.32 19.17 35.48
CA TRP B 344 24.29 20.25 35.31
C TRP B 344 23.95 21.46 36.18
N GLY B 345 22.67 21.77 36.33
CA GLY B 345 22.21 22.85 37.17
C GLY B 345 22.43 22.55 38.65
N ALA B 346 22.27 21.27 39.03
CA ALA B 346 22.50 20.82 40.41
C ALA B 346 23.99 20.93 40.78
N LYS B 347 24.87 20.66 39.81
CA LYS B 347 26.31 20.77 39.98
C LYS B 347 26.70 22.23 40.12
N GLN B 348 26.15 23.13 39.29
CA GLN B 348 26.49 24.55 39.35
C GLN B 348 25.82 25.32 40.50
N GLY B 349 24.81 24.72 41.14
CA GLY B 349 24.09 25.38 42.23
C GLY B 349 23.02 26.35 41.74
N THR B 350 22.53 26.15 40.51
CA THR B 350 21.49 26.99 39.94
C THR B 350 20.22 26.14 39.74
N PRO B 351 19.25 26.23 40.66
CA PRO B 351 18.04 25.39 40.53
C PRO B 351 16.97 25.89 39.54
N ARG B 352 17.16 27.05 38.93
CA ARG B 352 16.14 27.63 38.04
C ARG B 352 15.78 26.78 36.80
N TYR B 353 16.69 25.95 36.30
CA TYR B 353 16.41 25.14 35.11
C TYR B 353 15.51 23.97 35.48
N GLU B 354 15.76 23.32 36.62
CA GLU B 354 14.91 22.23 37.11
C GLU B 354 13.52 22.79 37.45
N GLU B 355 13.46 23.98 38.05
CA GLU B 355 12.23 24.67 38.39
C GLU B 355 11.45 24.99 37.11
N ALA B 356 12.14 25.39 36.03
CA ALA B 356 11.53 25.71 34.75
C ALA B 356 10.91 24.47 34.11
N VAL B 357 11.62 23.32 34.10
CA VAL B 357 11.09 22.07 33.54
C VAL B 357 9.87 21.63 34.38
N HIS B 358 9.94 21.75 35.71
CA HIS B 358 8.84 21.42 36.59
C HIS B 358 7.60 22.31 36.29
N GLU B 359 7.80 23.62 36.04
CA GLU B 359 6.67 24.50 35.72
C GLU B 359 5.97 24.06 34.44
N ILE B 360 6.76 23.63 33.43
CA ILE B 360 6.21 23.16 32.17
C ILE B 360 5.39 21.87 32.40
N ASP B 361 5.95 20.89 33.14
CA ASP B 361 5.26 19.63 33.46
C ASP B 361 3.96 19.89 34.23
N ALA B 362 4.00 20.76 35.24
CA ALA B 362 2.82 21.04 36.05
C ALA B 362 1.74 21.76 35.22
N THR B 363 2.16 22.63 34.30
CA THR B 363 1.19 23.34 33.46
C THR B 363 0.55 22.36 32.47
N VAL B 364 1.36 21.47 31.88
CA VAL B 364 0.85 20.45 30.97
C VAL B 364 -0.16 19.55 31.70
N ALA B 365 0.20 19.09 32.89
CA ALA B 365 -0.69 18.21 33.68
C ALA B 365 -1.97 18.90 34.10
N LYS B 366 -1.90 20.18 34.49
CA LYS B 366 -3.08 20.94 34.88
C LYS B 366 -4.08 21.19 33.74
N ARG B 367 -3.59 21.49 32.52
CA ARG B 367 -4.48 21.75 31.40
C ARG B 367 -4.96 20.49 30.62
N ALA B 368 -4.59 19.26 31.05
CA ALA B 368 -4.94 18.04 30.32
C ALA B 368 -6.43 17.85 29.97
N ASP B 369 -7.33 17.96 30.97
CA ASP B 369 -8.75 17.74 30.73
C ASP B 369 -9.32 18.81 29.80
N LEU B 370 -8.98 20.08 30.03
CA LEU B 370 -9.43 21.19 29.19
C LEU B 370 -8.94 21.03 27.73
N ARG B 371 -7.64 20.72 27.53
CA ARG B 371 -7.08 20.53 26.20
C ARG B 371 -7.72 19.34 25.48
N ARG B 372 -8.07 18.27 26.24
CA ARG B 372 -8.73 17.11 25.67
C ARG B 372 -10.13 17.53 25.19
N ARG B 373 -10.87 18.26 26.00
CA ARG B 373 -12.19 18.77 25.64
C ARG B 373 -12.12 19.73 24.42
N TYR B 374 -11.05 20.53 24.31
CA TYR B 374 -10.89 21.44 23.19
C TYR B 374 -10.67 20.70 21.86
N TRP B 375 -9.71 19.76 21.84
CA TRP B 375 -9.43 18.98 20.66
C TRP B 375 -10.62 18.09 20.28
N MET B 376 -11.33 17.56 21.28
CA MET B 376 -12.50 16.74 21.04
C MET B 376 -13.60 17.55 20.33
N ILE B 377 -13.89 18.79 20.78
CA ILE B 377 -14.93 19.59 20.13
C ILE B 377 -14.46 20.15 18.78
N GLU B 378 -13.19 20.52 18.68
CA GLU B 378 -12.64 21.08 17.45
C GLU B 378 -12.58 20.04 16.33
N GLU B 379 -12.07 18.85 16.63
CA GLU B 379 -11.97 17.80 15.64
C GLU B 379 -13.33 17.10 15.42
N GLY B 380 -14.05 16.88 16.52
CA GLY B 380 -15.33 16.19 16.45
C GLY B 380 -16.48 16.99 15.86
N ILE B 381 -16.58 18.28 16.21
CA ILE B 381 -17.73 19.09 15.81
C ILE B 381 -17.41 20.29 14.95
N ILE B 382 -16.48 21.17 15.40
CA ILE B 382 -16.13 22.40 14.67
C ILE B 382 -15.65 22.09 13.25
N ARG B 383 -14.72 21.13 13.09
CA ARG B 383 -14.35 20.72 11.74
C ARG B 383 -15.05 19.44 11.29
N GLY B 384 -15.54 18.63 12.22
CA GLY B 384 -16.19 17.36 11.87
C GLY B 384 -17.60 17.43 11.31
N ILE B 385 -18.42 18.40 11.78
CA ILE B 385 -19.81 18.46 11.37
C ILE B 385 -20.12 19.79 10.65
N GLU B 386 -20.56 19.73 9.39
CA GLU B 386 -20.84 20.93 8.61
C GLU B 386 -21.94 21.82 9.16
N PHE B 387 -23.00 21.25 9.75
CA PHE B 387 -24.08 22.09 10.28
C PHE B 387 -23.67 22.83 11.57
N ALA B 388 -22.44 22.61 12.08
CA ALA B 388 -21.93 23.40 13.20
C ALA B 388 -21.66 24.83 12.66
N ARG B 389 -21.28 24.97 11.37
CA ARG B 389 -21.03 26.26 10.76
C ARG B 389 -22.24 26.76 9.96
N SER B 390 -23.45 26.41 10.42
CA SER B 390 -24.68 26.88 9.82
C SER B 390 -24.96 28.32 10.35
N PRO B 391 -25.86 29.10 9.71
CA PRO B 391 -26.06 30.49 10.15
C PRO B 391 -26.56 30.71 11.58
N ILE B 392 -25.89 31.63 12.27
CA ILE B 392 -26.28 32.06 13.61
C ILE B 392 -26.69 33.54 13.48
N PRO B 393 -27.96 33.85 13.68
CA PRO B 393 -28.41 35.25 13.55
C PRO B 393 -27.63 36.21 14.46
N THR B 394 -27.07 37.28 13.88
CA THR B 394 -26.31 38.29 14.62
C THR B 394 -27.22 39.10 15.60
N GLU B 395 -26.66 40.01 16.41
CA GLU B 395 -27.45 40.87 17.30
C GLU B 395 -28.21 41.91 16.45
N ASP B 396 -27.57 42.43 15.37
CA ASP B 396 -28.20 43.39 14.46
C ASP B 396 -29.36 42.72 13.71
N GLU B 397 -29.22 41.43 13.35
CA GLU B 397 -30.26 40.71 12.64
C GLU B 397 -31.47 40.42 13.51
N THR B 398 -31.25 40.08 14.80
CA THR B 398 -32.37 39.85 15.70
C THR B 398 -33.03 41.20 16.09
N LYS B 399 -32.22 42.27 16.22
CA LYS B 399 -32.74 43.60 16.51
C LYS B 399 -32.99 44.28 15.16
N ALA B 400 -33.89 43.70 14.38
CA ALA B 400 -34.35 44.10 13.05
C ALA B 400 -35.61 43.29 12.72
N LEU B 401 -35.60 41.98 13.03
CA LEU B 401 -36.77 41.14 12.81
C LEU B 401 -37.82 41.41 13.91
N GLN B 402 -37.37 41.82 15.13
CA GLN B 402 -38.23 42.14 16.27
C GLN B 402 -37.42 42.77 17.41
N ALA B 406 -38.47 50.27 12.06
CA ALA B 406 -37.95 50.17 10.69
C ALA B 406 -38.49 48.93 9.95
N SER B 407 -38.42 48.93 8.61
CA SER B 407 -38.85 47.77 7.81
C SER B 407 -37.65 47.09 7.12
N ALA B 408 -36.46 47.20 7.73
CA ALA B 408 -35.25 46.55 7.25
C ALA B 408 -35.22 45.05 7.66
N ARG B 409 -36.41 44.46 7.92
CA ARG B 409 -36.63 43.05 8.18
C ARG B 409 -36.21 42.26 6.91
N LYS B 410 -36.40 42.86 5.70
CA LYS B 410 -36.00 42.31 4.41
C LYS B 410 -34.48 42.30 4.25
N GLU B 411 -33.77 43.27 4.85
CA GLU B 411 -32.31 43.34 4.82
C GLU B 411 -31.71 42.28 5.76
N ALA B 412 -32.38 42.04 6.91
CA ALA B 412 -31.96 41.03 7.87
C ALA B 412 -32.11 39.65 7.23
N ILE B 413 -33.26 39.39 6.58
CA ILE B 413 -33.51 38.13 5.89
C ILE B 413 -32.57 37.93 4.72
N ASP B 414 -32.17 39.01 4.02
CA ASP B 414 -31.25 38.87 2.89
C ASP B 414 -29.83 38.50 3.34
N LYS B 415 -29.43 38.97 4.52
CA LYS B 415 -28.11 38.66 5.06
C LYS B 415 -28.11 37.21 5.57
N ILE B 416 -29.17 36.80 6.29
CA ILE B 416 -29.31 35.42 6.77
C ILE B 416 -29.39 34.45 5.58
N ARG B 417 -30.11 34.83 4.52
CA ARG B 417 -30.27 34.05 3.30
C ARG B 417 -28.94 33.84 2.59
N THR B 418 -28.12 34.90 2.50
CA THR B 418 -26.81 34.82 1.85
C THR B 418 -25.91 33.81 2.57
N ARG B 419 -25.94 33.81 3.91
CA ARG B 419 -25.17 32.90 4.73
C ARG B 419 -25.71 31.48 4.64
N TYR B 420 -27.04 31.33 4.58
CA TYR B 420 -27.66 30.01 4.45
C TYR B 420 -27.27 29.41 3.08
N SER B 421 -27.31 30.24 2.04
CA SER B 421 -26.97 29.81 0.68
C SER B 421 -25.50 29.39 0.56
N LYS B 422 -24.62 30.00 1.37
CA LYS B 422 -23.20 29.64 1.36
C LYS B 422 -22.98 28.31 2.15
N PHE B 423 -23.76 28.09 3.22
CA PHE B 423 -23.69 26.86 4.01
C PHE B 423 -24.26 25.68 3.18
N ALA B 424 -25.50 25.82 2.70
CA ALA B 424 -26.11 24.79 1.88
C ALA B 424 -25.79 25.09 0.41
N ASN B 425 -24.51 25.01 0.02
CA ASN B 425 -24.10 25.31 -1.36
C ASN B 425 -24.20 24.08 -2.28
N LYS B 426 -23.68 24.17 -3.52
CA LYS B 426 -23.70 23.07 -4.48
C LYS B 426 -22.95 21.82 -4.01
N ASP B 427 -22.03 21.99 -3.04
CA ASP B 427 -21.25 20.88 -2.49
C ASP B 427 -21.77 20.34 -1.16
N TYR B 428 -22.86 20.90 -0.62
CA TYR B 428 -23.38 20.46 0.65
C TYR B 428 -24.49 19.42 0.53
N SER B 429 -24.33 18.29 1.20
CA SER B 429 -25.37 17.26 1.25
C SER B 429 -25.83 17.11 2.69
N ALA B 430 -27.11 17.43 2.97
CA ALA B 430 -27.71 17.31 4.30
C ALA B 430 -27.74 15.84 4.74
N GLU B 431 -27.95 14.90 3.81
CA GLU B 431 -27.97 13.46 4.11
C GLU B 431 -26.58 12.96 4.51
N VAL B 432 -25.54 13.36 3.77
CA VAL B 432 -24.17 13.00 4.09
C VAL B 432 -23.79 13.64 5.43
N ASP B 433 -24.15 14.91 5.64
CA ASP B 433 -23.86 15.59 6.89
C ASP B 433 -24.56 14.97 8.10
N LYS B 434 -25.80 14.49 7.95
CA LYS B 434 -26.50 13.80 9.03
C LYS B 434 -25.77 12.50 9.39
N LYS B 435 -25.29 11.74 8.39
CA LYS B 435 -24.58 10.48 8.65
C LYS B 435 -23.25 10.76 9.33
N VAL B 436 -22.52 11.80 8.87
CA VAL B 436 -21.27 12.18 9.50
C VAL B 436 -21.52 12.63 10.96
N ALA B 437 -22.52 13.50 11.18
CA ALA B 437 -22.85 13.98 12.51
C ALA B 437 -23.25 12.88 13.45
N VAL B 438 -24.01 11.88 12.97
CA VAL B 438 -24.42 10.77 13.83
C VAL B 438 -23.19 9.98 14.32
N ALA B 439 -22.23 9.67 13.43
CA ALA B 439 -21.03 8.96 13.84
C ALA B 439 -20.10 9.83 14.72
N MET B 440 -19.93 11.11 14.35
CA MET B 440 -19.07 12.03 15.10
C MET B 440 -19.62 12.31 16.50
N LEU B 441 -20.93 12.57 16.61
CA LEU B 441 -21.55 12.86 17.90
C LEU B 441 -21.60 11.63 18.79
N THR B 442 -21.78 10.43 18.23
CA THR B 442 -21.77 9.18 19.01
C THR B 442 -20.41 9.03 19.73
N GLU B 443 -19.31 9.28 19.00
CA GLU B 443 -17.98 9.22 19.58
C GLU B 443 -17.76 10.36 20.60
N TYR B 444 -18.19 11.58 20.25
CA TYR B 444 -18.05 12.75 21.11
C TYR B 444 -18.79 12.56 22.45
N LEU B 445 -20.05 12.09 22.40
CA LEU B 445 -20.89 11.82 23.57
C LEU B 445 -20.36 10.68 24.46
N LYS B 446 -19.61 9.76 23.89
CA LYS B 446 -18.95 8.67 24.60
C LYS B 446 -17.69 9.21 25.34
N GLU B 447 -17.04 10.27 24.82
CA GLU B 447 -15.81 10.84 25.39
C GLU B 447 -15.99 12.01 26.33
N ILE B 448 -17.02 12.82 26.10
CA ILE B 448 -17.26 14.00 26.89
C ILE B 448 -18.48 13.79 27.79
N PRO B 449 -18.29 13.85 29.12
CA PRO B 449 -19.43 13.62 30.03
C PRO B 449 -20.47 14.72 29.98
N TYR B 450 -21.72 14.39 30.35
CA TYR B 450 -22.88 15.27 30.40
C TYR B 450 -22.59 16.67 30.93
N GLU B 451 -21.92 16.77 32.09
CA GLU B 451 -21.62 18.07 32.71
C GLU B 451 -20.62 18.92 31.92
N ASN B 452 -19.88 18.31 30.99
CA ASN B 452 -18.92 19.04 30.15
C ASN B 452 -19.44 19.28 28.69
N LEU B 453 -20.65 18.84 28.37
CA LEU B 453 -21.21 18.96 27.04
C LEU B 453 -21.67 20.37 26.71
N PRO B 454 -21.60 20.78 25.43
CA PRO B 454 -22.26 22.02 25.02
C PRO B 454 -23.78 21.83 25.32
N LEU B 455 -24.39 22.83 25.97
CA LEU B 455 -25.78 22.79 26.47
C LEU B 455 -26.78 22.05 25.57
N HIS B 456 -26.78 22.30 24.24
CA HIS B 456 -27.73 21.63 23.35
C HIS B 456 -27.55 20.12 23.25
N LEU B 457 -26.31 19.62 23.39
CA LEU B 457 -26.03 18.19 23.33
C LEU B 457 -26.56 17.42 24.55
N ARG B 458 -26.87 18.12 25.65
CA ARG B 458 -27.51 17.52 26.81
C ARG B 458 -28.90 16.96 26.44
N LEU B 459 -29.53 17.50 25.35
CA LEU B 459 -30.82 17.03 24.85
C LEU B 459 -30.78 15.60 24.34
N VAL B 460 -29.60 15.08 23.95
CA VAL B 460 -29.50 13.69 23.48
C VAL B 460 -29.94 12.73 24.58
N LYS B 461 -29.50 12.97 25.81
CA LYS B 461 -29.90 12.14 26.94
C LYS B 461 -31.25 12.57 27.52
N ASP B 462 -31.43 13.87 27.73
CA ASP B 462 -32.64 14.42 28.35
C ASP B 462 -33.94 14.31 27.56
N ARG B 463 -33.90 14.59 26.26
CA ARG B 463 -35.09 14.61 25.41
C ARG B 463 -35.19 13.44 24.43
N PHE B 464 -34.05 12.92 23.93
CA PHE B 464 -34.09 11.89 22.90
C PHE B 464 -33.74 10.49 23.37
N ALA B 465 -33.72 10.25 24.69
CA ALA B 465 -33.42 8.94 25.26
C ALA B 465 -32.13 8.31 24.71
N GLY B 466 -31.11 9.12 24.49
CA GLY B 466 -29.81 8.67 23.99
C GLY B 466 -29.73 8.36 22.52
N ASP B 467 -30.82 8.58 21.75
CA ASP B 467 -30.83 8.31 20.31
C ASP B 467 -30.23 9.49 19.55
N VAL B 468 -28.97 9.34 19.13
CA VAL B 468 -28.24 10.38 18.39
C VAL B 468 -28.90 10.61 17.03
N GLN B 469 -29.30 9.53 16.35
CA GLN B 469 -29.97 9.61 15.06
C GLN B 469 -31.24 10.47 15.14
N ALA B 470 -32.05 10.28 16.18
CA ALA B 470 -33.30 11.02 16.38
C ALA B 470 -33.04 12.49 16.65
N TYR B 471 -32.01 12.79 17.43
CA TYR B 471 -31.62 14.15 17.75
C TYR B 471 -31.18 14.88 16.46
N VAL B 472 -30.36 14.23 15.63
CA VAL B 472 -29.89 14.80 14.38
C VAL B 472 -31.04 14.94 13.37
N ASP B 473 -31.93 13.94 13.30
CA ASP B 473 -33.11 13.98 12.42
C ASP B 473 -33.99 15.17 12.80
N ASP B 474 -34.20 15.37 14.11
CA ASP B 474 -35.03 16.45 14.62
C ASP B 474 -34.46 17.84 14.29
N ILE B 475 -33.11 17.99 14.33
CA ILE B 475 -32.46 19.25 13.99
C ILE B 475 -32.81 19.67 12.56
N PHE B 476 -32.72 18.73 11.61
CA PHE B 476 -33.03 19.02 10.21
C PHE B 476 -34.52 19.12 9.93
N ALA B 477 -35.34 18.27 10.59
CA ALA B 477 -36.78 18.28 10.37
C ALA B 477 -37.43 19.58 10.82
N ARG B 478 -36.96 20.15 11.93
CA ARG B 478 -37.57 21.36 12.47
C ARG B 478 -36.82 22.65 12.19
N SER B 479 -35.57 22.57 11.78
CA SER B 479 -34.79 23.79 11.54
C SER B 479 -35.15 24.54 10.26
N VAL B 480 -35.09 25.88 10.34
CA VAL B 480 -35.27 26.78 9.19
C VAL B 480 -34.11 26.63 8.20
N PHE B 481 -32.95 26.04 8.60
CA PHE B 481 -31.85 25.76 7.68
C PHE B 481 -31.75 24.27 7.28
N GLY B 482 -32.79 23.48 7.59
CA GLY B 482 -32.82 22.05 7.28
C GLY B 482 -33.06 21.72 5.81
N SER B 483 -33.65 22.65 5.08
CA SER B 483 -33.93 22.51 3.64
C SER B 483 -34.26 23.89 3.05
N GLU B 484 -34.31 24.00 1.72
CA GLU B 484 -34.61 25.25 1.05
C GLU B 484 -36.05 25.66 1.35
N ALA B 485 -37.00 24.71 1.27
CA ALA B 485 -38.42 24.96 1.54
C ALA B 485 -38.64 25.43 2.97
N GLN B 486 -37.86 24.89 3.91
CA GLN B 486 -37.98 25.28 5.31
C GLN B 486 -37.45 26.69 5.53
N PHE B 487 -36.38 27.08 4.80
CA PHE B 487 -35.85 28.43 4.91
C PHE B 487 -36.82 29.42 4.31
N ASP B 488 -37.35 29.13 3.11
CA ASP B 488 -38.30 30.02 2.45
C ASP B 488 -39.58 30.21 3.25
N ALA B 489 -40.05 29.16 3.95
CA ALA B 489 -41.24 29.32 4.81
C ALA B 489 -40.93 30.26 5.97
N PHE B 490 -39.71 30.21 6.50
CA PHE B 490 -39.31 31.10 7.59
C PHE B 490 -39.17 32.54 7.04
N ALA B 491 -38.50 32.70 5.89
CA ALA B 491 -38.27 33.98 5.26
C ALA B 491 -39.56 34.72 4.89
N ALA B 492 -40.65 34.00 4.64
CA ALA B 492 -41.94 34.62 4.35
C ALA B 492 -42.61 35.13 5.63
N VAL B 493 -42.50 34.38 6.73
CA VAL B 493 -43.08 34.78 8.02
C VAL B 493 -42.00 34.69 9.11
N PRO B 494 -41.03 35.62 9.13
CA PRO B 494 -39.94 35.53 10.11
C PRO B 494 -40.25 36.12 11.48
N SER B 495 -39.90 35.38 12.52
CA SER B 495 -40.04 35.85 13.88
C SER B 495 -38.77 35.50 14.67
N VAL B 496 -38.36 36.39 15.59
CA VAL B 496 -37.16 36.13 16.39
C VAL B 496 -37.34 34.93 17.34
N GLU B 497 -38.60 34.63 17.73
CA GLU B 497 -38.99 33.51 18.56
C GLU B 497 -38.67 32.20 17.86
N LYS B 498 -38.86 32.14 16.52
CA LYS B 498 -38.58 30.96 15.71
C LYS B 498 -37.07 30.71 15.66
N LEU B 499 -36.27 31.77 15.52
CA LEU B 499 -34.82 31.65 15.48
C LEU B 499 -34.24 31.30 16.83
N ALA B 500 -34.79 31.88 17.91
CA ALA B 500 -34.31 31.64 19.27
C ALA B 500 -34.52 30.20 19.75
N GLU B 501 -35.51 29.50 19.18
CA GLU B 501 -35.78 28.11 19.53
C GLU B 501 -35.40 27.11 18.41
N ASP B 502 -34.75 27.59 17.32
CA ASP B 502 -34.34 26.74 16.22
C ASP B 502 -33.29 25.72 16.65
N PRO B 503 -33.58 24.42 16.46
CA PRO B 503 -32.63 23.37 16.89
C PRO B 503 -31.24 23.45 16.27
N MET B 504 -31.12 23.86 15.00
CA MET B 504 -29.82 23.99 14.36
C MET B 504 -29.08 25.20 14.89
N VAL B 505 -29.78 26.34 15.05
CA VAL B 505 -29.18 27.58 15.59
C VAL B 505 -28.66 27.32 17.01
N LEU B 506 -29.47 26.65 17.85
CA LEU B 506 -29.13 26.31 19.22
C LEU B 506 -27.93 25.37 19.26
N PHE B 507 -27.87 24.37 18.35
CA PHE B 507 -26.72 23.45 18.28
C PHE B 507 -25.46 24.27 17.94
N ALA B 508 -25.48 25.02 16.82
CA ALA B 508 -24.35 25.80 16.35
C ALA B 508 -23.87 26.80 17.39
N SER B 509 -24.79 27.52 18.06
CA SER B 509 -24.46 28.51 19.09
C SER B 509 -23.84 27.84 20.29
N SER B 510 -24.45 26.76 20.74
CA SER B 510 -24.00 26.00 21.90
C SER B 510 -22.60 25.37 21.68
N VAL B 511 -22.30 24.83 20.48
CA VAL B 511 -20.99 24.20 20.25
C VAL B 511 -19.92 25.29 20.07
N PHE B 512 -20.28 26.45 19.47
CA PHE B 512 -19.32 27.55 19.35
C PHE B 512 -19.07 28.23 20.71
N ASP B 513 -20.07 28.25 21.58
CA ASP B 513 -19.92 28.81 22.92
C ASP B 513 -18.93 27.97 23.72
N GLU B 514 -19.07 26.63 23.67
CA GLU B 514 -18.18 25.72 24.39
C GLU B 514 -16.75 25.79 23.86
N TYR B 515 -16.60 25.87 22.55
CA TYR B 515 -15.33 25.99 21.85
C TYR B 515 -14.58 27.28 22.27
N ARG B 516 -15.32 28.40 22.37
CA ARG B 516 -14.72 29.67 22.81
C ARG B 516 -14.42 29.70 24.30
N LYS B 517 -15.30 29.11 25.12
CA LYS B 517 -15.09 29.02 26.57
C LYS B 517 -13.82 28.21 26.87
N LEU B 518 -13.62 27.08 26.14
CA LEU B 518 -12.44 26.21 26.30
C LEU B 518 -11.17 26.92 25.87
N TYR B 519 -11.22 27.62 24.72
CA TYR B 519 -10.09 28.38 24.21
C TYR B 519 -9.66 29.46 25.25
N ASN B 520 -10.63 30.19 25.79
CA ASN B 520 -10.39 31.22 26.80
C ASN B 520 -9.85 30.65 28.10
N GLU B 521 -10.30 29.46 28.52
CA GLU B 521 -9.79 28.83 29.73
C GLU B 521 -8.39 28.29 29.51
N LEU B 522 -8.05 27.85 28.28
CA LEU B 522 -6.75 27.28 27.99
C LEU B 522 -5.65 28.31 27.69
N ARG B 523 -6.01 29.45 27.10
CA ARG B 523 -5.07 30.53 26.76
C ARG B 523 -4.13 30.93 27.90
N PRO B 524 -4.60 31.14 29.16
CA PRO B 524 -3.66 31.49 30.25
C PRO B 524 -2.55 30.48 30.54
N TYR B 525 -2.69 29.22 30.11
CA TYR B 525 -1.64 28.22 30.33
C TYR B 525 -0.45 28.34 29.38
N ASP B 526 -0.60 29.09 28.27
CA ASP B 526 0.52 29.26 27.34
C ASP B 526 1.68 30.06 27.93
N ASP B 527 1.37 31.13 28.66
CA ASP B 527 2.36 32.06 29.21
C ASP B 527 3.33 31.44 30.21
N PRO B 528 2.91 30.65 31.23
CA PRO B 528 3.89 30.05 32.14
C PRO B 528 4.86 29.14 31.40
N ILE B 529 4.38 28.41 30.37
CA ILE B 529 5.21 27.53 29.54
C ILE B 529 6.21 28.35 28.73
N LEU B 530 5.74 29.42 28.07
CA LEU B 530 6.64 30.30 27.31
C LEU B 530 7.73 30.91 28.22
N ARG B 531 7.35 31.46 29.39
CA ARG B 531 8.32 32.02 30.33
C ARG B 531 9.32 30.97 30.81
N ALA B 532 8.84 29.75 31.14
CA ALA B 532 9.73 28.67 31.59
C ALA B 532 10.65 28.19 30.46
N GLN B 533 10.19 28.25 29.20
CA GLN B 533 11.01 27.87 28.03
C GLN B 533 12.15 28.84 27.81
N ARG B 534 11.99 30.12 28.17
CA ARG B 534 13.04 31.10 28.05
C ARG B 534 14.20 30.70 28.98
N THR B 535 13.89 30.28 30.22
CA THR B 535 14.88 29.82 31.19
C THR B 535 15.47 28.47 30.78
N TYR B 536 14.62 27.53 30.35
CA TYR B 536 15.02 26.20 29.91
C TYR B 536 16.03 26.27 28.72
N ILE B 537 15.68 27.01 27.66
CA ILE B 537 16.56 27.13 26.48
C ILE B 537 17.82 27.90 26.81
N ALA B 538 17.76 28.90 27.73
CA ALA B 538 18.94 29.62 28.16
C ALA B 538 19.94 28.66 28.82
N GLY B 539 19.44 27.73 29.63
CA GLY B 539 20.26 26.71 30.27
C GLY B 539 20.88 25.74 29.29
N LEU B 540 20.08 25.25 28.32
CA LEU B 540 20.56 24.34 27.29
C LEU B 540 21.70 24.99 26.49
N LEU B 541 21.55 26.27 26.15
CA LEU B 541 22.56 26.99 25.40
C LEU B 541 23.80 27.28 26.24
N GLU B 542 23.63 27.63 27.52
CA GLU B 542 24.76 27.86 28.41
C GLU B 542 25.56 26.56 28.66
N MET B 543 24.85 25.44 28.76
CA MET B 543 25.45 24.13 28.96
C MET B 543 26.16 23.55 27.73
N ASP B 544 25.44 23.38 26.60
CA ASP B 544 26.02 22.72 25.43
C ASP B 544 26.34 23.65 24.24
N GLY B 545 25.90 24.90 24.30
CA GLY B 545 26.18 25.85 23.23
C GLY B 545 25.26 25.82 22.02
N ASP B 546 25.36 26.88 21.20
CA ASP B 546 24.61 27.10 19.96
C ASP B 546 25.47 26.69 18.76
N GLN B 547 25.48 25.38 18.47
CA GLN B 547 26.24 24.76 17.38
C GLN B 547 26.02 23.26 17.56
N ASP B 548 24.77 22.85 17.30
CA ASP B 548 24.10 21.54 17.41
C ASP B 548 22.60 21.81 17.83
N GLN B 549 22.38 22.86 18.62
CA GLN B 549 21.08 23.30 19.09
C GLN B 549 20.63 24.52 18.28
N PHE B 550 19.88 24.27 17.17
CA PHE B 550 19.34 25.33 16.31
C PHE B 550 18.13 25.99 16.95
N PRO B 551 17.89 27.28 16.67
CA PRO B 551 16.68 27.92 17.23
C PRO B 551 15.45 27.44 16.50
N ASP B 552 14.33 27.24 17.21
CA ASP B 552 13.08 26.82 16.56
C ASP B 552 12.71 27.69 15.34
N ALA B 553 12.14 27.07 14.31
CA ALA B 553 11.70 27.81 13.12
C ALA B 553 10.63 28.84 13.50
N ASN B 554 10.64 30.03 12.88
CA ASN B 554 9.65 31.07 13.20
C ASN B 554 9.38 31.95 11.98
N LEU B 555 9.32 31.33 10.81
CA LEU B 555 9.10 31.94 9.49
C LEU B 555 10.18 32.95 9.11
N THR B 556 11.42 32.69 9.53
CA THR B 556 12.56 33.52 9.16
C THR B 556 13.54 32.70 8.33
N LEU B 557 14.40 33.41 7.58
CA LEU B 557 15.37 32.81 6.68
C LEU B 557 16.37 31.90 7.41
N ARG B 558 16.46 30.65 6.95
CA ARG B 558 17.37 29.69 7.53
C ARG B 558 18.06 28.92 6.42
N PHE B 559 19.21 28.33 6.78
CA PHE B 559 19.87 27.44 5.88
C PHE B 559 19.97 26.06 6.53
N THR B 560 19.99 25.06 5.69
CA THR B 560 20.14 23.68 6.10
C THR B 560 21.00 22.99 5.05
N TYR B 561 21.78 22.03 5.47
CA TYR B 561 22.66 21.30 4.56
C TYR B 561 22.62 19.83 4.87
N GLY B 562 22.90 19.03 3.86
CA GLY B 562 22.93 17.59 3.97
C GLY B 562 23.45 16.97 2.71
N GLN B 563 22.97 15.77 2.39
CA GLN B 563 23.40 15.07 1.19
C GLN B 563 22.22 14.46 0.45
N VAL B 564 22.39 14.23 -0.87
CA VAL B 564 21.41 13.56 -1.72
C VAL B 564 21.52 12.09 -1.32
N LYS B 565 20.51 11.57 -0.61
CA LYS B 565 20.57 10.23 -0.07
C LYS B 565 19.18 9.65 0.14
N GLY B 566 19.02 8.40 -0.25
CA GLY B 566 17.77 7.69 0.00
C GLY B 566 17.75 7.15 1.42
N TYR B 567 16.85 6.19 1.70
CA TYR B 567 16.72 5.61 3.03
C TYR B 567 15.93 4.32 2.98
N SER B 568 16.01 3.53 4.06
CA SER B 568 15.27 2.28 4.21
C SER B 568 14.03 2.53 5.07
N PRO B 569 12.81 2.51 4.47
CA PRO B 569 11.59 2.77 5.26
C PRO B 569 11.21 1.65 6.21
N ARG B 570 11.57 0.41 5.87
CA ARG B 570 11.26 -0.79 6.63
C ARG B 570 12.21 -1.92 6.22
N ASP B 571 12.21 -3.02 6.98
CA ASP B 571 13.05 -4.18 6.77
C ASP B 571 13.07 -4.67 5.32
N ASN B 572 14.27 -4.73 4.73
CA ASN B 572 14.47 -5.23 3.37
C ASN B 572 13.95 -4.33 2.23
N VAL B 573 13.60 -3.09 2.54
CA VAL B 573 13.11 -2.15 1.53
C VAL B 573 14.02 -0.92 1.47
N TYR B 574 14.49 -0.56 0.28
CA TYR B 574 15.31 0.64 0.12
C TYR B 574 14.72 1.55 -0.93
N TYR B 575 14.61 2.84 -0.60
CA TYR B 575 14.13 3.86 -1.51
C TYR B 575 15.39 4.64 -1.88
N GLY B 576 15.74 4.63 -3.16
CA GLY B 576 16.91 5.37 -3.61
C GLY B 576 16.77 6.88 -3.53
N HIS B 577 17.82 7.59 -3.93
CA HIS B 577 17.86 9.02 -3.86
C HIS B 577 17.21 9.73 -5.05
N GLN B 578 16.84 9.03 -6.13
CA GLN B 578 16.36 9.69 -7.35
C GLN B 578 15.24 8.95 -8.09
N THR B 579 14.18 9.67 -8.49
CA THR B 579 13.12 9.08 -9.31
C THR B 579 13.31 9.50 -10.78
N THR B 580 12.70 8.77 -11.70
CA THR B 580 12.83 9.02 -13.14
C THR B 580 11.47 9.09 -13.84
N LEU B 581 11.46 9.58 -15.10
CA LEU B 581 10.26 9.71 -15.93
C LEU B 581 9.55 8.35 -16.13
N ASP B 582 10.32 7.26 -16.06
CA ASP B 582 9.86 5.91 -16.14
C ASP B 582 8.87 5.61 -14.98
N GLY B 583 9.08 6.21 -13.81
CA GLY B 583 8.21 6.09 -12.64
C GLY B 583 6.87 6.78 -12.80
N VAL B 584 6.85 7.84 -13.61
CA VAL B 584 5.62 8.57 -13.96
C VAL B 584 4.76 7.62 -14.82
N MET B 585 5.41 7.01 -15.85
CA MET B 585 4.76 6.10 -16.79
C MET B 585 4.24 4.83 -16.12
N GLU B 586 4.97 4.30 -15.12
CA GLU B 586 4.53 3.13 -14.35
C GLU B 586 3.26 3.46 -13.57
N LYS B 587 3.12 4.70 -13.08
CA LYS B 587 1.97 5.13 -12.28
C LYS B 587 0.77 5.59 -13.12
N GLU B 588 0.91 5.72 -14.44
CA GLU B 588 -0.19 6.18 -15.29
C GLU B 588 -1.46 5.33 -15.15
N ASP B 589 -2.60 5.99 -14.96
CA ASP B 589 -3.93 5.38 -14.84
C ASP B 589 -4.87 6.40 -15.46
N PRO B 590 -5.27 6.18 -16.73
CA PRO B 590 -6.12 7.18 -17.39
C PRO B 590 -7.48 7.38 -16.74
N ASP B 591 -8.00 6.36 -16.03
CA ASP B 591 -9.30 6.46 -15.37
C ASP B 591 -9.21 6.86 -13.89
N ASN B 592 -8.12 7.53 -13.50
CA ASN B 592 -7.86 8.05 -12.16
C ASN B 592 -7.24 9.41 -12.39
N TRP B 593 -8.05 10.48 -12.22
CA TRP B 593 -7.67 11.88 -12.45
C TRP B 593 -6.32 12.29 -11.86
N GLU B 594 -5.92 11.65 -10.76
CA GLU B 594 -4.66 11.96 -10.08
C GLU B 594 -3.46 11.46 -10.87
N PHE B 595 -3.58 10.27 -11.49
CA PHE B 595 -2.46 9.68 -12.19
C PHE B 595 -2.58 9.71 -13.70
N VAL B 596 -3.17 10.78 -14.26
CA VAL B 596 -3.23 10.93 -15.70
C VAL B 596 -1.92 11.56 -16.16
N VAL B 597 -1.39 11.10 -17.28
CA VAL B 597 -0.13 11.58 -17.81
C VAL B 597 -0.38 12.46 -19.02
N ASP B 598 0.23 13.66 -19.01
CA ASP B 598 0.12 14.63 -20.08
C ASP B 598 0.61 14.02 -21.39
N PRO B 599 -0.21 14.10 -22.44
CA PRO B 599 0.17 13.46 -23.71
C PRO B 599 1.47 13.96 -24.31
N LYS B 600 1.79 15.24 -24.16
CA LYS B 600 3.04 15.79 -24.69
C LYS B 600 4.22 15.19 -23.94
N LEU B 601 4.11 15.00 -22.61
CA LEU B 601 5.14 14.40 -21.77
C LEU B 601 5.29 12.91 -22.05
N LYS B 602 4.17 12.20 -22.25
CA LYS B 602 4.20 10.77 -22.59
C LYS B 602 4.97 10.55 -23.91
N ALA B 603 4.75 11.46 -24.88
CA ALA B 603 5.41 11.44 -26.19
C ALA B 603 6.91 11.70 -26.06
N VAL B 604 7.29 12.66 -25.20
CA VAL B 604 8.69 13.00 -24.90
C VAL B 604 9.40 11.75 -24.36
N TYR B 605 8.76 11.02 -23.44
CA TYR B 605 9.29 9.80 -22.85
C TYR B 605 9.45 8.70 -23.92
N GLU B 606 8.43 8.52 -24.78
CA GLU B 606 8.48 7.48 -25.83
C GLU B 606 9.56 7.75 -26.85
N ARG B 607 9.66 8.99 -27.31
CA ARG B 607 10.67 9.36 -28.29
C ARG B 607 12.05 9.63 -27.67
N LYS B 608 12.15 9.68 -26.33
CA LYS B 608 13.36 9.96 -25.56
C LYS B 608 13.96 11.31 -25.91
N ASP B 609 13.08 12.29 -26.15
CA ASP B 609 13.46 13.66 -26.52
C ASP B 609 13.82 14.40 -25.23
N PHE B 610 14.92 13.98 -24.59
CA PHE B 610 15.39 14.49 -23.32
C PHE B 610 16.47 15.56 -23.43
N GLY B 611 17.03 15.76 -24.62
CA GLY B 611 18.06 16.75 -24.91
C GLY B 611 19.23 16.70 -23.95
N ARG B 612 19.59 17.86 -23.45
CA ARG B 612 20.66 18.02 -22.49
C ARG B 612 20.21 17.75 -21.03
N TYR B 613 18.95 17.31 -20.82
CA TYR B 613 18.40 17.15 -19.47
C TYR B 613 18.47 15.73 -18.89
N ALA B 614 18.63 14.70 -19.73
CA ALA B 614 18.72 13.32 -19.23
C ALA B 614 20.06 13.08 -18.55
N ASP B 615 20.15 12.07 -17.68
CA ASP B 615 21.41 11.76 -17.00
C ASP B 615 22.43 11.05 -17.94
N ARG B 616 23.56 10.56 -17.40
CA ARG B 616 24.59 9.88 -18.18
C ARG B 616 24.11 8.53 -18.73
N SER B 617 23.09 7.92 -18.13
CA SER B 617 22.56 6.63 -18.60
C SER B 617 21.41 6.74 -19.61
N GLY B 618 21.03 7.96 -20.00
CA GLY B 618 19.91 8.16 -20.90
C GLY B 618 18.55 8.15 -20.21
N ARG B 619 18.53 8.08 -18.87
CA ARG B 619 17.28 8.12 -18.13
C ARG B 619 16.95 9.54 -17.68
N MET B 620 15.68 9.92 -17.77
CA MET B 620 15.26 11.27 -17.45
C MET B 620 14.92 11.40 -15.98
N PRO B 621 15.69 12.17 -15.22
CA PRO B 621 15.37 12.33 -13.78
C PRO B 621 14.12 13.17 -13.56
N VAL B 622 13.44 12.96 -12.45
CA VAL B 622 12.23 13.71 -12.10
C VAL B 622 12.41 14.44 -10.75
N ALA B 623 12.74 13.68 -9.72
CA ALA B 623 12.87 14.21 -8.39
C ALA B 623 14.00 13.49 -7.63
N PHE B 624 14.46 14.10 -6.54
CA PHE B 624 15.46 13.50 -5.67
C PHE B 624 15.15 13.85 -4.21
N CYS B 625 15.79 13.16 -3.28
CA CYS B 625 15.59 13.46 -1.86
C CYS B 625 16.93 13.72 -1.17
N ALA B 626 16.91 14.49 -0.07
CA ALA B 626 18.14 14.85 0.63
C ALA B 626 17.97 14.86 2.16
N THR B 627 19.09 14.74 2.90
CA THR B 627 19.07 14.73 4.36
C THR B 627 19.03 16.15 4.98
N THR B 628 18.62 17.15 4.21
CA THR B 628 18.41 18.51 4.68
C THR B 628 17.21 18.51 5.66
N HIS B 629 17.21 19.46 6.60
CA HIS B 629 16.16 19.56 7.59
C HIS B 629 15.18 20.67 7.21
N THR B 630 14.02 20.28 6.71
CA THR B 630 13.01 21.24 6.27
C THR B 630 11.68 20.97 6.96
N THR B 631 10.75 21.95 6.87
CA THR B 631 9.39 21.88 7.37
C THR B 631 8.48 22.79 6.56
N GLY B 632 7.16 22.85 6.88
CA GLY B 632 6.21 23.76 6.23
C GLY B 632 6.75 25.20 6.20
N GLY B 633 6.67 25.82 5.04
CA GLY B 633 7.29 27.11 4.79
C GLY B 633 8.47 26.95 3.84
N ASN B 634 9.09 25.75 3.77
CA ASN B 634 10.20 25.43 2.88
C ASN B 634 9.76 25.04 1.47
N SER B 635 8.45 24.96 1.20
CA SER B 635 7.95 24.68 -0.16
C SER B 635 8.47 25.74 -1.13
N GLY B 636 9.11 25.31 -2.20
CA GLY B 636 9.67 26.18 -3.23
C GLY B 636 11.09 26.63 -2.99
N SER B 637 11.71 26.15 -1.90
CA SER B 637 13.06 26.53 -1.51
C SER B 637 14.07 26.09 -2.55
N PRO B 638 15.05 26.97 -2.86
CA PRO B 638 16.10 26.56 -3.80
C PRO B 638 17.00 25.50 -3.16
N VAL B 639 17.35 24.48 -3.95
CA VAL B 639 18.29 23.46 -3.53
C VAL B 639 19.57 23.72 -4.30
N MET B 640 20.68 23.90 -3.57
CA MET B 640 21.97 24.20 -4.12
C MET B 640 22.95 23.06 -4.04
N ASN B 641 23.83 23.03 -5.03
CA ASN B 641 25.05 22.29 -5.27
C ASN B 641 26.12 22.68 -4.22
N ALA B 642 27.27 22.00 -4.24
CA ALA B 642 28.43 22.42 -3.47
C ALA B 642 28.94 23.80 -3.98
N ASN B 643 28.65 24.16 -5.24
CA ASN B 643 29.03 25.44 -5.84
C ASN B 643 27.92 26.52 -5.78
N GLY B 644 26.81 26.25 -5.10
CA GLY B 644 25.71 27.21 -5.01
C GLY B 644 24.82 27.30 -6.23
N GLU B 645 24.96 26.38 -7.19
CA GLU B 645 24.10 26.37 -8.37
C GLU B 645 22.82 25.63 -8.05
N LEU B 646 21.72 26.04 -8.68
CA LEU B 646 20.42 25.45 -8.47
C LEU B 646 20.32 24.06 -9.10
N ILE B 647 20.02 23.05 -8.27
CA ILE B 647 19.83 21.66 -8.69
C ILE B 647 18.38 21.17 -8.50
N GLY B 648 17.55 21.95 -7.84
CA GLY B 648 16.16 21.57 -7.63
C GLY B 648 15.41 22.54 -6.74
N LEU B 649 14.16 22.20 -6.48
CA LEU B 649 13.26 22.97 -5.65
C LEU B 649 12.68 22.03 -4.64
N ASN B 650 12.72 22.41 -3.37
CA ASN B 650 12.07 21.59 -2.34
C ASN B 650 10.54 21.72 -2.55
N PHE B 651 9.78 20.61 -2.41
CA PHE B 651 8.32 20.71 -2.54
C PHE B 651 7.56 19.90 -1.52
N ASP B 652 8.23 18.98 -0.80
CA ASP B 652 7.56 18.18 0.21
C ASP B 652 8.59 17.51 1.13
N ARG B 653 8.13 16.69 2.06
CA ARG B 653 8.95 15.87 2.95
C ARG B 653 8.16 14.56 3.20
N ASN B 654 8.86 13.43 3.35
CA ASN B 654 8.18 12.15 3.53
C ASN B 654 7.53 12.05 4.92
N TRP B 655 6.41 11.32 5.03
CA TRP B 655 5.67 11.20 6.28
C TRP B 655 6.51 10.63 7.41
N GLU B 656 7.48 9.77 7.10
CA GLU B 656 8.37 9.19 8.11
C GLU B 656 9.19 10.24 8.83
N GLY B 657 9.41 11.40 8.20
CA GLY B 657 10.20 12.46 8.79
C GLY B 657 9.41 13.61 9.38
N VAL B 658 8.05 13.53 9.44
CA VAL B 658 7.28 14.66 9.98
C VAL B 658 7.53 14.87 11.50
N GLY B 659 7.90 13.83 12.23
CA GLY B 659 8.30 13.97 13.63
C GLY B 659 9.60 14.77 13.81
N GLY B 660 10.28 15.05 12.67
CA GLY B 660 11.48 15.86 12.57
C GLY B 660 11.33 17.28 13.06
N ASP B 661 10.07 17.76 13.18
CA ASP B 661 9.82 19.10 13.76
C ASP B 661 10.17 19.10 15.27
N ILE B 662 10.18 17.92 15.93
CA ILE B 662 10.52 17.78 17.34
C ILE B 662 11.95 17.18 17.44
N GLN B 663 12.23 16.16 16.61
CA GLN B 663 13.53 15.52 16.64
C GLN B 663 13.89 15.07 15.23
N TYR B 664 14.96 15.64 14.65
CA TYR B 664 15.45 15.27 13.32
C TYR B 664 15.72 13.75 13.25
N LEU B 665 15.27 13.08 12.18
CA LEU B 665 15.41 11.64 12.05
C LEU B 665 16.35 11.30 10.94
N ALA B 666 17.64 11.22 11.23
CA ALA B 666 18.69 10.97 10.24
C ALA B 666 18.44 9.81 9.30
N ASP B 667 17.90 8.70 9.80
CA ASP B 667 17.70 7.51 8.98
C ASP B 667 16.38 7.46 8.24
N TYR B 668 15.48 8.46 8.43
CA TYR B 668 14.17 8.43 7.77
C TYR B 668 13.75 9.74 7.13
N GLN B 669 14.06 10.85 7.76
CA GLN B 669 13.64 12.17 7.31
C GLN B 669 14.35 12.67 6.04
N ARG B 670 13.57 13.00 5.01
CA ARG B 670 14.13 13.52 3.77
C ARG B 670 13.31 14.68 3.20
N SER B 671 13.99 15.64 2.54
CA SER B 671 13.32 16.70 1.81
C SER B 671 13.07 16.13 0.41
N ILE B 672 11.86 16.30 -0.12
CA ILE B 672 11.47 15.80 -1.44
C ILE B 672 11.61 16.96 -2.38
N ILE B 673 12.50 16.82 -3.38
CA ILE B 673 12.91 17.90 -4.28
C ILE B 673 12.64 17.61 -5.74
N VAL B 674 12.11 18.57 -6.53
CA VAL B 674 11.91 18.34 -7.95
C VAL B 674 13.23 18.72 -8.62
N ASP B 675 13.80 17.80 -9.40
CA ASP B 675 15.07 17.97 -10.09
C ASP B 675 14.93 19.13 -11.07
N ILE B 676 15.92 20.05 -11.10
CA ILE B 676 15.85 21.21 -12.00
C ILE B 676 15.92 20.78 -13.48
N ARG B 677 16.53 19.63 -13.77
CA ARG B 677 16.60 19.11 -15.13
C ARG B 677 15.19 18.79 -15.65
N TYR B 678 14.32 18.26 -14.77
CA TYR B 678 12.94 17.93 -15.10
C TYR B 678 12.12 19.24 -15.30
N VAL B 679 12.36 20.26 -14.47
CA VAL B 679 11.76 21.59 -14.57
C VAL B 679 12.06 22.16 -15.98
N LEU B 680 13.34 22.11 -16.40
CA LEU B 680 13.71 22.61 -17.72
C LEU B 680 13.15 21.78 -18.85
N LEU B 681 13.08 20.46 -18.66
CA LEU B 681 12.49 19.58 -19.65
C LEU B 681 11.01 19.93 -19.88
N VAL B 682 10.25 20.26 -18.81
CA VAL B 682 8.83 20.60 -18.95
C VAL B 682 8.64 21.98 -19.60
N ILE B 683 9.43 22.99 -19.21
CA ILE B 683 9.38 24.33 -19.82
C ILE B 683 9.68 24.22 -21.32
N ASP B 684 10.71 23.44 -21.68
CA ASP B 684 11.17 23.23 -23.05
C ASP B 684 10.25 22.35 -23.94
N LYS B 685 10.01 21.11 -23.53
CA LYS B 685 9.28 20.15 -24.36
C LYS B 685 7.78 20.12 -24.15
N VAL B 686 7.30 20.64 -23.02
CA VAL B 686 5.87 20.66 -22.76
C VAL B 686 5.30 22.06 -23.01
N GLY B 687 5.97 23.07 -22.48
CA GLY B 687 5.52 24.45 -22.64
C GLY B 687 6.01 25.14 -23.89
N GLY B 688 7.16 24.70 -24.40
CA GLY B 688 7.79 25.30 -25.58
C GLY B 688 8.23 26.74 -25.33
N CYS B 689 8.45 27.09 -24.06
CA CYS B 689 8.82 28.44 -23.69
C CYS B 689 10.32 28.70 -23.68
N GLN B 690 10.95 28.64 -24.86
CA GLN B 690 12.38 28.84 -25.05
C GLN B 690 12.93 30.15 -24.45
N ARG B 691 12.13 31.21 -24.48
CA ARG B 691 12.55 32.51 -23.95
C ARG B 691 12.95 32.43 -22.47
N LEU B 692 12.31 31.53 -21.69
CA LEU B 692 12.63 31.37 -20.27
C LEU B 692 13.95 30.65 -20.09
N LEU B 693 14.25 29.68 -20.96
CA LEU B 693 15.52 28.98 -20.93
C LEU B 693 16.64 29.96 -21.30
N ASP B 694 16.43 30.78 -22.36
CA ASP B 694 17.41 31.76 -22.83
C ASP B 694 17.79 32.83 -21.80
N GLU B 695 16.83 33.28 -20.98
CA GLU B 695 17.13 34.31 -19.96
C GLU B 695 17.80 33.76 -18.69
N MET B 696 17.76 32.44 -18.49
CA MET B 696 18.43 31.83 -17.35
C MET B 696 19.92 31.64 -17.69
N ASN B 697 20.79 31.65 -16.66
CA ASN B 697 22.19 31.35 -16.86
C ASN B 697 22.42 29.86 -16.56
N ILE B 698 22.43 29.05 -17.60
CA ILE B 698 22.58 27.60 -17.49
C ILE B 698 24.05 27.18 -17.63
N VAL B 699 24.60 26.57 -16.57
CA VAL B 699 25.99 26.15 -16.56
C VAL B 699 26.11 24.68 -16.98
N PRO B 700 27.14 24.34 -17.79
CA PRO B 700 27.28 22.95 -18.28
C PRO B 700 27.38 21.89 -17.18
C10 JMM C . -26.54 -14.76 11.26
C13 JMM C . -27.50 -16.61 9.50
C17 JMM C . -27.88 -10.71 11.02
C01 JMM C . -29.60 -20.74 9.54
C02 JMM C . -29.22 -19.39 9.69
C03 JMM C . -28.38 -19.32 10.75
O04 JMM C . -28.21 -20.57 11.29
C05 JMM C . -28.95 -21.44 10.54
C06 JMM C . -27.65 -18.25 11.41
O07 JMM C . -27.15 -18.53 12.49
N08 JMM C . -27.53 -16.99 10.94
C09 JMM C . -27.34 -15.89 11.88
N11 JMM C . -27.25 -14.20 10.10
C12 JMM C . -27.96 -15.19 9.26
C14 JMM C . -27.30 -12.88 9.80
O15 JMM C . -27.61 -12.53 8.66
C16 JMM C . -26.95 -11.87 10.83
C18 JMM C . -26.58 -10.50 10.37
CL CL D . 5.91 -31.99 -42.44
CL CL E . 12.05 -9.90 -16.30
CL CL F . 17.21 42.44 -5.29
#